data_6HRC
#
_entry.id   6HRC
#
_cell.length_a   125.680
_cell.length_b   145.980
_cell.length_c   206.760
_cell.angle_alpha   90.000
_cell.angle_beta   90.000
_cell.angle_gamma   90.000
#
_symmetry.space_group_name_H-M   'P 21 21 21'
#
loop_
_entity.id
_entity.type
_entity.pdbx_description
1 polymer 'WlaB protein'
2 non-polymer 'PHOSPHOTHIOPHOSPHORIC ACID-ADENYLATE ESTER'
3 non-polymer 'MAGNESIUM ION'
4 water water
#
_entity_poly.entity_id   1
_entity_poly.type   'polypeptide(L)'
_entity_poly.pdbx_seq_one_letter_code
;MVKKLFFILSKEDKNFLFFLLVFSVFVSFIETFAISLVMPFITLASDFSYFDRNKYLISLKEYLNIPVFEIIVYFGVGLI
VFYVFRALLNAYYFHLLARFSKGRKHAIAYKVFSKFLNINYEKFTQKNQSEILKSITGEVYNLSTMISSFLLLMSEIFVV
LLLYALMLLINYKITLFLSIFMVLNAFILVKILSPIIKKAGLRREEAMKNFFEILNTNLNNFKFIKLKTKEDGVLSLFKA
QSEAFSKANITNESVAAVPRIYLEGIGFCVLVFIVVFLVLKNESDISGILSTISIFVLALYRLMPSANRIITSYHDLLYY
HSSLNIIYQNLRQEEENAAEGKLSFNQELKICNLSFGYEGKKYLFKNLNLNIKKGEKIAFIGESGCGKSTLVDLIIGLLK
PKEGQILIDKQELNASNAKNYRQKIGYIPQNIYLFNDSIAKNITFGDAVDEEKLNKVIKQANLEHFIKNLPQGVQTKVGD
GGSNLSGGQKQRIAIARALYLEPEILVLDQATSALDTQSEAKIMDEIYKISKDKTMIIIAHRLSTITQCDKVYRLEHGKL
KEEK
;
_entity_poly.pdbx_strand_id   A,B,C,D
#
loop_
_chem_comp.id
_chem_comp.type
_chem_comp.name
_chem_comp.formula
AGS non-polymer 'PHOSPHOTHIOPHOSPHORIC ACID-ADENYLATE ESTER' 'C10 H16 N5 O12 P3 S'
MG non-polymer 'MAGNESIUM ION' 'Mg 2'
#
# COMPACT_ATOMS: atom_id res chain seq x y z
N MET A 1 -7.41 -41.16 15.20
CA MET A 1 -8.85 -41.07 15.29
C MET A 1 -9.28 -39.75 15.96
N VAL A 2 -9.62 -39.81 17.24
CA VAL A 2 -9.83 -38.58 18.00
C VAL A 2 -8.49 -38.05 18.52
N LYS A 3 -7.51 -38.95 18.72
CA LYS A 3 -6.17 -38.51 19.10
C LYS A 3 -5.55 -37.63 18.03
N LYS A 4 -5.77 -37.98 16.76
CA LYS A 4 -5.30 -37.12 15.68
C LYS A 4 -5.90 -35.73 15.79
N LEU A 5 -7.19 -35.66 16.11
CA LEU A 5 -7.87 -34.37 16.25
C LEU A 5 -7.28 -33.57 17.40
N PHE A 6 -7.09 -34.20 18.56
CA PHE A 6 -6.54 -33.48 19.71
C PHE A 6 -5.06 -33.21 19.58
N PHE A 7 -4.39 -33.80 18.59
CA PHE A 7 -3.08 -33.31 18.21
C PHE A 7 -3.19 -32.07 17.34
N ILE A 8 -4.11 -32.09 16.37
CA ILE A 8 -4.26 -30.94 15.48
C ILE A 8 -4.61 -29.68 16.27
N LEU A 9 -5.64 -29.76 17.10
CA LEU A 9 -6.07 -28.63 17.91
C LEU A 9 -4.98 -28.26 18.92
N SER A 10 -4.61 -26.99 18.97
CA SER A 10 -3.55 -26.56 19.87
C SER A 10 -4.00 -26.67 21.32
N LYS A 11 -3.05 -26.46 22.23
CA LYS A 11 -3.37 -26.54 23.65
C LYS A 11 -4.32 -25.44 24.11
N GLU A 12 -4.70 -24.51 23.24
CA GLU A 12 -5.78 -23.57 23.55
C GLU A 12 -7.10 -23.98 22.92
N ASP A 13 -7.07 -24.71 21.80
CA ASP A 13 -8.30 -25.10 21.14
C ASP A 13 -9.00 -26.23 21.91
N LYS A 14 -8.24 -27.11 22.53
CA LYS A 14 -8.83 -28.13 23.39
C LYS A 14 -9.62 -27.48 24.52
N ASN A 15 -9.07 -26.41 25.09
CA ASN A 15 -9.77 -25.69 26.15
C ASN A 15 -11.09 -25.11 25.63
N PHE A 16 -11.06 -24.50 24.45
CA PHE A 16 -12.28 -23.99 23.84
C PHE A 16 -13.29 -25.10 23.63
N LEU A 17 -12.80 -26.30 23.29
CA LEU A 17 -13.69 -27.43 23.06
C LEU A 17 -14.39 -27.87 24.35
N PHE A 18 -13.63 -27.95 25.45
CA PHE A 18 -14.24 -28.34 26.71
C PHE A 18 -15.21 -27.27 27.21
N PHE A 19 -14.86 -26.01 27.02
CA PHE A 19 -15.78 -24.91 27.35
C PHE A 19 -17.07 -25.05 26.56
N LEU A 20 -16.96 -25.31 25.25
CA LEU A 20 -18.15 -25.48 24.44
C LEU A 20 -18.94 -26.71 24.85
N LEU A 21 -18.28 -27.75 25.35
CA LEU A 21 -19.01 -28.93 25.83
C LEU A 21 -19.84 -28.58 27.06
N VAL A 22 -19.26 -27.87 28.02
CA VAL A 22 -20.01 -27.47 29.20
C VAL A 22 -21.16 -26.55 28.82
N PHE A 23 -20.87 -25.55 27.99
CA PHE A 23 -21.93 -24.69 27.46
C PHE A 23 -23.01 -25.52 26.79
N SER A 24 -22.61 -26.60 26.10
CA SER A 24 -23.56 -27.46 25.41
C SER A 24 -24.49 -28.14 26.38
N VAL A 25 -23.93 -28.76 27.43
CA VAL A 25 -24.79 -29.46 28.37
C VAL A 25 -25.73 -28.47 29.06
N PHE A 26 -25.25 -27.25 29.33
CA PHE A 26 -26.11 -26.25 29.96
C PHE A 26 -27.25 -25.82 29.03
N VAL A 27 -26.93 -25.59 27.76
CA VAL A 27 -27.96 -25.20 26.80
C VAL A 27 -28.94 -26.34 26.59
N SER A 28 -28.45 -27.58 26.65
CA SER A 28 -29.33 -28.73 26.66
C SER A 28 -30.33 -28.62 27.80
N PHE A 29 -29.83 -28.36 29.01
CA PHE A 29 -30.70 -28.18 30.18
C PHE A 29 -31.75 -27.12 29.92
N ILE A 30 -31.34 -25.98 29.34
CA ILE A 30 -32.27 -24.86 29.21
C ILE A 30 -33.33 -25.15 28.14
N GLU A 31 -32.94 -25.85 27.07
CA GLU A 31 -33.92 -26.19 26.04
C GLU A 31 -34.89 -27.25 26.54
N THR A 32 -34.40 -28.22 27.33
CA THR A 32 -35.30 -29.13 28.01
C THR A 32 -36.27 -28.35 28.90
N PHE A 33 -35.76 -27.36 29.62
CA PHE A 33 -36.61 -26.55 30.47
C PHE A 33 -37.68 -25.84 29.67
N ALA A 34 -37.33 -25.33 28.49
CA ALA A 34 -38.33 -24.66 27.64
C ALA A 34 -39.42 -25.65 27.20
N ILE A 35 -39.01 -26.76 26.59
CA ILE A 35 -39.99 -27.72 26.08
C ILE A 35 -40.76 -28.38 27.23
N SER A 36 -40.25 -28.30 28.45
CA SER A 36 -40.96 -28.87 29.59
C SER A 36 -41.90 -27.88 30.25
N LEU A 37 -41.54 -26.59 30.26
CA LEU A 37 -42.41 -25.54 30.77
C LEU A 37 -43.47 -25.14 29.76
N VAL A 38 -43.44 -25.68 28.54
CA VAL A 38 -44.60 -25.53 27.67
C VAL A 38 -45.84 -26.15 28.31
N MET A 39 -45.70 -27.37 28.83
CA MET A 39 -46.86 -28.14 29.29
C MET A 39 -47.62 -27.49 30.45
N PRO A 40 -46.98 -27.11 31.56
CA PRO A 40 -47.78 -26.54 32.66
C PRO A 40 -48.48 -25.25 32.30
N PHE A 41 -47.79 -24.34 31.58
CA PHE A 41 -48.44 -23.12 31.12
C PHE A 41 -49.60 -23.43 30.17
N ILE A 42 -49.47 -24.50 29.40
CA ILE A 42 -50.53 -24.87 28.46
C ILE A 42 -51.74 -25.42 29.22
N THR A 43 -51.53 -26.12 30.33
CA THR A 43 -52.63 -26.82 30.98
C THR A 43 -53.59 -25.91 31.72
N LEU A 44 -53.12 -24.77 32.27
CA LEU A 44 -53.98 -23.86 33.03
C LEU A 44 -54.72 -22.92 32.09
N ALA A 45 -55.59 -23.51 31.26
CA ALA A 45 -56.21 -22.77 30.17
C ALA A 45 -57.71 -22.95 30.23
N SER A 46 -58.32 -23.74 29.35
CA SER A 46 -59.77 -23.90 29.37
C SER A 46 -60.26 -24.55 30.65
N ASP A 47 -59.41 -25.34 31.31
CA ASP A 47 -59.78 -26.09 32.50
C ASP A 47 -58.77 -25.75 33.61
N PHE A 48 -59.15 -24.81 34.47
CA PHE A 48 -58.36 -24.42 35.63
C PHE A 48 -58.41 -25.45 36.75
N SER A 49 -59.10 -26.57 36.56
CA SER A 49 -59.30 -27.55 37.62
C SER A 49 -58.00 -28.23 38.06
N TYR A 50 -56.94 -28.13 37.27
CA TYR A 50 -55.67 -28.74 37.67
C TYR A 50 -55.04 -28.06 38.88
N PHE A 51 -55.59 -26.92 39.30
CA PHE A 51 -55.20 -26.30 40.56
C PHE A 51 -55.90 -26.92 41.76
N ASP A 52 -56.74 -27.94 41.56
CA ASP A 52 -57.51 -28.54 42.63
C ASP A 52 -57.15 -30.01 42.88
N ARG A 53 -56.29 -30.61 42.07
CA ARG A 53 -55.84 -31.97 42.30
C ARG A 53 -54.34 -32.04 41.96
N ASN A 54 -53.79 -33.24 42.02
CA ASN A 54 -52.35 -33.50 41.89
C ASN A 54 -51.62 -32.87 43.07
N LYS A 55 -50.84 -33.69 43.79
CA LYS A 55 -50.18 -33.20 45.01
C LYS A 55 -49.20 -32.07 44.71
N TYR A 56 -48.47 -32.18 43.60
CA TYR A 56 -47.43 -31.20 43.31
C TYR A 56 -47.99 -29.91 42.71
N LEU A 57 -49.24 -29.93 42.26
CA LEU A 57 -49.85 -28.76 41.61
C LEU A 57 -50.92 -28.10 42.49
N ILE A 58 -51.24 -28.69 43.64
CA ILE A 58 -52.25 -28.13 44.54
C ILE A 58 -51.63 -27.38 45.71
N SER A 59 -50.34 -27.54 45.96
CA SER A 59 -49.70 -26.84 47.07
C SER A 59 -49.53 -25.36 46.79
N LEU A 60 -49.50 -24.95 45.52
CA LEU A 60 -49.29 -23.55 45.18
C LEU A 60 -50.51 -22.70 45.54
N LYS A 61 -51.72 -23.27 45.45
CA LYS A 61 -52.90 -22.50 45.81
C LYS A 61 -52.90 -22.13 47.29
N GLU A 62 -52.26 -22.94 48.13
CA GLU A 62 -52.34 -22.74 49.58
C GLU A 62 -51.68 -21.45 50.04
N TYR A 63 -50.76 -20.88 49.24
CA TYR A 63 -50.08 -19.65 49.65
C TYR A 63 -51.07 -18.49 49.79
N LEU A 64 -51.96 -18.33 48.80
CA LEU A 64 -53.01 -17.31 48.82
C LEU A 64 -52.45 -15.90 48.96
N ASN A 65 -51.22 -15.68 48.47
CA ASN A 65 -50.74 -14.31 48.29
C ASN A 65 -51.38 -13.64 47.08
N ILE A 66 -52.16 -14.39 46.31
CA ILE A 66 -52.89 -13.92 45.14
C ILE A 66 -54.15 -14.79 45.04
N PRO A 67 -55.27 -14.27 44.53
CA PRO A 67 -56.52 -15.06 44.57
C PRO A 67 -56.48 -16.30 43.68
N VAL A 68 -57.02 -16.18 42.47
CA VAL A 68 -57.06 -17.30 41.53
C VAL A 68 -56.65 -16.79 40.15
N PHE A 69 -57.06 -15.56 39.81
CA PHE A 69 -56.69 -14.98 38.53
C PHE A 69 -55.22 -14.56 38.52
N GLU A 70 -54.74 -14.01 39.62
CA GLU A 70 -53.40 -13.43 39.68
C GLU A 70 -52.26 -14.50 39.72
N ILE A 71 -52.53 -15.79 39.55
CA ILE A 71 -51.45 -16.78 39.45
C ILE A 71 -50.83 -16.74 38.06
N ILE A 72 -51.67 -16.59 37.03
CA ILE A 72 -51.20 -16.69 35.65
C ILE A 72 -50.24 -15.56 35.29
N VAL A 73 -50.30 -14.40 35.96
CA VAL A 73 -49.37 -13.32 35.65
C VAL A 73 -47.98 -13.64 36.18
N TYR A 74 -47.89 -14.09 37.44
CA TYR A 74 -46.62 -14.56 37.99
C TYR A 74 -46.08 -15.73 37.19
N PHE A 75 -46.96 -16.51 36.57
CA PHE A 75 -46.48 -17.54 35.66
C PHE A 75 -45.97 -16.95 34.34
N GLY A 76 -46.69 -15.95 33.81
CA GLY A 76 -46.47 -15.52 32.43
C GLY A 76 -45.24 -14.65 32.27
N VAL A 77 -45.04 -13.70 33.18
CA VAL A 77 -43.86 -12.86 33.09
C VAL A 77 -42.60 -13.71 33.20
N GLY A 78 -42.58 -14.65 34.15
CA GLY A 78 -41.45 -15.56 34.28
C GLY A 78 -41.25 -16.41 33.04
N LEU A 79 -42.34 -16.94 32.47
CA LEU A 79 -42.22 -17.74 31.26
C LEU A 79 -41.60 -16.94 30.11
N ILE A 80 -42.14 -15.76 29.85
CA ILE A 80 -41.68 -15.00 28.69
C ILE A 80 -40.28 -14.44 28.90
N VAL A 81 -39.91 -14.11 30.15
CA VAL A 81 -38.55 -13.67 30.42
C VAL A 81 -37.58 -14.83 30.27
N PHE A 82 -37.96 -16.01 30.76
CA PHE A 82 -37.13 -17.19 30.56
C PHE A 82 -36.96 -17.50 29.08
N TYR A 83 -37.98 -17.26 28.26
CA TYR A 83 -37.84 -17.51 26.83
C TYR A 83 -36.97 -16.45 26.14
N VAL A 84 -37.08 -15.19 26.57
CA VAL A 84 -36.14 -14.16 26.10
C VAL A 84 -34.72 -14.59 26.40
N PHE A 85 -34.48 -15.03 27.64
CA PHE A 85 -33.18 -15.53 28.05
C PHE A 85 -32.75 -16.71 27.19
N ARG A 86 -33.70 -17.60 26.87
CA ARG A 86 -33.41 -18.73 25.99
C ARG A 86 -32.89 -18.25 24.64
N ALA A 87 -33.64 -17.34 24.00
CA ALA A 87 -33.26 -16.86 22.68
C ALA A 87 -31.88 -16.22 22.70
N LEU A 88 -31.62 -15.35 23.68
CA LEU A 88 -30.34 -14.68 23.74
C LEU A 88 -29.19 -15.65 23.98
N LEU A 89 -29.38 -16.61 24.90
CA LEU A 89 -28.31 -17.55 25.19
C LEU A 89 -28.02 -18.46 24.00
N ASN A 90 -29.06 -18.86 23.26
CA ASN A 90 -28.82 -19.68 22.09
C ASN A 90 -28.10 -18.89 21.00
N ALA A 91 -28.45 -17.61 20.82
CA ALA A 91 -27.68 -16.78 19.90
C ALA A 91 -26.20 -16.76 20.29
N TYR A 92 -25.91 -16.57 21.57
CA TYR A 92 -24.51 -16.52 22.00
C TYR A 92 -23.81 -17.84 21.78
N TYR A 93 -24.49 -18.95 22.07
CA TYR A 93 -23.85 -20.26 21.94
C TYR A 93 -23.59 -20.61 20.48
N PHE A 94 -24.51 -20.25 19.59
CA PHE A 94 -24.29 -20.52 18.18
C PHE A 94 -23.15 -19.65 17.64
N HIS A 95 -23.09 -18.37 18.05
CA HIS A 95 -21.96 -17.54 17.66
C HIS A 95 -20.64 -18.11 18.16
N LEU A 96 -20.64 -18.75 19.33
CA LEU A 96 -19.41 -19.37 19.80
C LEU A 96 -19.05 -20.60 18.96
N LEU A 97 -20.06 -21.42 18.62
CA LEU A 97 -19.79 -22.57 17.74
C LEU A 97 -19.17 -22.11 16.43
N ALA A 98 -19.68 -21.00 15.89
CA ALA A 98 -19.07 -20.39 14.72
C ALA A 98 -17.62 -20.02 15.00
N ARG A 99 -17.39 -19.14 15.98
CA ARG A 99 -16.06 -18.68 16.33
C ARG A 99 -15.06 -19.83 16.42
N PHE A 100 -15.53 -21.00 16.86
CA PHE A 100 -14.62 -22.14 17.00
C PHE A 100 -14.43 -22.87 15.67
N SER A 101 -15.53 -23.36 15.10
CA SER A 101 -15.44 -24.17 13.88
C SER A 101 -14.83 -23.38 12.73
N LYS A 102 -15.45 -22.26 12.34
CA LYS A 102 -14.95 -21.53 11.19
C LYS A 102 -13.64 -20.80 11.46
N GLY A 103 -13.25 -20.65 12.72
CA GLY A 103 -11.97 -20.04 13.03
C GLY A 103 -10.86 -21.06 13.04
N ARG A 104 -11.23 -22.35 13.15
CA ARG A 104 -10.22 -23.39 12.99
C ARG A 104 -9.50 -23.28 11.66
N LYS A 105 -10.15 -22.74 10.63
CA LYS A 105 -9.47 -22.54 9.34
C LYS A 105 -8.21 -21.72 9.53
N HIS A 106 -8.34 -20.55 10.16
CA HIS A 106 -7.15 -19.75 10.43
C HIS A 106 -6.24 -20.48 11.41
N ALA A 107 -6.83 -21.11 12.43
CA ALA A 107 -6.02 -21.75 13.46
C ALA A 107 -5.08 -22.82 12.88
N ILE A 108 -5.48 -23.46 11.79
CA ILE A 108 -4.79 -24.64 11.29
C ILE A 108 -4.07 -24.39 9.97
N ALA A 109 -4.64 -23.54 9.10
CA ALA A 109 -4.04 -23.23 7.82
C ALA A 109 -2.61 -22.76 7.99
N TYR A 110 -2.42 -21.61 8.65
CA TYR A 110 -1.08 -21.09 8.80
C TYR A 110 -0.17 -22.07 9.53
N LYS A 111 -0.74 -22.97 10.34
CA LYS A 111 0.09 -24.00 10.97
C LYS A 111 0.65 -24.96 9.93
N VAL A 112 -0.20 -25.40 9.00
CA VAL A 112 0.27 -26.30 7.94
C VAL A 112 1.23 -25.55 7.02
N PHE A 113 0.94 -24.28 6.75
CA PHE A 113 1.82 -23.49 5.91
C PHE A 113 3.19 -23.31 6.55
N SER A 114 3.23 -23.12 7.87
CA SER A 114 4.51 -23.06 8.57
C SER A 114 5.24 -24.38 8.45
N LYS A 115 4.55 -25.49 8.76
CA LYS A 115 5.18 -26.80 8.68
C LYS A 115 5.75 -27.07 7.29
N PHE A 116 5.09 -26.56 6.24
CA PHE A 116 5.64 -26.74 4.90
C PHE A 116 6.82 -25.83 4.64
N LEU A 117 6.69 -24.55 4.99
CA LEU A 117 7.76 -23.58 4.69
C LEU A 117 9.02 -23.91 5.46
N ASN A 118 8.90 -24.62 6.57
CA ASN A 118 10.02 -24.83 7.47
C ASN A 118 10.83 -26.10 7.19
N ILE A 119 10.37 -26.96 6.29
CA ILE A 119 11.07 -28.23 6.08
C ILE A 119 12.32 -28.00 5.24
N ASN A 120 13.20 -29.01 5.27
CA ASN A 120 14.44 -28.98 4.50
C ASN A 120 14.16 -28.80 3.01
N TYR A 121 15.07 -28.08 2.33
CA TYR A 121 14.90 -27.81 0.90
C TYR A 121 14.73 -29.09 0.08
N GLU A 122 15.45 -30.16 0.44
CA GLU A 122 15.29 -31.41 -0.28
C GLU A 122 14.03 -32.15 0.16
N LYS A 123 13.70 -32.08 1.45
CA LYS A 123 12.44 -32.64 1.90
C LYS A 123 11.26 -32.01 1.17
N PHE A 124 11.36 -30.71 0.88
CA PHE A 124 10.38 -30.05 0.03
C PHE A 124 10.57 -30.42 -1.43
N THR A 125 11.80 -30.73 -1.84
CA THR A 125 12.05 -31.04 -3.23
C THR A 125 11.32 -32.30 -3.64
N GLN A 126 11.12 -33.23 -2.70
CA GLN A 126 10.35 -34.43 -3.05
C GLN A 126 8.85 -34.25 -2.80
N LYS A 127 8.38 -33.03 -2.52
CA LYS A 127 6.96 -32.77 -2.30
C LYS A 127 6.31 -32.26 -3.58
N ASN A 128 5.01 -31.97 -3.49
CA ASN A 128 4.19 -31.68 -4.65
C ASN A 128 3.40 -30.41 -4.41
N GLN A 129 3.61 -29.39 -5.25
CA GLN A 129 3.02 -28.08 -4.97
C GLN A 129 1.51 -28.17 -4.88
N SER A 130 0.89 -28.88 -5.83
CA SER A 130 -0.57 -28.95 -5.89
C SER A 130 -1.14 -29.61 -4.64
N GLU A 131 -0.48 -30.63 -4.11
CA GLU A 131 -0.96 -31.25 -2.88
C GLU A 131 -0.84 -30.29 -1.70
N ILE A 132 0.22 -29.47 -1.69
CA ILE A 132 0.35 -28.47 -0.64
C ILE A 132 -0.83 -27.51 -0.69
N LEU A 133 -1.12 -27.01 -1.89
CA LEU A 133 -2.24 -26.10 -2.07
C LEU A 133 -3.55 -26.77 -1.69
N LYS A 134 -3.70 -28.07 -2.00
CA LYS A 134 -4.93 -28.76 -1.67
C LYS A 134 -5.08 -28.90 -0.16
N SER A 135 -3.97 -29.14 0.53
CA SER A 135 -3.99 -29.13 1.99
C SER A 135 -4.44 -27.77 2.51
N ILE A 136 -3.62 -26.73 2.35
CA ILE A 136 -3.94 -25.47 3.02
C ILE A 136 -5.21 -24.85 2.48
N THR A 137 -5.70 -25.28 1.33
CA THR A 137 -6.95 -24.69 0.88
C THR A 137 -8.15 -25.55 1.25
N GLY A 138 -8.33 -26.66 0.55
CA GLY A 138 -9.55 -27.44 0.68
C GLY A 138 -9.62 -28.29 1.93
N GLU A 139 -8.52 -28.97 2.25
CA GLU A 139 -8.58 -29.96 3.33
C GLU A 139 -8.81 -29.31 4.67
N VAL A 140 -8.15 -28.17 4.94
CA VAL A 140 -8.39 -27.51 6.22
C VAL A 140 -9.83 -27.01 6.30
N TYR A 141 -10.45 -26.69 5.16
CA TYR A 141 -11.82 -26.21 5.18
C TYR A 141 -12.80 -27.34 5.47
N ASN A 142 -12.57 -28.49 4.84
CA ASN A 142 -13.35 -29.68 5.22
C ASN A 142 -13.11 -30.01 6.68
N LEU A 143 -11.88 -29.81 7.16
CA LEU A 143 -11.57 -30.03 8.57
C LEU A 143 -12.37 -29.09 9.45
N SER A 144 -12.58 -27.85 8.99
CA SER A 144 -13.34 -26.89 9.78
C SER A 144 -14.81 -27.29 9.86
N THR A 145 -15.41 -27.64 8.72
CA THR A 145 -16.79 -28.11 8.78
C THR A 145 -16.88 -29.42 9.58
N MET A 146 -15.80 -30.20 9.58
CA MET A 146 -15.77 -31.44 10.34
C MET A 146 -15.71 -31.15 11.84
N ILE A 147 -14.92 -30.15 12.23
CA ILE A 147 -14.95 -29.66 13.61
C ILE A 147 -16.36 -29.28 14.01
N SER A 148 -17.04 -28.50 13.15
CA SER A 148 -18.41 -28.11 13.47
C SER A 148 -19.31 -29.33 13.60
N SER A 149 -19.11 -30.35 12.75
CA SER A 149 -19.97 -31.53 12.79
C SER A 149 -19.73 -32.34 14.07
N PHE A 150 -18.46 -32.56 14.42
CA PHE A 150 -18.14 -33.28 15.65
C PHE A 150 -18.68 -32.54 16.88
N LEU A 151 -18.54 -31.21 16.89
CA LEU A 151 -19.02 -30.40 18.00
C LEU A 151 -20.54 -30.49 18.11
N LEU A 152 -21.24 -30.33 16.99
CA LEU A 152 -22.68 -30.46 16.98
C LEU A 152 -23.12 -31.85 17.42
N LEU A 153 -22.36 -32.88 17.04
CA LEU A 153 -22.63 -34.24 17.50
C LEU A 153 -22.56 -34.33 19.02
N MET A 154 -21.53 -33.74 19.62
CA MET A 154 -21.39 -33.79 21.07
C MET A 154 -22.54 -33.08 21.77
N SER A 155 -22.86 -31.86 21.32
CA SER A 155 -23.98 -31.13 21.92
C SER A 155 -25.28 -31.93 21.81
N GLU A 156 -25.52 -32.53 20.64
CA GLU A 156 -26.79 -33.21 20.46
C GLU A 156 -26.85 -34.53 21.23
N ILE A 157 -25.72 -35.22 21.39
CA ILE A 157 -25.77 -36.44 22.21
C ILE A 157 -26.03 -36.09 23.66
N PHE A 158 -25.49 -34.98 24.15
CA PHE A 158 -25.82 -34.58 25.52
C PHE A 158 -27.30 -34.23 25.66
N VAL A 159 -27.86 -33.49 24.69
CA VAL A 159 -29.30 -33.22 24.68
C VAL A 159 -30.07 -34.54 24.73
N VAL A 160 -29.65 -35.52 23.93
CA VAL A 160 -30.35 -36.79 23.86
C VAL A 160 -30.33 -37.49 25.22
N LEU A 161 -29.17 -37.48 25.88
CA LEU A 161 -29.08 -38.16 27.18
C LEU A 161 -29.96 -37.47 28.23
N LEU A 162 -29.99 -36.13 28.23
CA LEU A 162 -30.81 -35.43 29.21
C LEU A 162 -32.30 -35.65 28.95
N LEU A 163 -32.71 -35.65 27.68
CA LEU A 163 -34.10 -35.99 27.38
C LEU A 163 -34.39 -37.44 27.74
N TYR A 164 -33.41 -38.32 27.57
CA TYR A 164 -33.59 -39.73 27.91
C TYR A 164 -33.89 -39.89 29.39
N ALA A 165 -33.14 -39.19 30.24
CA ALA A 165 -33.41 -39.22 31.67
C ALA A 165 -34.77 -38.60 32.00
N LEU A 166 -35.07 -37.43 31.41
CA LEU A 166 -36.33 -36.76 31.69
C LEU A 166 -37.53 -37.61 31.26
N MET A 167 -37.39 -38.41 30.20
CA MET A 167 -38.44 -39.33 29.81
C MET A 167 -38.45 -40.59 30.68
N LEU A 168 -37.29 -40.96 31.23
CA LEU A 168 -37.26 -42.05 32.20
C LEU A 168 -38.02 -41.69 33.47
N LEU A 169 -38.06 -40.40 33.82
CA LEU A 169 -38.72 -39.98 35.06
C LEU A 169 -40.22 -40.28 35.02
N ILE A 170 -40.89 -39.92 33.93
CA ILE A 170 -42.34 -40.08 33.80
C ILE A 170 -42.63 -41.14 32.74
N ASN A 171 -43.42 -42.14 33.10
CA ASN A 171 -43.76 -43.27 32.23
C ASN A 171 -42.49 -43.94 31.71
N TYR A 172 -41.74 -44.49 32.67
CA TYR A 172 -40.49 -45.20 32.39
C TYR A 172 -40.71 -46.33 31.37
N LYS A 173 -41.88 -46.97 31.40
CA LYS A 173 -42.21 -48.08 30.53
C LYS A 173 -41.98 -47.73 29.06
N ILE A 174 -42.79 -46.81 28.54
CA ILE A 174 -42.72 -46.44 27.13
C ILE A 174 -41.36 -45.88 26.77
N THR A 175 -40.70 -45.21 27.72
CA THR A 175 -39.44 -44.54 27.43
C THR A 175 -38.33 -45.56 27.18
N LEU A 176 -38.09 -46.45 28.14
CA LEU A 176 -37.11 -47.51 27.92
C LEU A 176 -37.51 -48.38 26.73
N PHE A 177 -38.81 -48.63 26.58
CA PHE A 177 -39.31 -49.48 25.49
C PHE A 177 -39.00 -48.87 24.13
N LEU A 178 -38.98 -47.55 24.03
CA LEU A 178 -38.69 -46.88 22.78
C LEU A 178 -37.21 -46.64 22.56
N SER A 179 -36.44 -46.51 23.65
CA SER A 179 -35.00 -46.27 23.53
C SER A 179 -34.33 -47.36 22.72
N ILE A 180 -34.64 -48.62 23.02
CA ILE A 180 -34.00 -49.72 22.32
C ILE A 180 -34.44 -49.77 20.85
N PHE A 181 -35.71 -49.46 20.59
CA PHE A 181 -36.21 -49.48 19.22
C PHE A 181 -35.50 -48.43 18.37
N MET A 182 -35.42 -47.19 18.88
CA MET A 182 -34.76 -46.13 18.12
C MET A 182 -33.26 -46.39 18.00
N VAL A 183 -32.64 -47.00 19.02
CA VAL A 183 -31.21 -47.29 18.94
C VAL A 183 -30.95 -48.36 17.90
N LEU A 184 -31.82 -49.38 17.83
CA LEU A 184 -31.69 -50.39 16.76
C LEU A 184 -31.93 -49.78 15.38
N ASN A 185 -32.87 -48.82 15.30
CA ASN A 185 -33.04 -48.08 14.06
C ASN A 185 -31.75 -47.38 13.67
N ALA A 186 -31.08 -46.74 14.63
CA ALA A 186 -29.80 -46.09 14.33
C ALA A 186 -28.75 -47.13 13.93
N PHE A 187 -28.76 -48.30 14.58
CA PHE A 187 -27.80 -49.34 14.24
C PHE A 187 -27.92 -49.75 12.78
N ILE A 188 -29.15 -49.99 12.32
CA ILE A 188 -29.31 -50.38 10.91
C ILE A 188 -29.14 -49.20 9.98
N LEU A 189 -29.38 -47.97 10.46
CA LEU A 189 -29.12 -46.81 9.61
C LEU A 189 -27.64 -46.55 9.44
N VAL A 190 -26.81 -47.00 10.39
CA VAL A 190 -25.38 -46.74 10.33
C VAL A 190 -24.68 -47.89 9.61
N LYS A 191 -24.90 -49.12 10.10
CA LYS A 191 -24.26 -50.29 9.51
C LYS A 191 -24.54 -50.36 8.01
N ILE A 192 -25.78 -50.08 7.61
CA ILE A 192 -26.10 -50.17 6.20
C ILE A 192 -25.48 -49.01 5.42
N LEU A 193 -25.37 -47.84 6.03
CA LEU A 193 -24.95 -46.62 5.34
C LEU A 193 -23.45 -46.40 5.37
N SER A 194 -22.87 -46.37 6.57
CA SER A 194 -21.52 -45.86 6.78
C SER A 194 -20.48 -46.32 5.77
N PRO A 195 -20.42 -47.60 5.35
CA PRO A 195 -19.40 -47.97 4.34
C PRO A 195 -19.51 -47.16 3.05
N ILE A 196 -20.74 -46.87 2.62
CA ILE A 196 -20.97 -46.02 1.45
C ILE A 196 -20.27 -44.69 1.61
N ILE A 197 -20.50 -44.02 2.74
CA ILE A 197 -19.96 -42.68 2.92
C ILE A 197 -18.45 -42.73 3.03
N LYS A 198 -17.90 -43.74 3.71
CA LYS A 198 -16.44 -43.81 3.81
C LYS A 198 -15.82 -43.99 2.44
N LYS A 199 -16.39 -44.91 1.63
CA LYS A 199 -15.87 -45.11 0.28
C LYS A 199 -15.97 -43.84 -0.55
N ALA A 200 -17.08 -43.11 -0.41
CA ALA A 200 -17.24 -41.87 -1.17
C ALA A 200 -16.27 -40.80 -0.71
N GLY A 201 -15.96 -40.76 0.59
CA GLY A 201 -15.00 -39.77 1.08
C GLY A 201 -13.61 -40.05 0.58
N LEU A 202 -13.22 -41.33 0.55
CA LEU A 202 -11.97 -41.71 -0.09
C LEU A 202 -11.95 -41.30 -1.56
N ARG A 203 -13.02 -41.64 -2.29
CA ARG A 203 -13.14 -41.24 -3.69
C ARG A 203 -12.91 -39.75 -3.87
N ARG A 204 -13.56 -38.95 -3.03
CA ARG A 204 -13.57 -37.51 -3.25
C ARG A 204 -12.21 -36.91 -2.93
N GLU A 205 -11.56 -37.36 -1.86
CA GLU A 205 -10.24 -36.78 -1.56
C GLU A 205 -9.25 -37.15 -2.65
N GLU A 206 -9.33 -38.38 -3.18
CA GLU A 206 -8.42 -38.77 -4.24
C GLU A 206 -8.66 -37.96 -5.50
N ALA A 207 -9.94 -37.85 -5.91
CA ALA A 207 -10.27 -37.05 -7.08
C ALA A 207 -9.84 -35.60 -6.92
N MET A 208 -9.94 -35.05 -5.72
CA MET A 208 -9.56 -33.65 -5.51
C MET A 208 -8.06 -33.48 -5.65
N LYS A 209 -7.27 -34.34 -5.00
CA LYS A 209 -5.83 -34.31 -5.22
C LYS A 209 -5.51 -34.36 -6.71
N ASN A 210 -6.23 -35.22 -7.43
CA ASN A 210 -6.00 -35.34 -8.86
C ASN A 210 -6.25 -34.02 -9.57
N PHE A 211 -7.48 -33.50 -9.49
CA PHE A 211 -7.73 -32.34 -10.34
C PHE A 211 -6.96 -31.12 -9.89
N PHE A 212 -6.51 -31.08 -8.63
CA PHE A 212 -5.56 -30.04 -8.25
C PHE A 212 -4.25 -30.19 -9.04
N GLU A 213 -3.68 -31.40 -9.04
CA GLU A 213 -2.43 -31.61 -9.78
C GLU A 213 -2.59 -31.28 -11.25
N ILE A 214 -3.72 -31.67 -11.83
CA ILE A 214 -3.91 -31.53 -13.27
C ILE A 214 -4.07 -30.05 -13.65
N LEU A 215 -4.87 -29.30 -12.87
CA LEU A 215 -4.99 -27.87 -13.10
C LEU A 215 -3.63 -27.21 -13.01
N ASN A 216 -2.89 -27.49 -11.94
CA ASN A 216 -1.64 -26.79 -11.70
C ASN A 216 -0.63 -27.05 -12.81
N THR A 217 -0.37 -28.32 -13.12
CA THR A 217 0.64 -28.60 -14.13
C THR A 217 0.24 -28.08 -15.51
N ASN A 218 -1.04 -28.26 -15.89
CA ASN A 218 -1.38 -27.90 -17.25
C ASN A 218 -1.43 -26.40 -17.44
N LEU A 219 -1.84 -25.65 -16.42
CA LEU A 219 -1.64 -24.21 -16.50
C LEU A 219 -0.16 -23.88 -16.61
N ASN A 220 0.69 -24.55 -15.84
CA ASN A 220 2.11 -24.27 -15.94
C ASN A 220 2.71 -24.66 -17.27
N ASN A 221 1.96 -25.32 -18.16
CA ASN A 221 2.45 -25.58 -19.52
C ASN A 221 1.55 -25.03 -20.63
N PHE A 222 0.57 -24.19 -20.28
CA PHE A 222 -0.34 -23.55 -21.24
C PHE A 222 0.17 -23.28 -22.66
N LYS A 223 1.39 -22.76 -22.81
CA LYS A 223 1.84 -22.39 -24.15
C LYS A 223 2.09 -23.64 -25.00
N PHE A 224 2.84 -24.58 -24.45
CA PHE A 224 3.10 -25.82 -25.18
C PHE A 224 1.81 -26.56 -25.45
N ILE A 225 0.85 -26.49 -24.52
CA ILE A 225 -0.43 -27.13 -24.77
C ILE A 225 -1.13 -26.46 -25.96
N LYS A 226 -1.08 -25.13 -26.04
CA LYS A 226 -1.72 -24.45 -27.15
C LYS A 226 -1.04 -24.76 -28.48
N LEU A 227 0.27 -24.97 -28.46
CA LEU A 227 0.96 -25.38 -29.68
C LEU A 227 0.53 -26.76 -30.11
N LYS A 228 0.56 -27.72 -29.19
CA LYS A 228 0.16 -29.10 -29.46
C LYS A 228 -1.34 -29.26 -29.68
N THR A 229 -2.12 -28.19 -29.57
CA THR A 229 -3.53 -28.23 -29.95
C THR A 229 -4.36 -29.07 -28.98
N LYS A 230 -3.72 -29.88 -28.15
CA LYS A 230 -4.46 -30.77 -27.27
C LYS A 230 -4.87 -30.04 -25.98
N GLU A 231 -5.77 -29.07 -26.16
CA GLU A 231 -6.49 -28.53 -25.03
C GLU A 231 -7.59 -29.48 -24.59
N ASP A 232 -8.26 -30.11 -25.56
CA ASP A 232 -9.38 -30.99 -25.23
C ASP A 232 -8.93 -32.21 -24.45
N GLY A 233 -7.68 -32.64 -24.61
CA GLY A 233 -7.21 -33.78 -23.86
C GLY A 233 -7.02 -33.45 -22.39
N VAL A 234 -6.41 -32.30 -22.12
CA VAL A 234 -6.32 -31.79 -20.76
C VAL A 234 -7.70 -31.66 -20.14
N LEU A 235 -8.63 -31.09 -20.91
CA LEU A 235 -10.00 -30.90 -20.44
C LEU A 235 -10.68 -32.25 -20.18
N SER A 236 -10.39 -33.25 -21.00
CA SER A 236 -10.96 -34.58 -20.81
C SER A 236 -10.43 -35.21 -19.52
N LEU A 237 -9.12 -35.12 -19.30
CA LEU A 237 -8.56 -35.65 -18.06
C LEU A 237 -9.08 -34.90 -16.85
N PHE A 238 -9.38 -33.61 -16.98
CA PHE A 238 -9.99 -32.89 -15.87
C PHE A 238 -11.41 -33.34 -15.63
N LYS A 239 -12.18 -33.53 -16.72
CA LYS A 239 -13.56 -33.97 -16.60
C LYS A 239 -13.65 -35.27 -15.82
N ALA A 240 -12.68 -36.16 -16.03
CA ALA A 240 -12.60 -37.40 -15.27
C ALA A 240 -12.68 -37.14 -13.75
N GLN A 241 -11.71 -36.39 -13.24
CA GLN A 241 -11.65 -36.15 -11.80
C GLN A 241 -12.84 -35.32 -11.32
N SER A 242 -13.33 -34.41 -12.17
CA SER A 242 -14.45 -33.58 -11.73
C SER A 242 -15.72 -34.41 -11.60
N GLU A 243 -15.95 -35.35 -12.53
CA GLU A 243 -17.08 -36.26 -12.37
C GLU A 243 -16.93 -37.10 -11.11
N ALA A 244 -15.72 -37.60 -10.84
CA ALA A 244 -15.53 -38.41 -9.64
C ALA A 244 -15.85 -37.63 -8.37
N PHE A 245 -15.21 -36.46 -8.21
CA PHE A 245 -15.47 -35.57 -7.08
C PHE A 245 -16.95 -35.24 -6.92
N SER A 246 -17.59 -34.79 -8.00
CA SER A 246 -18.99 -34.42 -7.88
C SER A 246 -19.86 -35.62 -7.55
N LYS A 247 -19.56 -36.79 -8.13
CA LYS A 247 -20.38 -37.97 -7.84
C LYS A 247 -20.29 -38.33 -6.36
N ALA A 248 -19.08 -38.30 -5.79
CA ALA A 248 -18.95 -38.55 -4.36
C ALA A 248 -19.74 -37.52 -3.56
N ASN A 249 -19.67 -36.24 -3.95
CA ASN A 249 -20.40 -35.23 -3.19
C ASN A 249 -21.91 -35.49 -3.23
N ILE A 250 -22.46 -35.84 -4.40
CA ILE A 250 -23.90 -36.05 -4.48
C ILE A 250 -24.29 -37.27 -3.66
N THR A 251 -23.47 -38.33 -3.68
CA THR A 251 -23.81 -39.50 -2.85
C THR A 251 -23.81 -39.12 -1.38
N ASN A 252 -22.84 -38.31 -0.96
CA ASN A 252 -22.81 -37.88 0.43
C ASN A 252 -24.06 -37.10 0.78
N GLU A 253 -24.42 -36.11 -0.03
CA GLU A 253 -25.55 -35.28 0.36
C GLU A 253 -26.85 -36.09 0.37
N SER A 254 -27.00 -37.03 -0.57
CA SER A 254 -28.22 -37.83 -0.58
C SER A 254 -28.28 -38.79 0.61
N VAL A 255 -27.13 -39.37 0.99
CA VAL A 255 -27.08 -40.15 2.22
C VAL A 255 -27.55 -39.30 3.39
N ALA A 256 -26.91 -38.14 3.56
CA ALA A 256 -27.29 -37.20 4.62
C ALA A 256 -28.76 -36.81 4.53
N ALA A 257 -29.39 -36.99 3.36
CA ALA A 257 -30.83 -36.74 3.26
C ALA A 257 -31.65 -37.89 3.83
N VAL A 258 -31.14 -39.11 3.73
CA VAL A 258 -32.02 -40.25 4.03
C VAL A 258 -32.35 -40.53 5.50
N PRO A 259 -31.56 -40.12 6.50
CA PRO A 259 -31.91 -40.56 7.86
C PRO A 259 -33.18 -39.92 8.39
N ARG A 260 -33.34 -38.61 8.20
CA ARG A 260 -34.59 -37.96 8.59
C ARG A 260 -35.79 -38.67 7.97
N ILE A 261 -35.71 -38.96 6.66
CA ILE A 261 -36.81 -39.61 5.95
C ILE A 261 -37.11 -40.99 6.55
N TYR A 262 -36.07 -41.77 6.81
CA TYR A 262 -36.28 -43.10 7.38
C TYR A 262 -36.95 -43.01 8.74
N LEU A 263 -36.45 -42.13 9.61
CA LEU A 263 -37.04 -41.97 10.93
C LEU A 263 -38.51 -41.58 10.82
N GLU A 264 -38.84 -40.65 9.91
CA GLU A 264 -40.23 -40.28 9.69
C GLU A 264 -41.07 -41.48 9.33
N GLY A 265 -40.68 -42.20 8.27
CA GLY A 265 -41.48 -43.32 7.81
C GLY A 265 -41.67 -44.38 8.87
N ILE A 266 -40.57 -44.83 9.48
CA ILE A 266 -40.63 -45.93 10.44
C ILE A 266 -41.40 -45.52 11.69
N GLY A 267 -41.19 -44.30 12.18
CA GLY A 267 -41.88 -43.87 13.39
C GLY A 267 -43.36 -43.68 13.15
N PHE A 268 -43.73 -43.09 12.01
CA PHE A 268 -45.15 -42.95 11.71
C PHE A 268 -45.82 -44.31 11.53
N CYS A 269 -45.16 -45.24 10.83
CA CYS A 269 -45.76 -46.55 10.64
C CYS A 269 -45.88 -47.33 11.95
N VAL A 270 -44.91 -47.19 12.85
CA VAL A 270 -45.06 -47.91 14.12
C VAL A 270 -46.07 -47.21 15.03
N LEU A 271 -46.24 -45.89 14.94
CA LEU A 271 -47.30 -45.23 15.69
C LEU A 271 -48.66 -45.71 15.22
N VAL A 272 -48.86 -45.77 13.90
CA VAL A 272 -50.16 -46.21 13.42
C VAL A 272 -50.35 -47.70 13.69
N PHE A 273 -49.28 -48.49 13.68
CA PHE A 273 -49.40 -49.90 14.02
C PHE A 273 -49.74 -50.11 15.49
N ILE A 274 -49.12 -49.33 16.39
CA ILE A 274 -49.41 -49.49 17.81
C ILE A 274 -50.85 -49.08 18.11
N VAL A 275 -51.33 -48.00 17.51
CA VAL A 275 -52.73 -47.65 17.78
C VAL A 275 -53.68 -48.64 17.11
N VAL A 276 -53.30 -49.20 15.96
CA VAL A 276 -54.13 -50.20 15.29
C VAL A 276 -54.19 -51.49 16.12
N PHE A 277 -53.11 -51.83 16.81
CA PHE A 277 -53.15 -52.96 17.74
C PHE A 277 -53.88 -52.62 19.03
N LEU A 278 -53.95 -51.34 19.40
CA LEU A 278 -54.63 -50.95 20.63
C LEU A 278 -56.14 -50.83 20.48
N VAL A 279 -56.66 -50.64 19.25
CA VAL A 279 -58.11 -50.43 19.11
C VAL A 279 -58.91 -51.59 19.69
N LEU A 280 -58.40 -52.82 19.58
CA LEU A 280 -59.12 -53.99 20.10
C LEU A 280 -58.66 -54.31 21.53
N LYS A 281 -57.37 -54.56 21.70
CA LYS A 281 -56.76 -54.84 23.00
C LYS A 281 -55.86 -53.67 23.36
N ASN A 282 -56.11 -53.03 24.49
CA ASN A 282 -55.36 -51.83 24.89
C ASN A 282 -54.81 -51.98 26.29
N GLU A 283 -53.49 -51.80 26.44
CA GLU A 283 -52.85 -51.92 27.74
C GLU A 283 -53.17 -50.74 28.67
N SER A 284 -53.58 -49.61 28.12
CA SER A 284 -54.05 -48.46 28.89
C SER A 284 -55.43 -48.05 28.40
N ASP A 285 -56.17 -47.32 29.23
CA ASP A 285 -57.50 -46.89 28.83
C ASP A 285 -57.91 -45.65 29.63
N ILE A 286 -59.13 -45.18 29.36
CA ILE A 286 -59.69 -43.90 29.81
C ILE A 286 -58.62 -42.82 29.88
N SER A 287 -58.48 -42.19 31.04
CA SER A 287 -57.44 -41.18 31.24
C SER A 287 -56.04 -41.73 30.98
N GLY A 288 -55.89 -43.06 30.94
CA GLY A 288 -54.60 -43.65 30.70
C GLY A 288 -54.12 -43.56 29.26
N ILE A 289 -55.04 -43.65 28.29
CA ILE A 289 -54.61 -43.54 26.89
C ILE A 289 -54.19 -42.10 26.59
N LEU A 290 -54.93 -41.12 27.12
CA LEU A 290 -54.58 -39.71 26.91
C LEU A 290 -53.13 -39.46 27.29
N SER A 291 -52.76 -39.80 28.53
CA SER A 291 -51.41 -39.57 29.01
C SER A 291 -50.38 -40.26 28.12
N THR A 292 -50.55 -41.56 27.89
CA THR A 292 -49.53 -42.32 27.17
C THR A 292 -49.34 -41.77 25.77
N ILE A 293 -50.43 -41.57 25.02
CA ILE A 293 -50.29 -41.14 23.63
C ILE A 293 -49.79 -39.71 23.54
N SER A 294 -50.20 -38.84 24.48
CA SER A 294 -49.80 -37.44 24.38
C SER A 294 -48.34 -37.25 24.75
N ILE A 295 -47.93 -37.76 25.92
CA ILE A 295 -46.52 -37.66 26.28
C ILE A 295 -45.67 -38.40 25.27
N PHE A 296 -46.20 -39.48 24.69
CA PHE A 296 -45.49 -40.26 23.70
C PHE A 296 -45.23 -39.46 22.44
N VAL A 297 -46.27 -38.86 21.87
CA VAL A 297 -46.10 -38.10 20.63
C VAL A 297 -45.24 -36.88 20.87
N LEU A 298 -45.39 -36.21 22.02
CA LEU A 298 -44.55 -35.04 22.28
C LEU A 298 -43.08 -35.43 22.37
N ALA A 299 -42.79 -36.47 23.16
CA ALA A 299 -41.40 -36.91 23.31
C ALA A 299 -40.82 -37.38 21.99
N LEU A 300 -41.60 -38.11 21.19
CA LEU A 300 -41.11 -38.62 19.91
C LEU A 300 -40.82 -37.47 18.95
N TYR A 301 -41.77 -36.52 18.84
CA TYR A 301 -41.59 -35.38 17.96
C TYR A 301 -40.40 -34.54 18.37
N ARG A 302 -40.16 -34.41 19.67
CA ARG A 302 -38.98 -33.67 20.13
C ARG A 302 -37.71 -34.45 19.90
N LEU A 303 -37.77 -35.78 19.99
CA LEU A 303 -36.56 -36.59 19.94
C LEU A 303 -36.02 -36.70 18.52
N MET A 304 -36.90 -36.98 17.56
CA MET A 304 -36.44 -37.37 16.22
C MET A 304 -35.48 -36.37 15.57
N PRO A 305 -35.69 -35.05 15.63
CA PRO A 305 -34.69 -34.14 15.05
C PRO A 305 -33.30 -34.34 15.63
N SER A 306 -33.21 -34.50 16.96
CA SER A 306 -31.90 -34.71 17.57
C SER A 306 -31.22 -35.94 17.03
N ALA A 307 -31.97 -37.04 16.84
CA ALA A 307 -31.36 -38.30 16.42
C ALA A 307 -30.92 -38.25 14.96
N ASN A 308 -31.75 -37.65 14.11
CA ASN A 308 -31.30 -37.39 12.74
C ASN A 308 -30.02 -36.57 12.72
N ARG A 309 -29.93 -35.55 13.58
CA ARG A 309 -28.72 -34.76 13.68
C ARG A 309 -27.53 -35.62 14.10
N ILE A 310 -27.74 -36.51 15.07
CA ILE A 310 -26.67 -37.40 15.54
C ILE A 310 -26.12 -38.22 14.38
N ILE A 311 -27.03 -38.91 13.68
CA ILE A 311 -26.60 -39.82 12.62
C ILE A 311 -25.89 -39.05 11.51
N THR A 312 -26.47 -37.92 11.10
CA THR A 312 -25.84 -37.15 10.03
C THR A 312 -24.48 -36.63 10.44
N SER A 313 -24.30 -36.31 11.72
CA SER A 313 -23.00 -35.78 12.15
C SER A 313 -21.94 -36.88 12.18
N TYR A 314 -22.30 -38.08 12.63
CA TYR A 314 -21.33 -39.17 12.59
C TYR A 314 -20.97 -39.56 11.16
N HIS A 315 -21.95 -39.58 10.26
CA HIS A 315 -21.64 -39.86 8.86
C HIS A 315 -20.76 -38.78 8.25
N ASP A 316 -20.94 -37.52 8.66
CA ASP A 316 -20.04 -36.47 8.20
C ASP A 316 -18.63 -36.68 8.74
N LEU A 317 -18.51 -37.05 10.00
CA LEU A 317 -17.21 -37.41 10.53
C LEU A 317 -16.59 -38.59 9.78
N LEU A 318 -17.41 -39.42 9.14
CA LEU A 318 -16.82 -40.45 8.29
C LEU A 318 -16.42 -39.90 6.92
N TYR A 319 -17.24 -39.02 6.33
CA TYR A 319 -16.97 -38.55 4.97
C TYR A 319 -15.65 -37.77 4.90
N TYR A 320 -15.55 -36.71 5.71
CA TYR A 320 -14.40 -35.83 5.65
C TYR A 320 -13.27 -36.38 6.52
N HIS A 321 -13.30 -36.09 7.81
CA HIS A 321 -12.31 -36.53 8.79
C HIS A 321 -11.52 -37.77 8.38
N SER A 322 -12.22 -38.89 8.14
CA SER A 322 -11.54 -40.16 7.90
C SER A 322 -10.52 -40.06 6.76
N SER A 323 -10.99 -39.69 5.57
CA SER A 323 -10.08 -39.59 4.43
C SER A 323 -9.35 -38.25 4.39
N LEU A 324 -9.50 -37.41 5.40
CA LEU A 324 -9.07 -36.03 5.25
C LEU A 324 -8.31 -35.52 6.47
N ASN A 325 -8.82 -35.79 7.66
CA ASN A 325 -8.07 -35.42 8.87
C ASN A 325 -6.71 -36.13 8.90
N ILE A 326 -6.62 -37.33 8.31
CA ILE A 326 -5.34 -37.99 8.14
C ILE A 326 -4.37 -37.08 7.39
N ILE A 327 -4.86 -36.46 6.31
CA ILE A 327 -4.03 -35.61 5.47
C ILE A 327 -3.40 -34.46 6.22
N TYR A 328 -3.89 -34.15 7.43
CA TYR A 328 -3.28 -33.14 8.27
C TYR A 328 -2.43 -33.71 9.39
N GLN A 329 -2.87 -34.82 9.97
CA GLN A 329 -2.00 -35.58 10.86
C GLN A 329 -0.65 -35.79 10.22
N ASN A 330 -0.65 -36.39 9.02
CA ASN A 330 0.60 -36.64 8.31
C ASN A 330 1.33 -35.37 7.92
N LEU A 331 0.71 -34.20 8.05
CA LEU A 331 1.36 -32.98 7.63
C LEU A 331 1.94 -32.17 8.78
N ARG A 332 1.47 -32.37 10.00
CA ARG A 332 2.10 -31.65 11.11
C ARG A 332 3.20 -32.45 11.79
N GLN A 333 3.37 -33.73 11.45
CA GLN A 333 4.50 -34.53 11.93
C GLN A 333 5.55 -34.59 10.82
N GLU A 334 6.32 -33.51 10.66
CA GLU A 334 7.26 -33.41 9.56
C GLU A 334 8.61 -32.90 10.03
N GLU A 335 9.67 -33.30 9.33
CA GLU A 335 11.04 -32.87 9.62
C GLU A 335 11.18 -31.37 9.44
N GLU A 336 11.34 -30.64 10.54
CA GLU A 336 11.46 -29.20 10.52
C GLU A 336 12.84 -28.80 10.99
N ASN A 337 13.43 -27.81 10.31
CA ASN A 337 14.70 -27.23 10.73
C ASN A 337 14.51 -26.53 12.08
N ALA A 338 15.57 -25.95 12.63
CA ALA A 338 15.47 -25.33 13.93
C ALA A 338 16.57 -24.28 14.09
N ALA A 339 16.61 -23.69 15.29
CA ALA A 339 17.78 -23.05 15.90
C ALA A 339 18.12 -21.68 15.35
N GLU A 340 19.19 -21.06 15.89
CA GLU A 340 19.33 -19.61 15.89
C GLU A 340 20.77 -19.13 16.07
N GLY A 341 21.76 -20.02 15.88
CA GLY A 341 23.14 -19.62 16.05
C GLY A 341 23.58 -18.63 14.98
N LYS A 342 24.46 -17.72 15.40
CA LYS A 342 25.09 -16.77 14.48
C LYS A 342 26.51 -17.21 14.17
N LEU A 343 27.02 -16.79 13.02
CA LEU A 343 28.31 -17.25 12.53
C LEU A 343 29.06 -16.12 11.84
N SER A 344 30.39 -16.17 11.94
CA SER A 344 31.26 -15.15 11.38
C SER A 344 32.15 -15.77 10.31
N PHE A 345 32.41 -14.98 9.26
CA PHE A 345 33.15 -15.43 8.08
C PHE A 345 34.11 -14.31 7.68
N ASN A 346 35.34 -14.41 8.17
CA ASN A 346 36.35 -13.38 7.93
C ASN A 346 37.65 -13.92 7.37
N GLN A 347 37.77 -15.21 7.10
CA GLN A 347 39.01 -15.75 6.57
C GLN A 347 38.77 -16.78 5.47
N GLU A 348 38.25 -17.95 5.82
CA GLU A 348 38.10 -19.02 4.85
C GLU A 348 36.89 -19.87 5.20
N LEU A 349 36.61 -20.83 4.32
CA LEU A 349 35.41 -21.67 4.35
C LEU A 349 35.84 -23.03 3.81
N LYS A 350 36.14 -23.96 4.70
CA LYS A 350 36.62 -25.27 4.30
C LYS A 350 35.45 -26.24 4.14
N ILE A 351 35.53 -27.10 3.12
CA ILE A 351 34.47 -28.05 2.82
C ILE A 351 34.67 -29.34 3.62
N CYS A 352 35.75 -30.06 3.30
CA CYS A 352 36.19 -31.23 4.07
C CYS A 352 35.26 -32.43 3.94
N ASN A 353 35.77 -33.50 3.32
CA ASN A 353 35.22 -34.85 3.45
C ASN A 353 33.72 -34.91 3.18
N LEU A 354 33.27 -34.12 2.21
CA LEU A 354 31.84 -33.86 2.06
C LEU A 354 30.99 -35.12 1.96
N SER A 355 30.99 -35.77 0.79
CA SER A 355 30.17 -36.94 0.50
C SER A 355 28.69 -36.60 0.56
N PHE A 356 27.96 -36.79 -0.54
CA PHE A 356 26.55 -36.46 -0.55
C PHE A 356 25.80 -37.32 -1.55
N GLY A 357 24.53 -37.56 -1.24
CA GLY A 357 23.60 -38.18 -2.16
C GLY A 357 22.21 -37.75 -1.73
N TYR A 358 21.24 -38.00 -2.60
CA TYR A 358 19.86 -37.66 -2.29
C TYR A 358 19.14 -38.84 -1.66
N GLU A 359 18.07 -38.53 -0.92
CA GLU A 359 17.53 -39.38 0.16
C GLU A 359 17.55 -40.88 -0.12
N GLY A 360 17.66 -41.29 -1.39
CA GLY A 360 17.78 -42.71 -1.68
C GLY A 360 18.64 -43.00 -2.88
N LYS A 361 19.54 -42.09 -3.23
CA LYS A 361 20.30 -42.16 -4.47
C LYS A 361 21.77 -42.46 -4.20
N LYS A 362 22.48 -42.81 -5.28
CA LYS A 362 23.92 -42.98 -5.23
C LYS A 362 24.61 -41.65 -4.97
N TYR A 363 25.83 -41.72 -4.44
CA TYR A 363 26.57 -40.51 -4.11
C TYR A 363 27.15 -39.86 -5.36
N LEU A 364 27.14 -38.53 -5.36
CA LEU A 364 27.77 -37.76 -6.43
C LEU A 364 29.18 -37.32 -6.09
N PHE A 365 29.51 -37.26 -4.80
CA PHE A 365 30.77 -36.67 -4.35
C PHE A 365 31.66 -37.70 -3.65
N LYS A 366 31.28 -38.14 -2.45
CA LYS A 366 32.07 -39.08 -1.66
C LYS A 366 33.42 -38.46 -1.27
N ASN A 367 33.47 -37.92 -0.06
CA ASN A 367 34.65 -37.29 0.54
C ASN A 367 35.45 -36.46 -0.46
N LEU A 368 34.78 -35.46 -1.03
CA LEU A 368 35.53 -34.42 -1.72
C LEU A 368 36.00 -33.38 -0.71
N ASN A 369 36.99 -32.59 -1.12
CA ASN A 369 37.59 -31.60 -0.25
C ASN A 369 37.93 -30.34 -1.01
N LEU A 370 37.72 -29.20 -0.36
CA LEU A 370 37.76 -27.89 -1.00
C LEU A 370 37.75 -26.83 0.11
N ASN A 371 38.28 -25.65 -0.20
CA ASN A 371 38.22 -24.54 0.74
C ASN A 371 38.31 -23.23 -0.03
N ILE A 372 37.47 -22.29 0.36
CA ILE A 372 37.32 -20.99 -0.30
C ILE A 372 37.62 -19.92 0.74
N LYS A 373 38.74 -19.21 0.59
CA LYS A 373 38.99 -18.08 1.47
C LYS A 373 38.06 -16.92 1.11
N LYS A 374 37.85 -16.04 2.08
CA LYS A 374 36.94 -14.91 1.86
C LYS A 374 37.45 -14.04 0.72
N GLY A 375 36.64 -13.90 -0.33
CA GLY A 375 36.98 -13.12 -1.49
C GLY A 375 37.62 -13.88 -2.64
N GLU A 376 37.63 -15.22 -2.59
CA GLU A 376 38.39 -15.99 -3.57
C GLU A 376 37.73 -15.94 -4.95
N LYS A 377 36.40 -15.96 -5.00
CA LYS A 377 35.65 -15.99 -6.25
C LYS A 377 36.05 -17.20 -7.10
N ILE A 378 35.56 -18.38 -6.74
CA ILE A 378 35.89 -19.59 -7.48
C ILE A 378 34.77 -19.91 -8.46
N ALA A 379 34.95 -20.96 -9.25
CA ALA A 379 34.00 -21.30 -10.30
C ALA A 379 34.08 -22.78 -10.62
N PHE A 380 32.93 -23.45 -10.60
CA PHE A 380 32.83 -24.86 -10.93
C PHE A 380 32.40 -25.05 -12.38
N ILE A 381 33.16 -25.83 -13.14
CA ILE A 381 32.83 -26.18 -14.51
C ILE A 381 32.73 -27.70 -14.60
N GLY A 382 31.78 -28.18 -15.39
CA GLY A 382 31.65 -29.61 -15.59
C GLY A 382 30.77 -29.91 -16.78
N GLU A 383 30.40 -31.18 -16.92
CA GLU A 383 29.40 -31.58 -17.90
C GLU A 383 28.02 -31.56 -17.26
N SER A 384 27.01 -31.33 -18.08
CA SER A 384 25.64 -31.22 -17.58
C SER A 384 25.20 -32.52 -16.92
N GLY A 385 24.94 -32.45 -15.62
CA GLY A 385 24.39 -33.56 -14.88
C GLY A 385 25.29 -34.24 -13.88
N CYS A 386 26.49 -33.70 -13.64
CA CYS A 386 27.44 -34.37 -12.77
C CYS A 386 27.36 -33.92 -11.30
N GLY A 387 26.82 -32.72 -11.03
CA GLY A 387 26.51 -32.34 -9.67
C GLY A 387 27.02 -30.99 -9.19
N LYS A 388 27.01 -29.98 -10.06
CA LYS A 388 27.52 -28.67 -9.66
C LYS A 388 26.52 -27.91 -8.80
N SER A 389 25.31 -27.68 -9.32
CA SER A 389 24.31 -26.98 -8.52
C SER A 389 24.03 -27.71 -7.22
N THR A 390 24.14 -29.04 -7.22
CA THR A 390 23.99 -29.79 -5.97
C THR A 390 25.09 -29.43 -4.99
N LEU A 391 26.34 -29.47 -5.43
CA LEU A 391 27.45 -29.08 -4.57
C LEU A 391 27.24 -27.68 -3.99
N VAL A 392 26.79 -26.73 -4.82
CA VAL A 392 26.67 -25.36 -4.33
C VAL A 392 25.46 -25.23 -3.42
N ASP A 393 24.34 -25.88 -3.77
CA ASP A 393 23.21 -25.98 -2.86
C ASP A 393 23.61 -26.61 -1.55
N LEU A 394 24.73 -27.33 -1.53
CA LEU A 394 25.31 -27.89 -0.31
C LEU A 394 26.23 -26.90 0.41
N ILE A 395 27.00 -26.11 -0.32
CA ILE A 395 27.92 -25.16 0.28
C ILE A 395 27.15 -24.08 1.04
N ILE A 396 26.05 -23.61 0.45
CA ILE A 396 25.14 -22.71 1.13
C ILE A 396 24.31 -23.54 2.10
N GLY A 397 23.31 -22.92 2.73
CA GLY A 397 22.69 -23.54 3.89
C GLY A 397 21.76 -24.71 3.61
N LEU A 398 21.37 -24.93 2.36
CA LEU A 398 20.50 -26.06 2.06
C LEU A 398 21.30 -27.35 2.02
N LEU A 399 20.58 -28.48 2.03
CA LEU A 399 21.17 -29.81 1.88
C LEU A 399 22.25 -30.13 2.91
N LYS A 400 21.86 -30.74 4.03
CA LYS A 400 22.84 -31.17 5.02
C LYS A 400 23.71 -32.29 4.43
N PRO A 401 25.01 -32.27 4.69
CA PRO A 401 25.90 -33.27 4.11
C PRO A 401 25.71 -34.65 4.73
N LYS A 402 26.36 -35.63 4.12
CA LYS A 402 26.20 -37.02 4.53
C LYS A 402 27.39 -37.56 5.30
N GLU A 403 28.57 -36.96 5.18
CA GLU A 403 29.73 -37.38 5.96
C GLU A 403 30.53 -36.19 6.47
N GLY A 404 30.76 -35.20 5.61
CA GLY A 404 31.56 -34.04 5.97
C GLY A 404 30.92 -33.09 6.96
N GLN A 405 31.30 -31.80 6.87
CA GLN A 405 30.85 -30.83 7.86
C GLN A 405 30.54 -29.47 7.26
N ILE A 406 31.51 -28.91 6.51
CA ILE A 406 31.51 -27.52 6.05
C ILE A 406 31.75 -26.59 7.24
N LEU A 407 32.81 -25.80 7.17
CA LEU A 407 33.25 -24.99 8.29
C LEU A 407 33.44 -23.55 7.86
N ILE A 408 32.86 -22.62 8.62
CA ILE A 408 32.91 -21.19 8.35
C ILE A 408 33.88 -20.59 9.36
N ASP A 409 35.09 -20.27 8.91
CA ASP A 409 36.21 -19.89 9.79
C ASP A 409 36.47 -20.97 10.84
N LYS A 410 36.60 -22.21 10.36
CA LYS A 410 36.85 -23.37 11.21
C LYS A 410 35.75 -23.53 12.26
N GLN A 411 34.51 -23.47 11.80
CA GLN A 411 33.34 -23.61 12.67
C GLN A 411 32.25 -24.35 11.90
N GLU A 412 31.82 -25.48 12.43
CA GLU A 412 30.87 -26.33 11.72
C GLU A 412 29.57 -25.59 11.46
N LEU A 413 29.10 -25.66 10.22
CA LEU A 413 27.85 -25.06 9.81
C LEU A 413 26.76 -26.12 9.90
N ASN A 414 25.89 -26.00 10.91
CA ASN A 414 24.86 -26.99 11.15
C ASN A 414 23.53 -26.29 11.39
N ALA A 415 22.51 -27.09 11.72
CA ALA A 415 21.18 -26.56 12.02
C ALA A 415 21.23 -25.50 13.10
N SER A 416 22.18 -25.60 14.03
CA SER A 416 22.22 -24.67 15.15
C SER A 416 22.42 -23.24 14.68
N ASN A 417 23.21 -23.04 13.61
CA ASN A 417 23.53 -21.69 13.14
C ASN A 417 23.29 -21.49 11.65
N ALA A 418 22.74 -22.47 10.94
CA ALA A 418 22.57 -22.36 9.50
C ALA A 418 21.66 -21.21 9.10
N LYS A 419 20.75 -20.77 9.97
CA LYS A 419 19.89 -19.64 9.63
C LYS A 419 20.71 -18.39 9.33
N ASN A 420 21.51 -17.95 10.30
CA ASN A 420 22.32 -16.75 10.15
C ASN A 420 23.31 -16.86 8.99
N TYR A 421 23.71 -18.08 8.63
CA TYR A 421 24.63 -18.27 7.51
C TYR A 421 23.90 -18.20 6.18
N ARG A 422 22.71 -18.81 6.09
CA ARG A 422 21.85 -18.59 4.93
C ARG A 422 21.64 -17.10 4.70
N GLN A 423 21.53 -16.34 5.80
CA GLN A 423 21.34 -14.89 5.66
C GLN A 423 22.45 -14.21 4.86
N LYS A 424 23.54 -14.93 4.57
CA LYS A 424 24.69 -14.36 3.90
C LYS A 424 24.63 -14.50 2.38
N ILE A 425 23.80 -15.38 1.86
CA ILE A 425 23.90 -15.80 0.48
C ILE A 425 22.94 -14.98 -0.38
N GLY A 426 23.43 -14.51 -1.52
CA GLY A 426 22.59 -14.11 -2.64
C GLY A 426 22.79 -15.12 -3.76
N TYR A 427 21.68 -15.57 -4.34
CA TYR A 427 21.68 -16.81 -5.13
C TYR A 427 21.62 -16.58 -6.63
N ILE A 428 20.48 -16.16 -7.19
CA ILE A 428 20.24 -16.12 -8.63
C ILE A 428 20.14 -17.55 -9.18
N PRO A 429 18.98 -18.21 -9.11
CA PRO A 429 18.94 -19.66 -9.32
C PRO A 429 18.76 -20.17 -10.75
N GLN A 430 19.37 -19.53 -11.75
CA GLN A 430 19.39 -20.08 -13.11
C GLN A 430 17.99 -20.21 -13.74
N ASN A 431 17.03 -20.80 -13.04
CA ASN A 431 15.61 -20.71 -13.41
C ASN A 431 14.88 -20.03 -12.27
N ILE A 432 14.29 -18.87 -12.55
CA ILE A 432 13.94 -17.88 -11.55
C ILE A 432 12.46 -17.57 -11.65
N TYR A 433 11.77 -17.61 -10.51
CA TYR A 433 10.39 -17.23 -10.44
C TYR A 433 10.32 -15.80 -9.92
N LEU A 434 9.56 -14.97 -10.62
CA LEU A 434 9.26 -13.61 -10.19
C LEU A 434 7.78 -13.57 -9.88
N PHE A 435 7.41 -13.17 -8.67
CA PHE A 435 6.00 -13.07 -8.36
C PHE A 435 5.43 -11.79 -8.94
N ASN A 436 4.24 -11.90 -9.51
CA ASN A 436 3.61 -10.81 -10.26
C ASN A 436 3.33 -9.61 -9.36
N ASP A 437 4.30 -8.71 -9.28
CA ASP A 437 4.08 -7.40 -8.65
C ASP A 437 5.08 -6.41 -9.25
N SER A 438 5.47 -5.40 -8.49
CA SER A 438 6.32 -4.34 -9.03
C SER A 438 7.74 -4.84 -9.27
N ILE A 439 8.44 -4.15 -10.17
CA ILE A 439 9.86 -4.45 -10.34
C ILE A 439 10.62 -4.04 -9.09
N ALA A 440 10.11 -3.06 -8.34
CA ALA A 440 10.70 -2.73 -7.05
C ALA A 440 10.63 -3.92 -6.11
N LYS A 441 9.44 -4.47 -5.94
CA LYS A 441 9.37 -5.77 -5.33
C LYS A 441 10.00 -6.82 -6.25
N ASN A 442 10.09 -8.04 -5.74
CA ASN A 442 11.01 -9.07 -6.23
C ASN A 442 12.42 -8.63 -5.87
N ILE A 443 12.90 -7.54 -6.48
CA ILE A 443 14.25 -7.04 -6.18
C ILE A 443 14.46 -6.94 -4.67
N THR A 444 13.60 -6.18 -4.00
CA THR A 444 13.75 -6.00 -2.56
C THR A 444 13.39 -7.26 -1.80
N PHE A 445 12.57 -8.12 -2.39
CA PHE A 445 11.88 -9.21 -1.68
C PHE A 445 11.28 -8.71 -0.37
N GLY A 446 10.46 -7.65 -0.49
CA GLY A 446 9.65 -7.13 0.57
C GLY A 446 10.39 -6.38 1.66
N ASP A 447 11.67 -6.61 1.83
CA ASP A 447 12.39 -6.16 3.01
C ASP A 447 12.83 -4.72 2.83
N ALA A 448 11.96 -3.80 3.26
CA ALA A 448 12.22 -2.36 3.23
C ALA A 448 12.51 -1.86 1.82
N VAL A 449 12.76 -0.56 1.71
CA VAL A 449 13.19 0.06 0.45
C VAL A 449 14.23 1.11 0.80
N ASP A 450 15.47 0.88 0.37
CA ASP A 450 16.50 1.93 0.38
C ASP A 450 16.54 2.42 -1.06
N GLU A 451 15.88 3.55 -1.30
CA GLU A 451 15.71 4.07 -2.65
C GLU A 451 17.03 4.11 -3.39
N GLU A 452 18.05 4.71 -2.78
CA GLU A 452 19.34 4.84 -3.46
C GLU A 452 20.03 3.49 -3.61
N LYS A 453 19.88 2.58 -2.65
CA LYS A 453 20.39 1.24 -2.83
C LYS A 453 19.69 0.55 -3.99
N LEU A 454 18.37 0.69 -4.09
CA LEU A 454 17.65 0.06 -5.19
C LEU A 454 18.09 0.63 -6.53
N ASN A 455 18.33 1.94 -6.59
CA ASN A 455 18.80 2.53 -7.85
C ASN A 455 20.23 2.09 -8.17
N LYS A 456 21.07 1.94 -7.15
CA LYS A 456 22.39 1.34 -7.35
C LYS A 456 22.27 -0.06 -7.93
N VAL A 457 21.35 -0.85 -7.38
CA VAL A 457 21.23 -2.23 -7.83
C VAL A 457 20.63 -2.28 -9.23
N ILE A 458 19.74 -1.33 -9.55
CA ILE A 458 19.19 -1.22 -10.89
C ILE A 458 20.29 -0.92 -11.89
N LYS A 459 21.17 0.02 -11.55
CA LYS A 459 22.28 0.40 -12.43
C LYS A 459 23.28 -0.73 -12.56
N GLN A 460 23.53 -1.45 -11.47
CA GLN A 460 24.57 -2.48 -11.47
C GLN A 460 24.19 -3.65 -12.37
N ALA A 461 22.91 -4.01 -12.37
CA ALA A 461 22.39 -4.99 -13.30
C ALA A 461 22.03 -4.37 -14.65
N ASN A 462 22.58 -3.20 -14.96
CA ASN A 462 22.36 -2.45 -16.20
C ASN A 462 20.89 -2.46 -16.61
N LEU A 463 20.00 -2.55 -15.63
CA LEU A 463 18.56 -2.44 -15.86
C LEU A 463 18.12 -1.00 -16.07
N GLU A 464 18.93 -0.02 -15.68
CA GLU A 464 18.51 1.38 -15.72
C GLU A 464 17.87 1.74 -17.05
N HIS A 465 18.48 1.30 -18.15
CA HIS A 465 17.93 1.52 -19.48
C HIS A 465 16.54 0.89 -19.64
N PHE A 466 16.26 -0.21 -18.93
CA PHE A 466 14.99 -0.91 -19.13
C PHE A 466 13.86 -0.27 -18.31
N ILE A 467 14.10 0.08 -17.06
CA ILE A 467 13.05 0.71 -16.25
C ILE A 467 12.82 2.15 -16.65
N LYS A 468 13.84 2.85 -17.16
CA LYS A 468 13.67 4.27 -17.41
C LYS A 468 12.60 4.53 -18.47
N ASN A 469 12.56 3.70 -19.52
CA ASN A 469 11.61 3.92 -20.60
C ASN A 469 10.36 3.05 -20.47
N LEU A 470 10.12 2.47 -19.30
CA LEU A 470 8.79 1.92 -19.05
C LEU A 470 7.84 3.04 -18.63
N PRO A 471 6.55 2.90 -18.89
CA PRO A 471 5.63 3.98 -18.52
C PRO A 471 5.59 4.22 -17.02
N GLN A 472 5.35 3.17 -16.24
CA GLN A 472 5.25 3.31 -14.79
C GLN A 472 6.60 3.24 -14.09
N GLY A 473 7.67 2.97 -14.82
CA GLY A 473 8.97 3.00 -14.19
C GLY A 473 9.17 1.80 -13.28
N VAL A 474 9.96 2.02 -12.22
CA VAL A 474 10.32 0.95 -11.31
C VAL A 474 9.10 0.22 -10.77
N GLN A 475 7.95 0.87 -10.78
CA GLN A 475 6.70 0.33 -10.28
C GLN A 475 5.99 -0.57 -11.28
N THR A 476 6.50 -0.69 -12.49
CA THR A 476 5.88 -1.52 -13.52
C THR A 476 5.72 -2.94 -13.03
N LYS A 477 4.54 -3.52 -13.26
CA LYS A 477 4.33 -4.89 -12.85
C LYS A 477 4.94 -5.86 -13.86
N VAL A 478 5.08 -7.11 -13.42
CA VAL A 478 6.00 -8.06 -14.04
C VAL A 478 5.28 -9.23 -14.70
N GLY A 479 4.02 -9.46 -14.36
CA GLY A 479 3.30 -10.60 -14.87
C GLY A 479 3.53 -11.83 -14.01
N ASP A 480 2.61 -12.78 -14.14
CA ASP A 480 2.73 -14.00 -13.37
C ASP A 480 4.00 -14.75 -13.75
N GLY A 481 4.78 -15.12 -12.74
CA GLY A 481 6.06 -15.76 -12.95
C GLY A 481 7.09 -14.94 -13.68
N GLY A 482 6.79 -13.69 -14.06
CA GLY A 482 7.69 -12.95 -14.90
C GLY A 482 7.44 -13.17 -16.38
N SER A 483 6.20 -13.46 -16.76
CA SER A 483 5.90 -13.76 -18.15
C SER A 483 5.84 -12.51 -19.00
N ASN A 484 5.51 -11.36 -18.41
CA ASN A 484 5.45 -10.11 -19.14
C ASN A 484 6.82 -9.52 -19.42
N LEU A 485 7.89 -10.26 -19.10
CA LEU A 485 9.25 -9.82 -19.35
C LEU A 485 9.91 -10.70 -20.40
N SER A 486 11.10 -10.29 -20.80
CA SER A 486 11.98 -11.12 -21.60
C SER A 486 12.82 -12.00 -20.66
N GLY A 487 13.66 -12.83 -21.25
CA GLY A 487 14.50 -13.73 -20.48
C GLY A 487 15.60 -12.96 -19.80
N GLY A 488 16.37 -12.21 -20.59
CA GLY A 488 17.46 -11.42 -20.03
C GLY A 488 16.99 -10.42 -19.00
N GLN A 489 15.78 -9.87 -19.18
CA GLN A 489 15.20 -9.00 -18.16
C GLN A 489 14.91 -9.78 -16.88
N LYS A 490 14.34 -10.97 -17.01
CA LYS A 490 14.07 -11.79 -15.83
C LYS A 490 15.37 -12.10 -15.08
N GLN A 491 16.43 -12.43 -15.82
CA GLN A 491 17.65 -12.79 -15.14
C GLN A 491 18.37 -11.57 -14.59
N ARG A 492 18.26 -10.41 -15.24
CA ARG A 492 18.80 -9.19 -14.66
C ARG A 492 18.08 -8.85 -13.36
N ILE A 493 16.77 -9.07 -13.33
CA ILE A 493 16.02 -8.81 -12.11
C ILE A 493 16.39 -9.83 -11.03
N ALA A 494 16.81 -11.03 -11.42
CA ALA A 494 17.30 -11.97 -10.40
C ALA A 494 18.66 -11.54 -9.87
N ILE A 495 19.57 -11.15 -10.77
CA ILE A 495 20.88 -10.63 -10.34
C ILE A 495 20.70 -9.49 -9.36
N ALA A 496 19.76 -8.58 -9.67
CA ALA A 496 19.54 -7.42 -8.82
C ALA A 496 18.80 -7.79 -7.54
N ARG A 497 17.87 -8.76 -7.63
CA ARG A 497 17.34 -9.44 -6.45
C ARG A 497 18.44 -9.74 -5.46
N ALA A 498 19.47 -10.46 -5.92
CA ALA A 498 20.52 -10.88 -5.00
C ALA A 498 21.39 -9.71 -4.57
N LEU A 499 21.68 -8.77 -5.48
CA LEU A 499 22.53 -7.64 -5.11
C LEU A 499 21.89 -6.79 -4.03
N TYR A 500 20.57 -6.66 -4.04
CA TYR A 500 19.88 -5.92 -2.98
C TYR A 500 20.07 -6.58 -1.62
N LEU A 501 20.15 -7.92 -1.59
CA LEU A 501 20.31 -8.70 -0.37
C LEU A 501 21.53 -8.33 0.45
N GLU A 502 22.51 -7.66 -0.16
CA GLU A 502 23.88 -7.46 0.32
C GLU A 502 24.66 -8.73 0.05
N PRO A 503 25.98 -8.70 0.14
CA PRO A 503 26.75 -9.88 -0.24
C PRO A 503 27.14 -10.80 0.92
N GLU A 504 28.46 -11.00 1.07
CA GLU A 504 29.06 -12.05 1.90
C GLU A 504 28.75 -13.41 1.32
N ILE A 505 29.36 -13.73 0.16
CA ILE A 505 29.10 -14.91 -0.68
C ILE A 505 27.99 -14.59 -1.69
N LEU A 506 28.34 -14.66 -2.97
CA LEU A 506 27.44 -14.37 -4.08
C LEU A 506 27.54 -15.52 -5.07
N VAL A 507 26.55 -16.39 -5.06
CA VAL A 507 26.51 -17.50 -6.00
C VAL A 507 26.02 -16.98 -7.36
N LEU A 508 26.40 -17.65 -8.45
CA LEU A 508 25.94 -17.25 -9.76
C LEU A 508 25.02 -18.32 -10.36
N ASP A 509 25.55 -19.48 -10.74
CA ASP A 509 24.74 -20.56 -11.31
C ASP A 509 23.99 -20.07 -12.56
N GLN A 510 24.75 -19.88 -13.63
CA GLN A 510 24.20 -19.50 -14.94
C GLN A 510 23.41 -18.20 -14.86
N ALA A 511 23.91 -17.23 -14.09
CA ALA A 511 23.19 -15.97 -13.96
C ALA A 511 23.19 -15.16 -15.24
N THR A 512 24.17 -15.36 -16.12
CA THR A 512 24.27 -14.64 -17.38
C THR A 512 23.98 -15.55 -18.57
N SER A 513 23.15 -16.56 -18.36
CA SER A 513 22.82 -17.51 -19.41
C SER A 513 21.85 -16.90 -20.41
N ALA A 514 20.90 -16.09 -19.93
CA ALA A 514 19.90 -15.50 -20.81
C ALA A 514 20.33 -14.17 -21.39
N LEU A 515 21.51 -13.68 -21.03
CA LEU A 515 22.05 -12.47 -21.61
C LEU A 515 22.95 -12.81 -22.79
N ASP A 516 23.24 -11.82 -23.62
CA ASP A 516 24.16 -12.01 -24.73
C ASP A 516 25.58 -12.12 -24.18
N THR A 517 26.57 -12.02 -25.07
CA THR A 517 27.94 -11.95 -24.59
C THR A 517 28.27 -10.55 -24.08
N GLN A 518 27.63 -9.53 -24.64
CA GLN A 518 27.99 -8.14 -24.36
C GLN A 518 27.36 -7.64 -23.06
N SER A 519 26.04 -7.79 -22.92
CA SER A 519 25.42 -7.46 -21.64
C SER A 519 26.03 -8.26 -20.51
N GLU A 520 26.37 -9.53 -20.77
CA GLU A 520 27.05 -10.32 -19.75
C GLU A 520 28.40 -9.71 -19.41
N ALA A 521 29.12 -9.24 -20.41
CA ALA A 521 30.38 -8.55 -20.12
C ALA A 521 30.14 -7.36 -19.19
N LYS A 522 29.13 -6.54 -19.50
CA LYS A 522 28.86 -5.37 -18.68
C LYS A 522 28.53 -5.77 -17.25
N ILE A 523 27.70 -6.80 -17.09
CA ILE A 523 27.27 -7.20 -15.75
C ILE A 523 28.43 -7.77 -14.95
N MET A 524 29.22 -8.66 -15.57
CA MET A 524 30.36 -9.22 -14.87
C MET A 524 31.39 -8.15 -14.52
N ASP A 525 31.53 -7.13 -15.36
CA ASP A 525 32.49 -6.06 -15.06
C ASP A 525 31.99 -5.16 -13.93
N GLU A 526 30.68 -4.93 -13.87
CA GLU A 526 30.16 -4.17 -12.73
C GLU A 526 30.18 -4.99 -11.45
N ILE A 527 30.11 -6.32 -11.57
CA ILE A 527 30.05 -7.18 -10.39
C ILE A 527 31.44 -7.43 -9.81
N TYR A 528 32.39 -7.84 -10.66
CA TYR A 528 33.75 -8.13 -10.19
C TYR A 528 34.34 -6.93 -9.45
N LYS A 529 34.05 -5.72 -9.92
CA LYS A 529 34.60 -4.53 -9.27
C LYS A 529 33.91 -4.19 -7.97
N ILE A 530 32.92 -4.97 -7.55
CA ILE A 530 32.36 -4.85 -6.22
C ILE A 530 32.54 -6.12 -5.38
N SER A 531 32.72 -7.28 -6.01
CA SER A 531 32.87 -8.56 -5.31
C SER A 531 34.30 -8.79 -4.81
N LYS A 532 35.06 -7.72 -4.58
CA LYS A 532 36.41 -7.84 -4.06
C LYS A 532 36.49 -7.55 -2.56
N ASP A 533 35.35 -7.55 -1.87
CA ASP A 533 35.32 -7.63 -0.42
C ASP A 533 34.65 -8.89 0.08
N LYS A 534 33.79 -9.50 -0.72
CA LYS A 534 33.14 -10.76 -0.40
C LYS A 534 33.66 -11.83 -1.36
N THR A 535 33.42 -13.08 -1.00
CA THR A 535 33.69 -14.17 -1.93
C THR A 535 32.46 -14.38 -2.81
N MET A 536 32.65 -15.15 -3.88
CA MET A 536 31.57 -15.42 -4.81
C MET A 536 31.85 -16.74 -5.52
N ILE A 537 30.80 -17.28 -6.14
CA ILE A 537 30.88 -18.57 -6.83
C ILE A 537 30.18 -18.43 -8.17
N ILE A 538 30.88 -18.78 -9.24
CA ILE A 538 30.37 -18.63 -10.61
C ILE A 538 30.19 -20.00 -11.22
N ILE A 539 28.96 -20.32 -11.63
CA ILE A 539 28.69 -21.54 -12.39
C ILE A 539 28.17 -21.11 -13.76
N ALA A 540 28.95 -21.41 -14.80
CA ALA A 540 28.57 -21.08 -16.16
C ALA A 540 29.15 -22.13 -17.10
N HIS A 541 28.30 -22.69 -17.96
CA HIS A 541 28.78 -23.65 -18.95
C HIS A 541 29.55 -22.95 -20.05
N ARG A 542 29.20 -21.71 -20.36
CA ARG A 542 29.95 -20.89 -21.31
C ARG A 542 31.07 -20.16 -20.59
N LEU A 543 32.19 -19.96 -21.30
CA LEU A 543 33.34 -19.27 -20.74
C LEU A 543 33.06 -17.79 -20.55
N SER A 544 34.10 -16.95 -20.71
CA SER A 544 34.02 -15.50 -20.59
C SER A 544 33.54 -15.04 -19.21
N THR A 545 32.46 -15.64 -18.70
CA THR A 545 32.03 -15.33 -17.33
C THR A 545 33.12 -15.69 -16.32
N ILE A 546 33.89 -16.74 -16.60
CA ILE A 546 34.90 -17.24 -15.68
C ILE A 546 36.27 -16.64 -15.97
N THR A 547 36.30 -15.56 -16.76
CA THR A 547 37.58 -14.95 -17.11
C THR A 547 38.29 -14.39 -15.87
N GLN A 548 37.54 -13.91 -14.90
CA GLN A 548 38.12 -13.29 -13.71
C GLN A 548 38.05 -14.19 -12.48
N CYS A 549 37.41 -15.35 -12.57
CA CYS A 549 37.52 -16.33 -11.50
C CYS A 549 38.96 -16.77 -11.37
N ASP A 550 39.46 -16.82 -10.14
CA ASP A 550 40.88 -17.07 -9.93
C ASP A 550 41.21 -18.57 -10.04
N LYS A 551 40.61 -19.37 -9.17
CA LYS A 551 40.72 -20.82 -9.23
C LYS A 551 39.50 -21.38 -9.93
N VAL A 552 39.72 -22.37 -10.80
CA VAL A 552 38.66 -22.97 -11.60
C VAL A 552 38.64 -24.46 -11.32
N TYR A 553 37.58 -24.94 -10.68
CA TYR A 553 37.47 -26.35 -10.31
C TYR A 553 36.56 -27.08 -11.30
N ARG A 554 36.70 -28.40 -11.33
CA ARG A 554 36.05 -29.23 -12.33
C ARG A 554 35.66 -30.57 -11.71
N LEU A 555 34.36 -30.80 -11.58
CA LEU A 555 33.86 -32.08 -11.07
C LEU A 555 33.97 -33.16 -12.13
N GLU A 556 33.97 -34.42 -11.69
CA GLU A 556 34.06 -35.56 -12.57
C GLU A 556 33.16 -36.66 -12.02
N HIS A 557 33.28 -37.88 -12.56
CA HIS A 557 32.61 -39.00 -11.92
C HIS A 557 33.21 -39.30 -10.55
N GLY A 558 34.36 -38.70 -10.23
CA GLY A 558 34.85 -38.62 -8.88
C GLY A 558 34.74 -37.22 -8.31
N LYS A 559 35.53 -36.95 -7.28
CA LYS A 559 35.54 -35.62 -6.69
C LYS A 559 36.13 -34.61 -7.68
N LEU A 560 35.87 -33.33 -7.41
CA LEU A 560 36.41 -32.27 -8.25
C LEU A 560 37.91 -32.11 -8.01
N LYS A 561 38.56 -31.41 -8.94
CA LYS A 561 39.96 -31.02 -8.74
C LYS A 561 40.19 -29.67 -9.41
N GLU A 562 41.26 -28.99 -8.99
CA GLU A 562 41.61 -27.68 -9.51
C GLU A 562 41.90 -27.73 -11.01
N GLU A 563 42.02 -26.56 -11.62
CA GLU A 563 42.44 -26.45 -13.02
C GLU A 563 42.86 -25.02 -13.38
N LYS A 564 44.03 -24.87 -14.00
CA LYS A 564 44.45 -23.62 -14.61
C LYS A 564 45.27 -23.91 -15.88
N MET B 1 -28.40 -10.37 -12.20
CA MET B 1 -28.34 -11.10 -10.93
C MET B 1 -28.81 -12.55 -11.11
N VAL B 2 -30.00 -12.73 -11.69
CA VAL B 2 -30.46 -14.07 -12.08
C VAL B 2 -30.12 -14.38 -13.54
N LYS B 3 -29.99 -13.34 -14.38
CA LYS B 3 -29.54 -13.54 -15.75
C LYS B 3 -28.18 -14.21 -15.79
N LYS B 4 -27.25 -13.72 -14.97
CA LYS B 4 -25.98 -14.41 -14.78
C LYS B 4 -26.23 -15.89 -14.49
N LEU B 5 -27.01 -16.17 -13.44
CA LEU B 5 -27.23 -17.55 -13.00
C LEU B 5 -27.73 -18.41 -14.14
N PHE B 6 -28.55 -17.86 -15.04
CA PHE B 6 -29.04 -18.67 -16.15
C PHE B 6 -28.09 -18.71 -17.33
N PHE B 7 -27.13 -17.79 -17.40
CA PHE B 7 -26.02 -17.96 -18.34
C PHE B 7 -25.12 -19.13 -17.93
N ILE B 8 -24.82 -19.23 -16.63
CA ILE B 8 -23.90 -20.27 -16.16
C ILE B 8 -24.48 -21.66 -16.41
N LEU B 9 -25.79 -21.80 -16.29
CA LEU B 9 -26.46 -23.08 -16.46
C LEU B 9 -26.77 -23.31 -17.93
N SER B 10 -26.46 -24.50 -18.42
CA SER B 10 -26.65 -24.85 -19.82
C SER B 10 -28.13 -25.11 -20.12
N LYS B 11 -28.46 -25.20 -21.41
CA LYS B 11 -29.84 -25.39 -21.84
C LYS B 11 -30.42 -26.71 -21.36
N GLU B 12 -29.60 -27.51 -20.68
CA GLU B 12 -30.07 -28.77 -20.08
C GLU B 12 -30.53 -28.49 -18.66
N ASP B 13 -29.57 -28.36 -17.72
CA ASP B 13 -29.93 -28.19 -16.33
C ASP B 13 -30.79 -26.96 -16.09
N LYS B 14 -30.98 -26.10 -17.08
CA LYS B 14 -32.07 -25.14 -17.02
C LYS B 14 -33.42 -25.85 -17.02
N ASN B 15 -33.59 -26.81 -17.96
CA ASN B 15 -34.83 -27.58 -17.99
C ASN B 15 -34.91 -28.57 -16.82
N PHE B 16 -33.76 -29.07 -16.36
CA PHE B 16 -33.72 -29.85 -15.13
C PHE B 16 -34.17 -29.01 -13.94
N LEU B 17 -33.88 -27.71 -13.97
CA LEU B 17 -34.32 -26.82 -12.89
C LEU B 17 -35.82 -26.59 -12.91
N PHE B 18 -36.40 -26.45 -14.11
CA PHE B 18 -37.86 -26.37 -14.22
C PHE B 18 -38.52 -27.66 -13.72
N PHE B 19 -37.96 -28.80 -14.11
CA PHE B 19 -38.39 -30.10 -13.60
C PHE B 19 -38.34 -30.13 -12.08
N LEU B 20 -37.26 -29.63 -11.49
CA LEU B 20 -37.13 -29.69 -10.04
C LEU B 20 -38.08 -28.73 -9.35
N LEU B 21 -38.41 -27.60 -9.98
CA LEU B 21 -39.47 -26.74 -9.47
C LEU B 21 -40.79 -27.49 -9.40
N VAL B 22 -41.14 -28.19 -10.49
CA VAL B 22 -42.36 -28.99 -10.51
C VAL B 22 -42.35 -30.03 -9.39
N PHE B 23 -41.26 -30.78 -9.27
CA PHE B 23 -41.19 -31.85 -8.28
C PHE B 23 -41.21 -31.29 -6.85
N SER B 24 -40.66 -30.09 -6.63
CA SER B 24 -40.71 -29.48 -5.31
C SER B 24 -42.12 -29.01 -4.98
N VAL B 25 -42.85 -28.51 -5.97
CA VAL B 25 -44.27 -28.23 -5.76
C VAL B 25 -45.01 -29.50 -5.33
N PHE B 26 -44.75 -30.60 -6.02
CA PHE B 26 -45.44 -31.85 -5.70
C PHE B 26 -45.06 -32.34 -4.30
N VAL B 27 -43.79 -32.26 -3.94
CA VAL B 27 -43.35 -32.71 -2.63
C VAL B 27 -43.96 -31.83 -1.55
N SER B 28 -44.10 -30.52 -1.83
CA SER B 28 -44.78 -29.62 -0.91
C SER B 28 -46.23 -30.03 -0.70
N PHE B 29 -46.93 -30.33 -1.80
CA PHE B 29 -48.30 -30.80 -1.72
C PHE B 29 -48.43 -32.03 -0.83
N ILE B 30 -47.64 -33.06 -1.12
CA ILE B 30 -47.72 -34.31 -0.35
C ILE B 30 -47.31 -34.07 1.11
N GLU B 31 -46.33 -33.20 1.34
CA GLU B 31 -45.87 -32.94 2.70
C GLU B 31 -46.95 -32.25 3.53
N THR B 32 -47.70 -31.34 2.93
CA THR B 32 -48.78 -30.70 3.65
C THR B 32 -49.95 -31.67 3.85
N PHE B 33 -50.23 -32.49 2.84
CA PHE B 33 -51.28 -33.49 2.97
C PHE B 33 -50.96 -34.49 4.08
N ALA B 34 -49.68 -34.73 4.37
CA ALA B 34 -49.31 -35.67 5.44
C ALA B 34 -49.82 -35.20 6.80
N ILE B 35 -49.46 -33.98 7.19
CA ILE B 35 -49.89 -33.45 8.48
C ILE B 35 -51.40 -33.22 8.49
N SER B 36 -51.94 -32.69 7.39
CA SER B 36 -53.38 -32.48 7.32
C SER B 36 -54.13 -33.79 7.54
N LEU B 37 -53.68 -34.88 6.90
CA LEU B 37 -54.35 -36.17 7.04
C LEU B 37 -54.07 -36.84 8.37
N VAL B 38 -53.00 -36.45 9.08
CA VAL B 38 -52.86 -36.95 10.44
C VAL B 38 -53.91 -36.32 11.35
N MET B 39 -54.35 -35.09 11.06
CA MET B 39 -55.36 -34.49 11.95
C MET B 39 -56.69 -35.24 11.96
N PRO B 40 -57.42 -35.42 10.82
CA PRO B 40 -58.60 -36.30 10.85
C PRO B 40 -58.29 -37.77 11.13
N PHE B 41 -57.03 -38.13 11.30
CA PHE B 41 -56.75 -39.49 11.78
C PHE B 41 -56.58 -39.53 13.29
N ILE B 42 -56.14 -38.43 13.90
CA ILE B 42 -56.10 -38.37 15.35
C ILE B 42 -57.46 -37.99 15.94
N THR B 43 -58.38 -37.47 15.12
CA THR B 43 -59.68 -37.04 15.65
C THR B 43 -60.49 -38.19 16.24
N LEU B 44 -60.27 -39.42 15.77
CA LEU B 44 -61.08 -40.57 16.22
C LEU B 44 -60.32 -41.36 17.28
N ALA B 45 -60.21 -40.76 18.47
CA ALA B 45 -59.47 -41.39 19.57
C ALA B 45 -60.33 -41.64 20.80
N SER B 46 -60.17 -40.76 21.80
CA SER B 46 -60.87 -40.94 23.07
C SER B 46 -62.37 -40.74 22.90
N ASP B 47 -62.78 -39.67 22.22
CA ASP B 47 -64.19 -39.42 21.92
C ASP B 47 -64.43 -39.72 20.44
N PHE B 48 -65.14 -40.82 20.17
CA PHE B 48 -65.55 -41.23 18.83
C PHE B 48 -66.77 -40.44 18.35
N SER B 49 -67.06 -39.32 18.99
CA SER B 49 -68.30 -38.58 18.79
C SER B 49 -68.28 -37.65 17.59
N TYR B 50 -67.25 -37.68 16.75
CA TYR B 50 -67.20 -36.81 15.59
C TYR B 50 -67.79 -37.46 14.33
N PHE B 51 -68.08 -38.75 14.36
CA PHE B 51 -68.73 -39.44 13.25
C PHE B 51 -70.23 -39.17 13.20
N ASP B 52 -70.73 -38.29 14.06
CA ASP B 52 -72.16 -38.02 14.15
C ASP B 52 -72.50 -36.53 14.03
N ARG B 53 -71.51 -35.65 13.95
CA ARG B 53 -71.73 -34.24 13.70
C ARG B 53 -70.72 -33.79 12.64
N ASN B 54 -70.76 -32.49 12.33
CA ASN B 54 -70.01 -31.91 11.21
C ASN B 54 -70.52 -32.49 9.90
N LYS B 55 -70.94 -31.62 8.98
CA LYS B 55 -71.61 -32.09 7.77
C LYS B 55 -70.69 -32.96 6.91
N TYR B 56 -69.39 -32.66 6.89
CA TYR B 56 -68.48 -33.35 5.98
C TYR B 56 -68.00 -34.71 6.51
N LEU B 57 -68.13 -34.96 7.81
CA LEU B 57 -67.60 -36.18 8.40
C LEU B 57 -68.66 -37.23 8.69
N ILE B 58 -69.94 -36.84 8.77
CA ILE B 58 -71.01 -37.79 9.06
C ILE B 58 -71.58 -38.41 7.81
N SER B 59 -71.16 -37.97 6.63
CA SER B 59 -71.66 -38.51 5.36
C SER B 59 -70.98 -39.81 4.97
N LEU B 60 -70.16 -40.40 5.85
CA LEU B 60 -69.49 -41.65 5.55
C LEU B 60 -69.73 -42.74 6.58
N LYS B 61 -70.27 -42.40 7.76
CA LYS B 61 -70.56 -43.43 8.76
C LYS B 61 -71.58 -44.44 8.24
N GLU B 62 -72.71 -43.95 7.72
CA GLU B 62 -73.77 -44.82 7.24
C GLU B 62 -73.61 -45.24 5.79
N TYR B 63 -72.36 -45.35 5.32
CA TYR B 63 -72.12 -46.05 4.06
C TYR B 63 -72.50 -47.52 4.18
N LEU B 64 -72.52 -48.06 5.40
CA LEU B 64 -72.98 -49.41 5.73
C LEU B 64 -72.12 -50.51 5.11
N ASN B 65 -70.98 -50.18 4.52
CA ASN B 65 -70.06 -51.22 4.07
C ASN B 65 -69.51 -52.01 5.25
N ILE B 66 -69.25 -51.32 6.36
CA ILE B 66 -68.66 -51.91 7.56
C ILE B 66 -69.37 -51.31 8.78
N PRO B 67 -69.35 -52.02 9.92
CA PRO B 67 -70.09 -51.55 11.10
C PRO B 67 -69.77 -50.10 11.44
N VAL B 68 -68.57 -49.89 12.00
CA VAL B 68 -68.01 -48.57 12.24
C VAL B 68 -66.63 -48.79 12.84
N PHE B 69 -66.46 -49.92 13.54
CA PHE B 69 -65.15 -50.25 14.08
C PHE B 69 -64.21 -50.75 12.98
N GLU B 70 -64.76 -51.27 11.89
CA GLU B 70 -63.95 -51.75 10.78
C GLU B 70 -63.66 -50.66 9.75
N ILE B 71 -63.87 -49.40 10.11
CA ILE B 71 -63.46 -48.25 9.30
C ILE B 71 -62.01 -47.88 9.58
N ILE B 72 -61.63 -47.85 10.86
CA ILE B 72 -60.31 -47.43 11.26
C ILE B 72 -59.23 -48.35 10.69
N VAL B 73 -59.55 -49.61 10.36
CA VAL B 73 -58.54 -50.49 9.80
C VAL B 73 -58.21 -50.09 8.36
N TYR B 74 -59.24 -49.80 7.55
CA TYR B 74 -58.99 -49.34 6.19
C TYR B 74 -58.31 -47.98 6.18
N PHE B 75 -58.79 -47.06 7.02
CA PHE B 75 -58.08 -45.79 7.16
C PHE B 75 -56.64 -46.01 7.60
N GLY B 76 -56.39 -47.02 8.43
CA GLY B 76 -55.05 -47.28 8.91
C GLY B 76 -54.11 -47.77 7.83
N VAL B 77 -54.56 -48.72 7.02
CA VAL B 77 -53.70 -49.18 5.93
C VAL B 77 -53.49 -48.05 4.93
N GLY B 78 -54.52 -47.23 4.71
CA GLY B 78 -54.31 -46.01 3.93
C GLY B 78 -53.15 -45.19 4.47
N LEU B 79 -53.15 -44.98 5.80
CA LEU B 79 -52.11 -44.15 6.40
C LEU B 79 -50.73 -44.80 6.28
N ILE B 80 -50.64 -46.12 6.48
CA ILE B 80 -49.33 -46.78 6.44
C ILE B 80 -48.75 -46.70 5.03
N VAL B 81 -49.56 -47.01 4.02
CA VAL B 81 -49.06 -46.98 2.66
C VAL B 81 -48.70 -45.55 2.25
N PHE B 82 -49.55 -44.58 2.64
CA PHE B 82 -49.25 -43.19 2.30
C PHE B 82 -47.96 -42.72 2.95
N TYR B 83 -47.69 -43.14 4.18
CA TYR B 83 -46.52 -42.59 4.86
C TYR B 83 -45.23 -43.22 4.36
N VAL B 84 -45.25 -44.52 4.04
CA VAL B 84 -44.08 -45.11 3.39
C VAL B 84 -43.88 -44.50 2.00
N PHE B 85 -44.98 -44.19 1.31
CA PHE B 85 -44.90 -43.51 0.02
C PHE B 85 -44.27 -42.13 0.15
N ARG B 86 -44.66 -41.37 1.18
CA ARG B 86 -44.06 -40.07 1.41
C ARG B 86 -42.57 -40.19 1.71
N ALA B 87 -42.19 -41.21 2.48
CA ALA B 87 -40.78 -41.48 2.71
C ALA B 87 -40.03 -41.67 1.39
N LEU B 88 -40.56 -42.53 0.53
CA LEU B 88 -39.88 -42.80 -0.75
C LEU B 88 -39.86 -41.56 -1.65
N LEU B 89 -40.96 -40.82 -1.69
CA LEU B 89 -41.01 -39.62 -2.51
C LEU B 89 -39.96 -38.62 -2.05
N ASN B 90 -39.84 -38.42 -0.74
CA ASN B 90 -38.83 -37.50 -0.21
C ASN B 90 -37.42 -38.01 -0.50
N ALA B 91 -37.23 -39.33 -0.43
CA ALA B 91 -35.92 -39.87 -0.78
C ALA B 91 -35.54 -39.50 -2.20
N TYR B 92 -36.43 -39.76 -3.16
CA TYR B 92 -36.12 -39.47 -4.56
C TYR B 92 -35.89 -37.98 -4.79
N TYR B 93 -36.72 -37.13 -4.17
CA TYR B 93 -36.59 -35.69 -4.35
C TYR B 93 -35.27 -35.17 -3.79
N PHE B 94 -34.94 -35.52 -2.54
CA PHE B 94 -33.68 -35.07 -1.97
C PHE B 94 -32.50 -35.63 -2.72
N HIS B 95 -32.64 -36.82 -3.33
CA HIS B 95 -31.57 -37.34 -4.16
C HIS B 95 -31.36 -36.48 -5.40
N LEU B 96 -32.44 -36.16 -6.11
CA LEU B 96 -32.32 -35.30 -7.28
C LEU B 96 -31.79 -33.93 -6.90
N LEU B 97 -32.19 -33.41 -5.74
CA LEU B 97 -31.64 -32.14 -5.25
C LEU B 97 -30.14 -32.22 -5.06
N ALA B 98 -29.67 -33.23 -4.32
CA ALA B 98 -28.24 -33.35 -4.09
C ALA B 98 -27.51 -33.56 -5.42
N ARG B 99 -28.10 -34.32 -6.33
CA ARG B 99 -27.42 -34.67 -7.56
C ARG B 99 -27.30 -33.47 -8.48
N PHE B 100 -28.30 -32.60 -8.48
CA PHE B 100 -28.20 -31.38 -9.28
C PHE B 100 -27.29 -30.36 -8.61
N SER B 101 -27.49 -30.16 -7.30
CA SER B 101 -26.80 -29.09 -6.57
C SER B 101 -25.32 -29.39 -6.42
N LYS B 102 -24.98 -30.54 -5.84
CA LYS B 102 -23.59 -30.93 -5.75
C LYS B 102 -23.02 -31.41 -7.08
N GLY B 103 -23.87 -31.56 -8.10
CA GLY B 103 -23.46 -32.01 -9.42
C GLY B 103 -23.00 -30.90 -10.33
N ARG B 104 -23.44 -29.66 -10.07
CA ARG B 104 -23.01 -28.52 -10.86
C ARG B 104 -21.49 -28.34 -10.82
N LYS B 105 -20.82 -28.85 -9.78
CA LYS B 105 -19.37 -28.70 -9.69
C LYS B 105 -18.69 -29.23 -10.95
N HIS B 106 -19.03 -30.46 -11.35
CA HIS B 106 -18.36 -31.09 -12.49
C HIS B 106 -18.56 -30.29 -13.78
N ALA B 107 -19.82 -30.07 -14.17
CA ALA B 107 -20.11 -29.40 -15.44
C ALA B 107 -19.59 -27.97 -15.46
N ILE B 108 -19.90 -27.19 -14.43
CA ILE B 108 -19.46 -25.80 -14.42
C ILE B 108 -17.94 -25.70 -14.43
N ALA B 109 -17.26 -26.54 -13.64
CA ALA B 109 -15.81 -26.45 -13.52
C ALA B 109 -15.15 -26.78 -14.84
N TYR B 110 -15.56 -27.88 -15.48
CA TYR B 110 -14.91 -28.19 -16.74
C TYR B 110 -15.22 -27.13 -17.79
N LYS B 111 -16.36 -26.45 -17.69
CA LYS B 111 -16.64 -25.36 -18.62
C LYS B 111 -15.67 -24.19 -18.41
N VAL B 112 -15.42 -23.82 -17.14
CA VAL B 112 -14.50 -22.72 -16.86
C VAL B 112 -13.07 -23.07 -17.30
N PHE B 113 -12.62 -24.28 -16.95
CA PHE B 113 -11.27 -24.70 -17.34
C PHE B 113 -11.13 -24.76 -18.86
N SER B 114 -12.20 -25.11 -19.58
CA SER B 114 -12.17 -25.09 -21.03
C SER B 114 -11.99 -23.68 -21.55
N LYS B 115 -12.75 -22.74 -20.96
CA LYS B 115 -12.60 -21.33 -21.32
C LYS B 115 -11.16 -20.85 -21.15
N PHE B 116 -10.58 -21.11 -19.99
CA PHE B 116 -9.22 -20.63 -19.73
C PHE B 116 -8.20 -21.31 -20.64
N LEU B 117 -8.36 -22.62 -20.89
CA LEU B 117 -7.44 -23.28 -21.79
C LEU B 117 -7.57 -22.78 -23.23
N ASN B 118 -8.67 -22.10 -23.56
CA ASN B 118 -8.97 -21.76 -24.94
C ASN B 118 -8.83 -20.28 -25.24
N ILE B 119 -8.19 -19.52 -24.37
CA ILE B 119 -7.98 -18.10 -24.65
C ILE B 119 -6.68 -17.94 -25.43
N ASN B 120 -6.55 -16.81 -26.14
CA ASN B 120 -5.33 -16.49 -26.84
C ASN B 120 -4.16 -16.44 -25.86
N TYR B 121 -3.01 -16.91 -26.32
CA TYR B 121 -1.85 -17.05 -25.45
C TYR B 121 -1.50 -15.74 -24.74
N GLU B 122 -1.62 -14.60 -25.43
CA GLU B 122 -1.34 -13.33 -24.75
C GLU B 122 -2.41 -13.00 -23.71
N LYS B 123 -3.69 -13.13 -24.09
CA LYS B 123 -4.81 -12.98 -23.16
C LYS B 123 -4.60 -13.81 -21.91
N PHE B 124 -4.01 -15.00 -22.06
CA PHE B 124 -3.62 -15.79 -20.90
C PHE B 124 -2.47 -15.13 -20.17
N THR B 125 -1.50 -14.61 -20.91
CA THR B 125 -0.33 -14.00 -20.27
C THR B 125 -0.77 -12.94 -19.28
N GLN B 126 -1.86 -12.25 -19.59
CA GLN B 126 -2.29 -11.25 -18.63
C GLN B 126 -3.24 -11.84 -17.58
N LYS B 127 -3.16 -13.14 -17.31
CA LYS B 127 -3.88 -13.74 -16.19
C LYS B 127 -2.91 -14.28 -15.14
N ASN B 128 -3.37 -14.23 -13.89
CA ASN B 128 -2.69 -14.83 -12.75
C ASN B 128 -3.10 -16.29 -12.61
N GLN B 129 -2.11 -17.17 -12.44
CA GLN B 129 -2.42 -18.60 -12.33
C GLN B 129 -3.27 -18.90 -11.11
N SER B 130 -3.00 -18.24 -9.99
CA SER B 130 -3.68 -18.59 -8.75
C SER B 130 -5.15 -18.20 -8.79
N GLU B 131 -5.46 -17.03 -9.35
CA GLU B 131 -6.86 -16.66 -9.53
C GLU B 131 -7.60 -17.72 -10.34
N ILE B 132 -6.92 -18.30 -11.34
CA ILE B 132 -7.55 -19.36 -12.13
C ILE B 132 -7.76 -20.60 -11.26
N LEU B 133 -6.77 -20.98 -10.44
CA LEU B 133 -6.96 -22.14 -9.58
C LEU B 133 -8.13 -21.93 -8.65
N LYS B 134 -8.31 -20.71 -8.14
CA LYS B 134 -9.41 -20.41 -7.23
C LYS B 134 -10.75 -20.43 -7.95
N SER B 135 -10.80 -19.84 -9.13
CA SER B 135 -12.02 -19.80 -9.92
C SER B 135 -12.21 -21.09 -10.70
N ILE B 136 -11.82 -22.21 -10.11
CA ILE B 136 -11.96 -23.51 -10.74
C ILE B 136 -12.08 -24.63 -9.72
N THR B 137 -12.21 -24.25 -8.45
CA THR B 137 -12.35 -25.22 -7.37
C THR B 137 -12.95 -24.56 -6.12
N GLY B 138 -12.49 -23.35 -5.82
CA GLY B 138 -12.97 -22.63 -4.66
C GLY B 138 -14.26 -21.90 -4.93
N GLU B 139 -14.37 -21.30 -6.11
CA GLU B 139 -15.56 -20.56 -6.49
C GLU B 139 -16.59 -21.45 -7.18
N VAL B 140 -16.17 -22.51 -7.85
CA VAL B 140 -17.15 -23.48 -8.34
C VAL B 140 -17.83 -24.18 -7.17
N TYR B 141 -17.06 -24.63 -6.17
CA TYR B 141 -17.70 -25.24 -5.00
C TYR B 141 -18.67 -24.24 -4.37
N ASN B 142 -18.20 -23.01 -4.23
CA ASN B 142 -18.91 -21.86 -3.72
C ASN B 142 -20.09 -21.46 -4.58
N LEU B 143 -20.17 -21.98 -5.79
CA LEU B 143 -21.33 -21.79 -6.64
C LEU B 143 -22.28 -22.96 -6.57
N SER B 144 -21.76 -24.17 -6.35
CA SER B 144 -22.58 -25.37 -6.33
C SER B 144 -23.52 -25.36 -5.12
N THR B 145 -22.94 -25.21 -3.92
CA THR B 145 -23.81 -25.31 -2.74
C THR B 145 -24.86 -24.21 -2.74
N MET B 146 -24.59 -23.10 -3.41
CA MET B 146 -25.50 -21.98 -3.40
C MET B 146 -26.49 -22.01 -4.57
N ILE B 147 -26.17 -22.71 -5.66
CA ILE B 147 -27.21 -23.19 -6.55
C ILE B 147 -28.24 -23.98 -5.75
N SER B 148 -27.76 -24.89 -4.89
CA SER B 148 -28.67 -25.58 -3.96
C SER B 148 -29.51 -24.59 -3.16
N SER B 149 -28.88 -23.56 -2.62
CA SER B 149 -29.62 -22.57 -1.85
C SER B 149 -30.71 -21.88 -2.67
N PHE B 150 -30.41 -21.47 -3.90
CA PHE B 150 -31.42 -20.86 -4.78
C PHE B 150 -32.59 -21.81 -4.98
N LEU B 151 -32.28 -23.09 -5.26
CA LEU B 151 -33.32 -24.11 -5.37
C LEU B 151 -34.23 -24.11 -4.14
N LEU B 152 -33.62 -24.20 -2.96
CA LEU B 152 -34.42 -24.30 -1.74
C LEU B 152 -35.26 -23.06 -1.55
N LEU B 153 -34.74 -21.89 -1.89
CA LEU B 153 -35.55 -20.67 -1.77
C LEU B 153 -36.79 -20.77 -2.64
N MET B 154 -36.63 -21.24 -3.88
CA MET B 154 -37.80 -21.36 -4.74
C MET B 154 -38.81 -22.35 -4.16
N SER B 155 -38.33 -23.53 -3.75
CA SER B 155 -39.23 -24.55 -3.25
C SER B 155 -39.97 -24.08 -2.00
N GLU B 156 -39.27 -23.40 -1.10
CA GLU B 156 -39.89 -23.01 0.15
C GLU B 156 -40.83 -21.84 -0.02
N ILE B 157 -40.56 -20.89 -0.92
CA ILE B 157 -41.58 -19.86 -1.10
C ILE B 157 -42.80 -20.46 -1.76
N PHE B 158 -42.63 -21.48 -2.61
CA PHE B 158 -43.81 -22.12 -3.19
C PHE B 158 -44.64 -22.86 -2.14
N VAL B 159 -43.96 -23.61 -1.25
CA VAL B 159 -44.71 -24.35 -0.22
C VAL B 159 -45.32 -23.38 0.79
N VAL B 160 -44.66 -22.26 1.08
CA VAL B 160 -45.27 -21.27 1.96
C VAL B 160 -46.51 -20.67 1.32
N LEU B 161 -46.48 -20.41 0.01
CA LEU B 161 -47.66 -19.88 -0.65
C LEU B 161 -48.81 -20.88 -0.63
N LEU B 162 -48.53 -22.15 -0.90
CA LEU B 162 -49.60 -23.14 -0.84
C LEU B 162 -50.09 -23.33 0.59
N LEU B 163 -49.20 -23.21 1.58
CA LEU B 163 -49.61 -23.35 2.96
C LEU B 163 -50.50 -22.17 3.39
N TYR B 164 -50.12 -20.95 2.99
CA TYR B 164 -51.02 -19.81 3.19
C TYR B 164 -52.36 -20.04 2.53
N ALA B 165 -52.35 -20.64 1.34
CA ALA B 165 -53.61 -20.93 0.65
C ALA B 165 -54.49 -21.86 1.49
N LEU B 166 -53.89 -22.85 2.13
CA LEU B 166 -54.68 -23.73 2.99
C LEU B 166 -55.15 -23.01 4.24
N MET B 167 -54.27 -22.22 4.87
CA MET B 167 -54.66 -21.48 6.07
C MET B 167 -55.79 -20.50 5.77
N LEU B 168 -55.81 -19.96 4.55
CA LEU B 168 -56.87 -19.02 4.18
C LEU B 168 -58.24 -19.66 4.30
N LEU B 169 -58.36 -20.92 3.86
CA LEU B 169 -59.60 -21.67 4.02
C LEU B 169 -59.91 -21.90 5.49
N ILE B 170 -59.16 -22.82 6.11
CA ILE B 170 -59.39 -23.25 7.48
C ILE B 170 -58.86 -22.18 8.42
N ASN B 171 -59.77 -21.44 9.07
CA ASN B 171 -59.45 -20.37 10.02
C ASN B 171 -58.71 -19.23 9.32
N TYR B 172 -59.44 -18.15 9.01
CA TYR B 172 -59.05 -17.07 8.12
C TYR B 172 -58.40 -15.90 8.84
N LYS B 173 -58.98 -15.51 9.99
CA LYS B 173 -58.55 -14.28 10.66
C LYS B 173 -57.16 -14.43 11.26
N ILE B 174 -56.94 -15.50 12.04
CA ILE B 174 -55.60 -15.74 12.56
C ILE B 174 -54.62 -16.10 11.45
N THR B 175 -55.13 -16.59 10.32
CA THR B 175 -54.28 -16.78 9.14
C THR B 175 -53.68 -15.45 8.69
N LEU B 176 -54.52 -14.43 8.46
CA LEU B 176 -54.01 -13.12 8.10
C LEU B 176 -53.14 -12.52 9.20
N PHE B 177 -53.53 -12.75 10.47
CA PHE B 177 -52.74 -12.31 11.61
C PHE B 177 -51.31 -12.80 11.51
N LEU B 178 -51.14 -14.12 11.44
CA LEU B 178 -49.81 -14.71 11.36
C LEU B 178 -49.09 -14.31 10.07
N SER B 179 -49.83 -14.15 8.98
CA SER B 179 -49.19 -13.75 7.73
C SER B 179 -48.52 -12.39 7.88
N ILE B 180 -49.30 -11.39 8.29
CA ILE B 180 -48.75 -10.06 8.55
C ILE B 180 -47.57 -10.15 9.52
N PHE B 181 -47.79 -10.85 10.64
CA PHE B 181 -46.79 -10.97 11.69
C PHE B 181 -45.46 -11.49 11.16
N MET B 182 -45.49 -12.66 10.52
CA MET B 182 -44.27 -13.34 10.15
C MET B 182 -43.64 -12.75 8.89
N VAL B 183 -44.42 -12.16 7.99
CA VAL B 183 -43.81 -11.46 6.87
C VAL B 183 -43.08 -10.20 7.35
N LEU B 184 -43.66 -9.48 8.33
CA LEU B 184 -42.97 -8.31 8.86
C LEU B 184 -41.71 -8.71 9.64
N ASN B 185 -41.77 -9.82 10.39
CA ASN B 185 -40.58 -10.30 11.09
C ASN B 185 -39.50 -10.77 10.11
N ALA B 186 -39.90 -11.51 9.08
CA ALA B 186 -38.96 -11.89 8.05
C ALA B 186 -38.35 -10.67 7.40
N PHE B 187 -39.16 -9.63 7.19
CA PHE B 187 -38.66 -8.44 6.54
C PHE B 187 -37.62 -7.73 7.38
N ILE B 188 -37.88 -7.57 8.68
CA ILE B 188 -36.90 -6.88 9.52
C ILE B 188 -35.64 -7.73 9.66
N LEU B 189 -35.80 -9.04 9.80
CA LEU B 189 -34.65 -9.93 9.80
C LEU B 189 -33.79 -9.73 8.56
N VAL B 190 -34.43 -9.70 7.39
CA VAL B 190 -33.68 -9.56 6.14
C VAL B 190 -32.99 -8.22 6.08
N LYS B 191 -33.75 -7.13 6.33
CA LYS B 191 -33.15 -5.81 6.15
C LYS B 191 -32.11 -5.49 7.21
N ILE B 192 -32.01 -6.27 8.28
CA ILE B 192 -30.94 -6.05 9.25
C ILE B 192 -29.75 -6.97 9.00
N LEU B 193 -29.99 -8.22 8.58
CA LEU B 193 -28.89 -9.15 8.38
C LEU B 193 -28.19 -8.94 7.04
N SER B 194 -28.95 -8.71 5.97
CA SER B 194 -28.40 -8.79 4.62
C SER B 194 -27.22 -7.86 4.35
N PRO B 195 -27.16 -6.63 4.89
CA PRO B 195 -25.94 -5.83 4.65
C PRO B 195 -24.72 -6.42 5.32
N ILE B 196 -24.87 -6.94 6.55
CA ILE B 196 -23.77 -7.60 7.22
C ILE B 196 -23.21 -8.71 6.36
N ILE B 197 -24.11 -9.49 5.77
CA ILE B 197 -23.69 -10.64 4.99
C ILE B 197 -23.06 -10.22 3.67
N LYS B 198 -23.61 -9.20 3.02
CA LYS B 198 -22.99 -8.72 1.78
C LYS B 198 -21.56 -8.27 2.03
N LYS B 199 -21.38 -7.45 3.06
CA LYS B 199 -20.03 -7.01 3.43
C LYS B 199 -19.13 -8.20 3.71
N ALA B 200 -19.62 -9.16 4.49
CA ALA B 200 -18.79 -10.30 4.86
C ALA B 200 -18.39 -11.12 3.64
N GLY B 201 -19.34 -11.38 2.75
CA GLY B 201 -19.03 -12.19 1.57
C GLY B 201 -18.02 -11.52 0.68
N LEU B 202 -18.14 -10.20 0.50
CA LEU B 202 -17.11 -9.47 -0.23
C LEU B 202 -15.75 -9.64 0.43
N ARG B 203 -15.72 -9.57 1.76
CA ARG B 203 -14.44 -9.74 2.47
C ARG B 203 -13.89 -11.14 2.26
N ARG B 204 -14.75 -12.16 2.24
CA ARG B 204 -14.28 -13.55 2.11
C ARG B 204 -13.68 -13.79 0.74
N GLU B 205 -14.39 -13.36 -0.32
CA GLU B 205 -13.84 -13.48 -1.66
C GLU B 205 -12.49 -12.77 -1.76
N GLU B 206 -12.41 -11.53 -1.28
CA GLU B 206 -11.16 -10.78 -1.39
C GLU B 206 -10.03 -11.46 -0.63
N ALA B 207 -10.31 -11.89 0.60
CA ALA B 207 -9.32 -12.62 1.36
C ALA B 207 -8.87 -13.84 0.60
N MET B 208 -9.82 -14.59 0.06
CA MET B 208 -9.46 -15.85 -0.59
C MET B 208 -8.60 -15.58 -1.81
N LYS B 209 -8.88 -14.52 -2.56
CA LYS B 209 -8.04 -14.23 -3.70
C LYS B 209 -6.61 -13.91 -3.28
N ASN B 210 -6.46 -12.97 -2.33
CA ASN B 210 -5.12 -12.58 -1.87
C ASN B 210 -4.40 -13.75 -1.25
N PHE B 211 -5.16 -14.67 -0.72
CA PHE B 211 -4.75 -15.76 0.12
C PHE B 211 -4.30 -16.97 -0.68
N PHE B 212 -4.86 -17.15 -1.87
CA PHE B 212 -4.31 -18.13 -2.80
C PHE B 212 -2.95 -17.69 -3.35
N GLU B 213 -2.80 -16.40 -3.66
CA GLU B 213 -1.60 -15.94 -4.37
C GLU B 213 -0.36 -16.04 -3.52
N ILE B 214 -0.47 -15.78 -2.22
CA ILE B 214 0.71 -15.90 -1.37
C ILE B 214 1.17 -17.32 -1.38
N LEU B 215 0.22 -18.24 -1.31
CA LEU B 215 0.52 -19.66 -1.35
C LEU B 215 1.23 -20.00 -2.64
N ASN B 216 0.64 -19.60 -3.77
CA ASN B 216 1.19 -19.97 -5.06
C ASN B 216 2.61 -19.44 -5.23
N THR B 217 2.77 -18.12 -5.11
CA THR B 217 4.04 -17.50 -5.46
C THR B 217 5.15 -17.86 -4.47
N ASN B 218 4.85 -17.91 -3.17
CA ASN B 218 5.90 -18.28 -2.23
C ASN B 218 6.25 -19.75 -2.34
N LEU B 219 5.29 -20.63 -2.65
CA LEU B 219 5.67 -21.98 -2.97
C LEU B 219 6.57 -22.02 -4.19
N ASN B 220 6.36 -21.10 -5.13
CA ASN B 220 7.19 -21.09 -6.33
C ASN B 220 8.57 -20.51 -6.11
N ASN B 221 8.76 -19.73 -5.05
CA ASN B 221 10.08 -19.19 -4.72
C ASN B 221 10.70 -19.83 -3.48
N PHE B 222 10.12 -20.92 -2.98
CA PHE B 222 10.59 -21.66 -1.80
C PHE B 222 12.09 -21.61 -1.55
N LYS B 223 12.88 -21.92 -2.59
CA LYS B 223 14.33 -21.94 -2.43
C LYS B 223 14.86 -20.59 -2.00
N PHE B 224 14.51 -19.55 -2.74
CA PHE B 224 14.96 -18.21 -2.39
C PHE B 224 14.45 -17.82 -1.00
N ILE B 225 13.22 -18.21 -0.67
CA ILE B 225 12.64 -17.82 0.61
C ILE B 225 13.40 -18.45 1.77
N LYS B 226 13.80 -19.71 1.63
CA LYS B 226 14.63 -20.32 2.66
C LYS B 226 16.04 -19.75 2.65
N LEU B 227 16.50 -19.22 1.52
CA LEU B 227 17.87 -18.69 1.50
C LEU B 227 17.94 -17.31 2.16
N LYS B 228 16.96 -16.46 1.89
CA LYS B 228 16.93 -15.11 2.45
C LYS B 228 16.48 -15.08 3.90
N THR B 229 16.11 -16.24 4.47
CA THR B 229 15.66 -16.43 5.84
C THR B 229 14.23 -15.96 6.05
N LYS B 230 13.73 -15.05 5.20
CA LYS B 230 12.41 -14.46 5.38
C LYS B 230 11.30 -15.46 5.09
N GLU B 231 11.31 -16.57 5.83
CA GLU B 231 10.34 -17.65 5.67
C GLU B 231 9.30 -17.66 6.76
N ASP B 232 8.99 -16.50 7.32
CA ASP B 232 7.81 -16.36 8.18
C ASP B 232 7.10 -15.03 8.00
N GLY B 233 7.78 -13.98 7.55
CA GLY B 233 7.05 -12.82 7.06
C GLY B 233 6.11 -13.21 5.94
N VAL B 234 6.54 -14.17 5.10
CA VAL B 234 5.62 -14.87 4.20
C VAL B 234 4.47 -15.45 5.00
N LEU B 235 4.80 -16.19 6.06
CA LEU B 235 3.75 -16.79 6.90
C LEU B 235 2.90 -15.72 7.56
N SER B 236 3.47 -14.55 7.82
CA SER B 236 2.67 -13.46 8.39
C SER B 236 1.68 -12.92 7.37
N LEU B 237 2.15 -12.68 6.16
CA LEU B 237 1.26 -12.29 5.07
C LEU B 237 0.14 -13.30 4.92
N PHE B 238 0.42 -14.58 5.17
CA PHE B 238 -0.66 -15.55 5.07
C PHE B 238 -1.59 -15.43 6.25
N LYS B 239 -1.03 -15.28 7.44
CA LYS B 239 -1.84 -15.23 8.66
C LYS B 239 -2.89 -14.11 8.59
N ALA B 240 -2.48 -12.95 8.07
CA ALA B 240 -3.44 -11.87 7.85
C ALA B 240 -4.69 -12.36 7.10
N GLN B 241 -4.49 -12.92 5.90
CA GLN B 241 -5.63 -13.23 5.06
C GLN B 241 -6.39 -14.47 5.53
N SER B 242 -5.71 -15.45 6.14
CA SER B 242 -6.43 -16.58 6.70
C SER B 242 -7.33 -16.13 7.85
N GLU B 243 -6.84 -15.22 8.70
CA GLU B 243 -7.68 -14.70 9.76
C GLU B 243 -8.87 -13.93 9.20
N ALA B 244 -8.64 -13.09 8.19
CA ALA B 244 -9.75 -12.34 7.60
C ALA B 244 -10.81 -13.28 7.03
N PHE B 245 -10.37 -14.29 6.29
CA PHE B 245 -11.27 -15.28 5.69
C PHE B 245 -12.07 -16.01 6.74
N SER B 246 -11.40 -16.43 7.82
CA SER B 246 -12.07 -17.15 8.89
C SER B 246 -13.11 -16.27 9.59
N LYS B 247 -12.74 -15.03 9.90
CA LYS B 247 -13.70 -14.13 10.53
C LYS B 247 -14.91 -13.94 9.62
N ALA B 248 -14.68 -13.81 8.31
CA ALA B 248 -15.81 -13.68 7.38
C ALA B 248 -16.77 -14.85 7.52
N ASN B 249 -16.24 -16.08 7.46
CA ASN B 249 -17.11 -17.24 7.59
C ASN B 249 -17.79 -17.30 8.97
N ILE B 250 -17.09 -16.84 10.01
CA ILE B 250 -17.68 -16.73 11.33
C ILE B 250 -18.94 -15.88 11.28
N THR B 251 -18.83 -14.70 10.66
CA THR B 251 -19.98 -13.82 10.54
C THR B 251 -21.10 -14.47 9.73
N ASN B 252 -20.75 -15.14 8.64
CA ASN B 252 -21.77 -15.84 7.85
C ASN B 252 -22.59 -16.79 8.73
N GLU B 253 -21.90 -17.72 9.40
CA GLU B 253 -22.61 -18.79 10.11
C GLU B 253 -23.37 -18.25 11.32
N SER B 254 -22.72 -17.37 12.10
CA SER B 254 -23.39 -16.78 13.25
C SER B 254 -24.60 -15.97 12.85
N VAL B 255 -24.58 -15.32 11.68
CA VAL B 255 -25.77 -14.63 11.21
C VAL B 255 -26.85 -15.64 10.84
N ALA B 256 -26.51 -16.61 10.00
CA ALA B 256 -27.52 -17.57 9.56
C ALA B 256 -28.13 -18.33 10.73
N ALA B 257 -27.51 -18.29 11.90
CA ALA B 257 -28.13 -18.85 13.10
C ALA B 257 -29.19 -17.94 13.72
N VAL B 258 -29.22 -16.66 13.37
CA VAL B 258 -30.09 -15.67 14.02
C VAL B 258 -31.55 -15.77 13.59
N PRO B 259 -31.88 -15.92 12.30
CA PRO B 259 -33.30 -16.04 11.93
C PRO B 259 -34.05 -17.13 12.67
N ARG B 260 -33.51 -18.34 12.74
CA ARG B 260 -34.19 -19.43 13.44
C ARG B 260 -34.44 -19.07 14.90
N ILE B 261 -33.42 -18.51 15.57
CA ILE B 261 -33.53 -18.19 16.98
C ILE B 261 -34.60 -17.13 17.21
N TYR B 262 -34.52 -16.02 16.47
CA TYR B 262 -35.50 -14.96 16.60
C TYR B 262 -36.91 -15.45 16.32
N LEU B 263 -37.06 -16.30 15.31
CA LEU B 263 -38.38 -16.80 14.94
C LEU B 263 -38.98 -17.67 16.06
N GLU B 264 -38.21 -18.64 16.57
CA GLU B 264 -38.79 -19.52 17.59
C GLU B 264 -39.11 -18.76 18.88
N GLY B 265 -38.19 -17.88 19.30
CA GLY B 265 -38.48 -17.07 20.49
C GLY B 265 -39.72 -16.22 20.31
N ILE B 266 -39.79 -15.48 19.21
CA ILE B 266 -40.91 -14.58 18.96
C ILE B 266 -42.22 -15.35 18.79
N GLY B 267 -42.15 -16.60 18.31
CA GLY B 267 -43.33 -17.42 18.17
C GLY B 267 -43.90 -17.88 19.50
N PHE B 268 -43.05 -18.43 20.37
CA PHE B 268 -43.51 -18.73 21.72
C PHE B 268 -44.06 -17.47 22.39
N CYS B 269 -43.43 -16.32 22.15
CA CYS B 269 -43.91 -15.07 22.71
C CYS B 269 -45.29 -14.69 22.20
N VAL B 270 -45.56 -14.91 20.91
CA VAL B 270 -46.88 -14.54 20.41
C VAL B 270 -47.94 -15.47 20.97
N LEU B 271 -47.59 -16.75 21.14
CA LEU B 271 -48.54 -17.67 21.77
C LEU B 271 -48.91 -17.18 23.17
N VAL B 272 -47.90 -16.87 23.99
CA VAL B 272 -48.20 -16.49 25.36
C VAL B 272 -48.88 -15.12 25.41
N PHE B 273 -48.48 -14.20 24.53
CA PHE B 273 -49.12 -12.88 24.56
C PHE B 273 -50.57 -12.98 24.13
N ILE B 274 -50.90 -13.86 23.18
CA ILE B 274 -52.28 -13.96 22.75
C ILE B 274 -53.12 -14.62 23.83
N VAL B 275 -52.55 -15.59 24.57
CA VAL B 275 -53.37 -16.22 25.61
C VAL B 275 -53.56 -15.28 26.82
N VAL B 276 -52.54 -14.48 27.15
CA VAL B 276 -52.71 -13.53 28.25
C VAL B 276 -53.58 -12.34 27.83
N PHE B 277 -53.52 -11.95 26.56
CA PHE B 277 -54.47 -10.99 25.99
C PHE B 277 -55.89 -11.56 25.97
N LEU B 278 -56.02 -12.90 25.99
CA LEU B 278 -57.32 -13.55 25.91
C LEU B 278 -57.97 -13.80 27.27
N VAL B 279 -57.18 -14.03 28.33
CA VAL B 279 -57.76 -14.47 29.60
C VAL B 279 -58.78 -13.46 30.12
N LEU B 280 -58.40 -12.18 30.21
CA LEU B 280 -59.29 -11.20 30.84
C LEU B 280 -60.39 -10.75 29.89
N LYS B 281 -60.02 -10.25 28.71
CA LYS B 281 -60.96 -9.84 27.67
C LYS B 281 -60.84 -10.85 26.52
N ASN B 282 -61.87 -11.68 26.36
CA ASN B 282 -61.87 -12.75 25.38
C ASN B 282 -62.81 -12.41 24.23
N GLU B 283 -62.32 -12.56 23.01
CA GLU B 283 -63.14 -12.36 21.81
C GLU B 283 -63.90 -13.60 21.39
N SER B 284 -63.75 -14.71 22.11
CA SER B 284 -64.47 -15.94 21.81
C SER B 284 -64.98 -16.55 23.11
N ASP B 285 -66.27 -16.90 23.14
CA ASP B 285 -66.89 -17.55 24.30
C ASP B 285 -67.23 -18.98 23.93
N ILE B 286 -66.92 -19.91 24.85
CA ILE B 286 -67.19 -21.35 24.78
C ILE B 286 -66.57 -22.01 23.54
N SER B 287 -66.58 -21.33 22.39
CA SER B 287 -66.18 -21.94 21.13
C SER B 287 -64.98 -21.22 20.54
N GLY B 288 -64.03 -22.00 20.05
CA GLY B 288 -62.83 -21.46 19.42
C GLY B 288 -61.63 -21.35 20.33
N ILE B 289 -61.80 -21.55 21.64
CA ILE B 289 -60.67 -21.46 22.55
C ILE B 289 -59.60 -22.49 22.20
N LEU B 290 -60.01 -23.69 21.80
CA LEU B 290 -59.11 -24.72 21.31
C LEU B 290 -59.04 -24.78 19.79
N SER B 291 -60.17 -24.53 19.11
CA SER B 291 -60.19 -24.64 17.64
C SER B 291 -59.26 -23.63 16.99
N THR B 292 -58.96 -22.52 17.67
CA THR B 292 -58.08 -21.51 17.12
C THR B 292 -56.68 -21.53 17.70
N ILE B 293 -56.43 -22.34 18.73
CA ILE B 293 -55.07 -22.50 19.23
C ILE B 293 -54.42 -23.75 18.67
N SER B 294 -55.19 -24.84 18.52
CA SER B 294 -54.63 -26.11 18.04
C SER B 294 -54.10 -25.99 16.62
N ILE B 295 -54.98 -25.67 15.66
CA ILE B 295 -54.56 -25.58 14.27
C ILE B 295 -53.55 -24.45 14.08
N PHE B 296 -53.74 -23.35 14.80
CA PHE B 296 -52.86 -22.20 14.66
C PHE B 296 -51.43 -22.52 15.12
N VAL B 297 -51.28 -23.18 16.27
CA VAL B 297 -49.96 -23.58 16.72
C VAL B 297 -49.39 -24.69 15.84
N LEU B 298 -50.24 -25.64 15.42
CA LEU B 298 -49.78 -26.76 14.62
C LEU B 298 -49.30 -26.32 13.25
N ALA B 299 -49.82 -25.21 12.74
CA ALA B 299 -49.37 -24.71 11.46
C ALA B 299 -48.25 -23.67 11.60
N LEU B 300 -48.21 -22.94 12.71
CA LEU B 300 -47.07 -22.07 12.98
C LEU B 300 -45.81 -22.89 13.18
N TYR B 301 -45.94 -24.06 13.81
CA TYR B 301 -44.82 -24.95 14.02
C TYR B 301 -44.28 -25.51 12.72
N ARG B 302 -45.01 -25.38 11.61
CA ARG B 302 -44.50 -25.77 10.30
C ARG B 302 -44.08 -24.57 9.45
N LEU B 303 -44.71 -23.41 9.66
CA LEU B 303 -44.30 -22.20 8.95
C LEU B 303 -42.96 -21.68 9.44
N MET B 304 -42.66 -21.83 10.73
CA MET B 304 -41.37 -21.34 11.23
C MET B 304 -40.18 -22.01 10.53
N PRO B 305 -40.13 -23.33 10.36
CA PRO B 305 -39.00 -23.91 9.62
C PRO B 305 -38.83 -23.36 8.21
N SER B 306 -39.90 -23.32 7.43
CA SER B 306 -39.76 -22.85 6.05
C SER B 306 -39.46 -21.35 6.01
N ALA B 307 -39.88 -20.59 7.02
CA ALA B 307 -39.54 -19.17 7.05
C ALA B 307 -38.05 -18.98 7.32
N ASN B 308 -37.54 -19.65 8.35
CA ASN B 308 -36.10 -19.63 8.58
C ASN B 308 -35.35 -20.09 7.34
N ARG B 309 -35.89 -21.10 6.65
CA ARG B 309 -35.27 -21.61 5.44
C ARG B 309 -35.15 -20.53 4.38
N ILE B 310 -36.28 -19.89 4.04
CA ILE B 310 -36.27 -18.85 3.01
C ILE B 310 -35.29 -17.74 3.38
N ILE B 311 -35.35 -17.29 4.64
CA ILE B 311 -34.51 -16.17 5.07
C ILE B 311 -33.03 -16.53 4.93
N THR B 312 -32.62 -17.63 5.56
CA THR B 312 -31.22 -17.99 5.54
C THR B 312 -30.75 -18.36 4.13
N SER B 313 -31.66 -18.82 3.26
CA SER B 313 -31.27 -19.20 1.91
C SER B 313 -31.02 -17.97 1.05
N TYR B 314 -31.93 -16.99 1.09
CA TYR B 314 -31.64 -15.71 0.45
C TYR B 314 -30.32 -15.14 0.97
N HIS B 315 -30.05 -15.31 2.27
CA HIS B 315 -28.83 -14.75 2.82
C HIS B 315 -27.58 -15.49 2.31
N ASP B 316 -27.67 -16.80 2.13
CA ASP B 316 -26.59 -17.51 1.43
C ASP B 316 -26.41 -16.95 0.03
N LEU B 317 -27.52 -16.70 -0.66
CA LEU B 317 -27.43 -16.12 -2.00
C LEU B 317 -26.81 -14.74 -1.98
N LEU B 318 -26.83 -14.08 -0.83
CA LEU B 318 -26.08 -12.84 -0.73
C LEU B 318 -24.60 -13.09 -0.46
N TYR B 319 -24.28 -13.97 0.49
CA TYR B 319 -22.90 -14.19 0.91
C TYR B 319 -22.03 -14.65 -0.27
N TYR B 320 -22.27 -15.88 -0.75
CA TYR B 320 -21.42 -16.46 -1.78
C TYR B 320 -21.72 -15.90 -3.16
N HIS B 321 -22.99 -15.89 -3.57
CA HIS B 321 -23.36 -15.54 -4.93
C HIS B 321 -22.71 -14.25 -5.41
N SER B 322 -23.01 -13.12 -4.75
CA SER B 322 -22.40 -11.87 -5.15
C SER B 322 -20.90 -12.04 -5.35
N SER B 323 -20.23 -12.73 -4.42
CA SER B 323 -18.77 -12.84 -4.45
C SER B 323 -18.28 -13.56 -5.70
N LEU B 324 -18.89 -14.69 -6.10
CA LEU B 324 -18.31 -15.56 -7.14
C LEU B 324 -19.21 -15.91 -8.31
N ASN B 325 -20.53 -15.89 -8.15
CA ASN B 325 -21.44 -15.87 -9.28
C ASN B 325 -21.03 -14.83 -10.31
N ILE B 326 -20.63 -13.64 -9.84
CA ILE B 326 -20.14 -12.61 -10.75
C ILE B 326 -18.83 -13.05 -11.37
N ILE B 327 -17.94 -13.65 -10.57
CA ILE B 327 -16.69 -14.16 -11.13
C ILE B 327 -16.97 -15.11 -12.26
N TYR B 328 -18.05 -15.88 -12.16
CA TYR B 328 -18.29 -16.90 -13.18
C TYR B 328 -18.89 -16.31 -14.44
N GLN B 329 -19.94 -15.50 -14.28
CA GLN B 329 -20.42 -14.76 -15.44
C GLN B 329 -19.24 -14.11 -16.15
N ASN B 330 -18.33 -13.46 -15.40
CA ASN B 330 -17.20 -12.79 -16.01
C ASN B 330 -16.25 -13.77 -16.69
N LEU B 331 -16.07 -14.98 -16.14
CA LEU B 331 -15.11 -15.92 -16.70
C LEU B 331 -15.71 -16.78 -17.79
N ARG B 332 -16.99 -16.63 -18.09
CA ARG B 332 -17.55 -17.33 -19.23
C ARG B 332 -17.71 -16.45 -20.45
N GLN B 333 -17.78 -15.13 -20.28
CA GLN B 333 -17.67 -14.22 -21.41
C GLN B 333 -16.20 -13.91 -21.53
N GLU B 334 -15.51 -14.63 -22.39
CA GLU B 334 -14.07 -14.45 -22.56
C GLU B 334 -13.68 -14.85 -23.99
N GLU B 335 -12.68 -14.16 -24.52
CA GLU B 335 -12.21 -14.44 -25.87
C GLU B 335 -11.65 -15.85 -25.98
N GLU B 336 -12.35 -16.73 -26.68
CA GLU B 336 -11.77 -18.00 -27.09
C GLU B 336 -11.11 -17.84 -28.45
N ASN B 337 -10.73 -18.95 -29.05
CA ASN B 337 -10.10 -18.97 -30.36
C ASN B 337 -11.14 -19.48 -31.39
N ALA B 338 -10.82 -20.48 -32.23
CA ALA B 338 -11.66 -21.11 -33.24
C ALA B 338 -10.77 -22.00 -34.10
N ALA B 339 -11.01 -22.02 -35.42
CA ALA B 339 -10.18 -22.60 -36.49
C ALA B 339 -10.53 -24.05 -36.80
N GLU B 340 -10.27 -24.47 -38.03
CA GLU B 340 -10.54 -25.83 -38.43
C GLU B 340 -9.92 -26.17 -39.78
N GLY B 341 -9.66 -25.14 -40.58
CA GLY B 341 -9.10 -25.32 -41.90
C GLY B 341 -7.76 -26.00 -41.82
N LYS B 342 -7.25 -26.43 -42.96
CA LYS B 342 -5.95 -27.08 -43.02
C LYS B 342 -4.94 -26.14 -43.66
N LEU B 343 -3.67 -26.34 -43.33
CA LEU B 343 -2.57 -25.58 -43.90
C LEU B 343 -1.52 -26.54 -44.43
N SER B 344 -1.15 -26.35 -45.70
CA SER B 344 -0.11 -27.12 -46.34
C SER B 344 1.10 -26.24 -46.55
N PHE B 345 2.27 -26.70 -46.10
CA PHE B 345 3.49 -25.92 -46.06
C PHE B 345 4.58 -26.68 -46.81
N ASN B 346 4.73 -26.40 -48.11
CA ASN B 346 5.69 -27.14 -48.92
C ASN B 346 6.67 -26.25 -49.67
N GLN B 347 6.65 -24.94 -49.47
CA GLN B 347 7.52 -24.06 -50.24
C GLN B 347 8.11 -22.92 -49.39
N GLU B 348 7.28 -21.94 -49.05
CA GLU B 348 7.76 -20.76 -48.34
C GLU B 348 6.81 -20.41 -47.21
N LEU B 349 7.29 -19.50 -46.35
CA LEU B 349 6.61 -19.03 -45.15
C LEU B 349 6.85 -17.53 -45.14
N LYS B 350 6.04 -16.80 -45.90
CA LYS B 350 6.19 -15.36 -45.94
C LYS B 350 5.57 -14.75 -44.68
N ILE B 351 6.14 -13.62 -44.25
CA ILE B 351 5.67 -12.94 -43.06
C ILE B 351 4.95 -11.66 -43.45
N CYS B 352 5.71 -10.70 -44.02
CA CYS B 352 5.12 -9.56 -44.71
C CYS B 352 4.37 -8.59 -43.80
N ASN B 353 4.89 -7.37 -43.64
CA ASN B 353 4.18 -6.23 -43.08
C ASN B 353 3.90 -6.39 -41.60
N LEU B 354 4.73 -7.16 -40.89
CA LEU B 354 4.39 -7.63 -39.55
C LEU B 354 4.52 -6.51 -38.53
N SER B 355 3.40 -6.07 -37.97
CA SER B 355 3.38 -5.09 -36.90
C SER B 355 2.76 -5.73 -35.67
N PHE B 356 3.38 -5.51 -34.51
CA PHE B 356 2.85 -6.08 -33.28
C PHE B 356 3.33 -5.29 -32.08
N GLY B 357 2.41 -4.99 -31.18
CA GLY B 357 2.74 -4.69 -29.81
C GLY B 357 1.84 -5.49 -28.90
N TYR B 358 2.22 -5.58 -27.63
CA TYR B 358 1.36 -6.27 -26.69
C TYR B 358 0.12 -5.42 -26.41
N GLU B 359 -1.00 -6.09 -26.12
CA GLU B 359 -2.37 -5.56 -26.21
C GLU B 359 -2.53 -4.10 -25.84
N GLY B 360 -1.68 -3.58 -24.96
CA GLY B 360 -1.78 -2.17 -24.65
C GLY B 360 -0.51 -1.38 -24.91
N LYS B 361 0.55 -2.06 -25.35
CA LYS B 361 1.88 -1.49 -25.31
C LYS B 361 2.25 -0.78 -26.61
N LYS B 362 3.40 -0.09 -26.56
CA LYS B 362 4.04 0.44 -27.75
C LYS B 362 4.50 -0.69 -28.65
N TYR B 363 4.73 -0.35 -29.92
CA TYR B 363 5.07 -1.38 -30.88
C TYR B 363 6.49 -1.91 -30.65
N LEU B 364 6.71 -3.16 -31.05
CA LEU B 364 8.03 -3.76 -31.08
C LEU B 364 8.54 -3.99 -32.48
N PHE B 365 7.67 -3.95 -33.50
CA PHE B 365 8.06 -4.28 -34.88
C PHE B 365 7.73 -3.19 -35.89
N LYS B 366 6.45 -2.97 -36.18
CA LYS B 366 6.02 -2.02 -37.22
C LYS B 366 6.55 -2.41 -38.60
N ASN B 367 5.75 -3.20 -39.32
CA ASN B 367 5.99 -3.67 -40.68
C ASN B 367 7.44 -4.09 -40.92
N LEU B 368 7.82 -5.16 -40.23
CA LEU B 368 9.02 -5.87 -40.66
C LEU B 368 8.63 -6.85 -41.76
N ASN B 369 9.63 -7.28 -42.52
CA ASN B 369 9.35 -8.20 -43.61
C ASN B 369 10.35 -9.35 -43.61
N LEU B 370 9.83 -10.55 -43.86
CA LEU B 370 10.60 -11.77 -43.83
C LEU B 370 9.88 -12.79 -44.69
N ASN B 371 10.64 -13.76 -45.21
CA ASN B 371 10.06 -14.88 -45.94
C ASN B 371 11.02 -16.05 -45.84
N ILE B 372 10.62 -17.09 -45.11
CA ILE B 372 11.46 -18.24 -44.82
C ILE B 372 10.99 -19.35 -45.76
N LYS B 373 11.75 -19.61 -46.81
CA LYS B 373 11.48 -20.77 -47.65
C LYS B 373 11.60 -22.04 -46.83
N LYS B 374 10.90 -23.09 -47.27
CA LYS B 374 10.88 -24.32 -46.50
C LYS B 374 12.29 -24.85 -46.29
N GLY B 375 12.55 -25.42 -45.12
CA GLY B 375 13.86 -25.95 -44.80
C GLY B 375 14.96 -24.94 -44.61
N GLU B 376 14.66 -23.64 -44.65
CA GLU B 376 15.73 -22.63 -44.67
C GLU B 376 16.63 -22.70 -43.44
N LYS B 377 16.05 -22.92 -42.26
CA LYS B 377 16.80 -22.88 -41.01
C LYS B 377 17.51 -21.53 -40.84
N ILE B 378 16.77 -20.51 -40.42
CA ILE B 378 17.33 -19.20 -40.13
C ILE B 378 17.59 -19.08 -38.64
N ALA B 379 17.99 -17.89 -38.18
CA ALA B 379 18.23 -17.69 -36.76
C ALA B 379 18.21 -16.20 -36.45
N PHE B 380 17.62 -15.86 -35.31
CA PHE B 380 17.54 -14.49 -34.83
C PHE B 380 18.57 -14.24 -33.73
N ILE B 381 19.24 -13.09 -33.82
CA ILE B 381 20.13 -12.63 -32.75
C ILE B 381 19.86 -11.15 -32.51
N GLY B 382 19.86 -10.76 -31.25
CA GLY B 382 19.69 -9.37 -30.85
C GLY B 382 20.16 -9.20 -29.42
N GLU B 383 20.00 -7.98 -28.91
CA GLU B 383 20.35 -7.71 -27.52
C GLU B 383 19.19 -8.02 -26.60
N SER B 384 19.53 -8.44 -25.38
CA SER B 384 18.54 -8.88 -24.39
C SER B 384 17.38 -7.92 -24.20
N GLY B 385 16.21 -8.26 -24.73
CA GLY B 385 15.02 -7.46 -24.50
C GLY B 385 14.45 -6.75 -25.70
N CYS B 386 15.08 -6.85 -26.88
CA CYS B 386 14.52 -6.18 -28.04
C CYS B 386 13.39 -6.97 -28.69
N GLY B 387 13.19 -8.23 -28.30
CA GLY B 387 11.96 -8.92 -28.65
C GLY B 387 12.06 -9.96 -29.75
N LYS B 388 13.08 -10.82 -29.73
CA LYS B 388 13.18 -11.90 -30.71
C LYS B 388 12.19 -13.00 -30.38
N SER B 389 12.01 -13.29 -29.09
CA SER B 389 11.02 -14.29 -28.72
C SER B 389 9.62 -13.86 -29.10
N THR B 390 9.36 -12.55 -29.10
CA THR B 390 8.05 -12.07 -29.54
C THR B 390 7.85 -12.33 -31.03
N LEU B 391 8.88 -12.09 -31.82
CA LEU B 391 8.80 -12.40 -33.24
C LEU B 391 8.54 -13.88 -33.45
N VAL B 392 9.24 -14.73 -32.70
CA VAL B 392 9.03 -16.16 -32.87
C VAL B 392 7.62 -16.56 -32.45
N ASP B 393 7.14 -15.97 -31.33
CA ASP B 393 5.78 -16.25 -30.88
C ASP B 393 4.75 -15.81 -31.92
N LEU B 394 5.10 -14.84 -32.76
CA LEU B 394 4.23 -14.50 -33.89
C LEU B 394 4.37 -15.49 -35.03
N ILE B 395 5.58 -15.99 -35.30
CA ILE B 395 5.79 -16.84 -36.46
C ILE B 395 5.25 -18.25 -36.22
N ILE B 396 5.06 -18.66 -34.97
CA ILE B 396 4.29 -19.87 -34.70
C ILE B 396 2.86 -19.43 -34.40
N GLY B 397 2.02 -20.35 -33.95
CA GLY B 397 0.60 -20.07 -33.94
C GLY B 397 0.11 -18.90 -33.11
N LEU B 398 0.46 -18.88 -31.82
CA LEU B 398 -0.07 -17.90 -30.89
C LEU B 398 0.35 -16.49 -31.29
N LEU B 399 -0.19 -15.48 -30.60
CA LEU B 399 0.10 -14.08 -30.92
C LEU B 399 -0.35 -13.65 -32.31
N LYS B 400 -1.39 -12.78 -32.38
CA LYS B 400 -1.96 -12.27 -33.63
C LYS B 400 -1.41 -10.90 -33.95
N PRO B 401 -0.96 -10.67 -35.18
CA PRO B 401 -0.33 -9.40 -35.52
C PRO B 401 -1.32 -8.25 -35.57
N LYS B 402 -0.79 -7.05 -35.34
CA LYS B 402 -1.59 -5.84 -35.38
C LYS B 402 -1.87 -5.39 -36.81
N GLU B 403 -0.91 -5.58 -37.72
CA GLU B 403 -1.08 -5.18 -39.11
C GLU B 403 -0.62 -6.24 -40.11
N GLY B 404 0.28 -7.13 -39.71
CA GLY B 404 0.86 -8.07 -40.64
C GLY B 404 -0.08 -9.17 -41.07
N GLN B 405 0.50 -10.23 -41.65
CA GLN B 405 -0.31 -11.34 -42.14
C GLN B 405 0.29 -12.70 -41.77
N ILE B 406 1.53 -12.96 -42.20
CA ILE B 406 2.16 -14.28 -42.13
C ILE B 406 1.46 -15.28 -43.02
N LEU B 407 2.13 -15.68 -44.10
CA LEU B 407 1.53 -16.47 -45.17
C LEU B 407 2.31 -17.77 -45.34
N ILE B 408 1.61 -18.90 -45.23
CA ILE B 408 2.22 -20.22 -45.39
C ILE B 408 1.94 -20.67 -46.82
N ASP B 409 3.00 -20.77 -47.63
CA ASP B 409 2.87 -21.08 -49.05
C ASP B 409 1.81 -20.20 -49.70
N LYS B 410 1.91 -18.90 -49.40
CA LYS B 410 1.01 -17.89 -49.97
C LYS B 410 -0.45 -18.19 -49.62
N GLN B 411 -0.68 -18.47 -48.34
CA GLN B 411 -2.03 -18.62 -47.79
C GLN B 411 -2.02 -17.96 -46.41
N GLU B 412 -3.00 -17.11 -46.16
CA GLU B 412 -2.99 -16.28 -44.96
C GLU B 412 -3.21 -17.14 -43.73
N LEU B 413 -2.27 -17.07 -42.79
CA LEU B 413 -2.41 -17.76 -41.52
C LEU B 413 -3.34 -16.95 -40.63
N ASN B 414 -4.44 -17.56 -40.21
CA ASN B 414 -5.41 -16.88 -39.36
C ASN B 414 -6.14 -17.91 -38.53
N ALA B 415 -7.09 -17.44 -37.74
CA ALA B 415 -7.83 -18.30 -36.83
C ALA B 415 -8.84 -19.15 -37.56
N SER B 416 -8.63 -19.42 -38.83
CA SER B 416 -9.40 -20.47 -39.47
C SER B 416 -8.57 -21.73 -39.64
N ASN B 417 -7.26 -21.62 -39.53
CA ASN B 417 -6.37 -22.74 -39.74
C ASN B 417 -5.25 -22.81 -38.72
N ALA B 418 -5.18 -21.87 -37.78
CA ALA B 418 -4.07 -21.81 -36.84
C ALA B 418 -3.91 -23.11 -36.08
N LYS B 419 -5.02 -23.79 -35.80
CA LYS B 419 -4.99 -25.09 -35.14
C LYS B 419 -4.03 -26.04 -35.84
N ASN B 420 -4.35 -26.37 -37.09
CA ASN B 420 -3.53 -27.28 -37.88
C ASN B 420 -2.12 -26.75 -38.07
N TYR B 421 -1.95 -25.43 -38.02
CA TYR B 421 -0.63 -24.83 -38.18
C TYR B 421 0.24 -25.09 -36.95
N ARG B 422 -0.22 -24.64 -35.78
CA ARG B 422 0.41 -24.98 -34.51
C ARG B 422 0.75 -26.45 -34.42
N GLN B 423 -0.08 -27.32 -34.99
CA GLN B 423 0.22 -28.75 -34.99
C GLN B 423 1.63 -29.06 -35.52
N LYS B 424 2.21 -28.16 -36.31
CA LYS B 424 3.50 -28.40 -36.94
C LYS B 424 4.69 -27.83 -36.16
N ILE B 425 4.49 -27.28 -34.97
CA ILE B 425 5.58 -26.61 -34.26
C ILE B 425 6.19 -27.56 -33.24
N GLY B 426 7.50 -27.70 -33.29
CA GLY B 426 8.24 -28.28 -32.18
C GLY B 426 8.94 -27.16 -31.43
N TYR B 427 8.51 -26.86 -30.21
CA TYR B 427 8.86 -25.59 -29.57
C TYR B 427 10.23 -25.59 -28.89
N ILE B 428 10.37 -26.30 -27.77
CA ILE B 428 11.50 -26.13 -26.83
C ILE B 428 11.50 -24.71 -26.25
N PRO B 429 11.08 -24.52 -25.00
CA PRO B 429 11.03 -23.18 -24.42
C PRO B 429 12.37 -22.76 -23.82
N GLN B 430 12.47 -21.47 -23.52
CA GLN B 430 13.61 -20.96 -22.77
C GLN B 430 13.65 -21.62 -21.39
N ASN B 431 12.59 -21.41 -20.62
CA ASN B 431 12.41 -22.06 -19.34
C ASN B 431 11.48 -23.25 -19.51
N ILE B 432 11.91 -24.40 -19.02
CA ILE B 432 11.25 -25.67 -19.28
C ILE B 432 10.50 -26.05 -18.02
N TYR B 433 9.21 -26.29 -18.15
CA TYR B 433 8.42 -26.92 -17.10
C TYR B 433 8.14 -28.37 -17.48
N LEU B 434 8.78 -29.28 -16.76
CA LEU B 434 8.51 -30.71 -16.90
C LEU B 434 7.60 -31.13 -15.76
N PHE B 435 6.36 -31.47 -16.10
CA PHE B 435 5.44 -31.95 -15.08
C PHE B 435 5.94 -33.25 -14.47
N ASN B 436 5.55 -33.47 -13.23
CA ASN B 436 6.17 -34.47 -12.36
C ASN B 436 5.60 -35.85 -12.62
N ASP B 437 6.13 -36.50 -13.65
CA ASP B 437 5.79 -37.89 -13.90
C ASP B 437 6.95 -38.53 -14.67
N SER B 438 6.67 -39.61 -15.39
CA SER B 438 7.69 -40.37 -16.08
C SER B 438 8.52 -39.48 -17.00
N ILE B 439 9.82 -39.80 -17.12
CA ILE B 439 10.64 -39.16 -18.13
C ILE B 439 10.21 -39.54 -19.54
N ALA B 440 9.37 -40.57 -19.66
CA ALA B 440 8.76 -40.87 -20.96
C ALA B 440 7.72 -39.82 -21.32
N LYS B 441 6.68 -39.70 -20.49
CA LYS B 441 5.84 -38.52 -20.57
C LYS B 441 6.69 -37.28 -20.36
N ASN B 442 6.11 -36.11 -20.64
CA ASN B 442 6.88 -34.91 -20.98
C ASN B 442 7.41 -35.09 -22.39
N ILE B 443 8.38 -35.99 -22.59
CA ILE B 443 8.87 -36.26 -23.93
C ILE B 443 7.71 -36.65 -24.84
N THR B 444 6.88 -37.59 -24.40
CA THR B 444 5.69 -37.90 -25.18
C THR B 444 4.60 -36.85 -24.98
N PHE B 445 4.48 -36.31 -23.75
CA PHE B 445 3.42 -35.37 -23.38
C PHE B 445 2.04 -36.01 -23.57
N GLY B 446 1.92 -37.29 -23.22
CA GLY B 446 0.66 -38.00 -23.21
C GLY B 446 0.41 -38.93 -24.38
N ASP B 447 0.77 -38.49 -25.59
CA ASP B 447 0.36 -39.14 -26.82
C ASP B 447 0.90 -40.57 -26.94
N ALA B 448 0.43 -41.48 -26.08
CA ALA B 448 0.85 -42.87 -26.10
C ALA B 448 2.37 -42.97 -25.97
N VAL B 449 2.93 -44.13 -26.34
CA VAL B 449 4.38 -44.30 -26.43
C VAL B 449 4.70 -45.25 -27.58
N ASP B 450 5.49 -44.78 -28.54
CA ASP B 450 6.01 -45.62 -29.62
C ASP B 450 7.47 -45.90 -29.30
N GLU B 451 7.77 -47.15 -28.95
CA GLU B 451 9.04 -47.48 -28.32
C GLU B 451 10.22 -46.93 -29.10
N GLU B 452 10.40 -47.39 -30.35
CA GLU B 452 11.56 -47.00 -31.13
C GLU B 452 11.63 -45.49 -31.28
N LYS B 453 10.48 -44.83 -31.42
CA LYS B 453 10.49 -43.38 -31.57
C LYS B 453 10.96 -42.70 -30.29
N LEU B 454 10.47 -43.16 -29.14
CA LEU B 454 10.92 -42.60 -27.88
C LEU B 454 12.42 -42.80 -27.72
N ASN B 455 12.92 -43.99 -28.01
CA ASN B 455 14.35 -44.25 -27.80
C ASN B 455 15.22 -43.45 -28.75
N LYS B 456 14.82 -43.35 -30.03
CA LYS B 456 15.57 -42.53 -30.98
C LYS B 456 15.59 -41.08 -30.56
N VAL B 457 14.48 -40.59 -30.02
CA VAL B 457 14.43 -39.20 -29.56
C VAL B 457 15.31 -39.02 -28.33
N ILE B 458 15.30 -39.99 -27.42
CA ILE B 458 16.21 -39.96 -26.28
C ILE B 458 17.66 -39.86 -26.75
N LYS B 459 18.02 -40.70 -27.71
CA LYS B 459 19.39 -40.77 -28.19
C LYS B 459 19.77 -39.53 -28.98
N GLN B 460 18.80 -38.85 -29.60
CA GLN B 460 19.10 -37.62 -30.31
C GLN B 460 19.39 -36.47 -29.36
N ALA B 461 18.68 -36.40 -28.23
CA ALA B 461 18.96 -35.46 -27.16
C ALA B 461 20.08 -35.94 -26.23
N ASN B 462 20.99 -36.77 -26.74
CA ASN B 462 22.06 -37.44 -25.99
C ASN B 462 21.74 -37.72 -24.52
N LEU B 463 20.46 -37.74 -24.17
CA LEU B 463 20.03 -38.17 -22.84
C LEU B 463 20.24 -39.66 -22.59
N GLU B 464 20.73 -40.43 -23.57
CA GLU B 464 20.76 -41.89 -23.43
C GLU B 464 21.69 -42.33 -22.30
N HIS B 465 22.86 -41.68 -22.19
CA HIS B 465 23.74 -41.96 -21.06
C HIS B 465 23.00 -41.78 -19.74
N PHE B 466 22.23 -40.70 -19.62
CA PHE B 466 21.48 -40.44 -18.40
C PHE B 466 20.52 -41.58 -18.08
N ILE B 467 19.60 -41.89 -19.00
CA ILE B 467 18.57 -42.87 -18.68
C ILE B 467 19.06 -44.30 -18.74
N LYS B 468 20.32 -44.52 -19.12
CA LYS B 468 20.88 -45.86 -19.02
C LYS B 468 21.18 -46.20 -17.56
N ASN B 469 22.16 -45.53 -16.97
CA ASN B 469 22.56 -45.78 -15.58
C ASN B 469 21.52 -45.29 -14.54
N LEU B 470 20.34 -44.91 -14.99
CA LEU B 470 19.27 -44.56 -14.08
C LEU B 470 18.58 -45.83 -13.59
N PRO B 471 18.22 -45.90 -12.28
CA PRO B 471 17.50 -47.08 -11.77
C PRO B 471 16.30 -47.49 -12.62
N GLN B 472 15.23 -46.71 -12.62
CA GLN B 472 14.11 -47.05 -13.48
C GLN B 472 14.27 -46.53 -14.91
N GLY B 473 15.37 -45.85 -15.22
CA GLY B 473 15.65 -45.49 -16.60
C GLY B 473 14.59 -44.55 -17.15
N VAL B 474 14.02 -44.93 -18.29
CA VAL B 474 13.09 -44.09 -19.05
C VAL B 474 11.79 -43.91 -18.28
N GLN B 475 11.71 -44.50 -17.08
CA GLN B 475 10.51 -44.42 -16.28
C GLN B 475 10.67 -43.53 -15.05
N THR B 476 11.89 -43.26 -14.61
CA THR B 476 12.13 -42.46 -13.42
C THR B 476 11.42 -41.12 -13.52
N LYS B 477 10.61 -40.82 -12.50
CA LYS B 477 9.80 -39.61 -12.53
C LYS B 477 10.69 -38.37 -12.42
N VAL B 478 10.13 -37.23 -12.86
CA VAL B 478 10.94 -36.06 -13.16
C VAL B 478 10.95 -35.01 -12.04
N GLY B 479 10.10 -35.15 -11.04
CA GLY B 479 10.01 -34.15 -9.99
C GLY B 479 9.16 -32.96 -10.42
N ASP B 480 8.76 -32.17 -9.44
CA ASP B 480 7.85 -31.06 -9.70
C ASP B 480 8.52 -30.01 -10.57
N GLY B 481 7.92 -29.74 -11.73
CA GLY B 481 8.47 -28.76 -12.65
C GLY B 481 9.82 -29.13 -13.21
N GLY B 482 10.23 -30.37 -13.00
CA GLY B 482 11.58 -30.78 -13.35
C GLY B 482 12.60 -30.47 -12.28
N SER B 483 12.17 -30.36 -11.03
CA SER B 483 13.08 -29.98 -9.95
C SER B 483 14.08 -31.08 -9.69
N ASN B 484 13.64 -32.34 -9.71
CA ASN B 484 14.52 -33.45 -9.39
C ASN B 484 15.58 -33.72 -10.46
N LEU B 485 15.68 -32.90 -11.48
CA LEU B 485 16.71 -33.03 -12.51
C LEU B 485 17.75 -31.94 -12.35
N SER B 486 18.62 -31.85 -13.34
CA SER B 486 19.45 -30.68 -13.58
C SER B 486 18.83 -29.84 -14.68
N GLY B 487 19.34 -28.61 -14.82
CA GLY B 487 18.86 -27.75 -15.89
C GLY B 487 19.12 -28.35 -17.26
N GLY B 488 20.32 -28.92 -17.45
CA GLY B 488 20.64 -29.51 -18.74
C GLY B 488 19.84 -30.75 -19.05
N GLN B 489 19.53 -31.56 -18.03
CA GLN B 489 18.65 -32.70 -18.23
C GLN B 489 17.25 -32.24 -18.62
N LYS B 490 16.74 -31.21 -17.94
CA LYS B 490 15.46 -30.61 -18.30
C LYS B 490 15.47 -30.15 -19.75
N GLN B 491 16.53 -29.46 -20.15
CA GLN B 491 16.60 -28.90 -21.49
C GLN B 491 16.64 -29.99 -22.55
N ARG B 492 17.46 -31.02 -22.35
CA ARG B 492 17.51 -32.10 -23.32
C ARG B 492 16.19 -32.86 -23.36
N ILE B 493 15.49 -32.96 -22.23
CA ILE B 493 14.14 -33.53 -22.26
C ILE B 493 13.22 -32.67 -23.11
N ALA B 494 13.28 -31.35 -22.96
CA ALA B 494 12.43 -30.48 -23.77
C ALA B 494 12.79 -30.58 -25.25
N ILE B 495 14.07 -30.70 -25.56
CA ILE B 495 14.49 -30.97 -26.92
C ILE B 495 13.81 -32.25 -27.41
N ALA B 496 13.80 -33.28 -26.56
CA ALA B 496 13.11 -34.53 -26.89
C ALA B 496 11.61 -34.35 -27.04
N ARG B 497 11.03 -33.47 -26.23
CA ARG B 497 9.63 -33.04 -26.37
C ARG B 497 9.35 -32.60 -27.79
N ALA B 498 10.10 -31.59 -28.25
CA ALA B 498 9.86 -31.01 -29.57
C ALA B 498 10.22 -31.98 -30.68
N LEU B 499 11.19 -32.86 -30.43
CA LEU B 499 11.54 -33.84 -31.44
C LEU B 499 10.44 -34.87 -31.59
N TYR B 500 9.91 -35.36 -30.48
CA TYR B 500 8.90 -36.41 -30.51
C TYR B 500 7.65 -35.99 -31.26
N LEU B 501 7.43 -34.67 -31.41
CA LEU B 501 6.19 -34.16 -31.95
C LEU B 501 6.08 -34.32 -33.46
N GLU B 502 7.12 -34.79 -34.14
CA GLU B 502 7.31 -34.70 -35.58
C GLU B 502 7.65 -33.25 -35.93
N PRO B 503 8.18 -32.98 -37.10
CA PRO B 503 8.84 -31.69 -37.28
C PRO B 503 7.95 -30.61 -37.88
N GLU B 504 8.37 -30.10 -39.05
CA GLU B 504 7.65 -29.10 -39.82
C GLU B 504 7.66 -27.72 -39.18
N ILE B 505 8.85 -27.17 -38.92
CA ILE B 505 9.15 -25.92 -38.18
C ILE B 505 9.63 -26.25 -36.77
N LEU B 506 10.93 -26.08 -36.53
CA LEU B 506 11.58 -26.49 -35.30
C LEU B 506 12.15 -25.26 -34.60
N VAL B 507 11.34 -24.60 -33.78
CA VAL B 507 11.81 -23.44 -33.04
C VAL B 507 12.77 -23.88 -31.94
N LEU B 508 13.67 -22.98 -31.54
CA LEU B 508 14.60 -23.34 -30.47
C LEU B 508 14.56 -22.36 -29.31
N ASP B 509 14.87 -21.09 -29.57
CA ASP B 509 14.85 -20.03 -28.56
C ASP B 509 15.65 -20.42 -27.32
N GLN B 510 16.97 -20.50 -27.52
CA GLN B 510 17.91 -20.90 -26.48
C GLN B 510 17.52 -22.26 -25.90
N ALA B 511 17.64 -23.27 -26.75
CA ALA B 511 17.42 -24.66 -26.38
C ALA B 511 18.69 -25.32 -25.86
N THR B 512 19.80 -24.59 -25.80
CA THR B 512 21.09 -25.16 -25.45
C THR B 512 21.88 -24.27 -24.49
N SER B 513 21.24 -23.27 -23.88
CA SER B 513 21.97 -22.34 -23.02
C SER B 513 22.36 -22.98 -21.69
N ALA B 514 21.59 -23.95 -21.22
CA ALA B 514 21.89 -24.66 -19.98
C ALA B 514 22.81 -25.86 -20.19
N LEU B 515 23.29 -26.09 -21.41
CA LEU B 515 24.21 -27.16 -21.73
C LEU B 515 25.61 -26.62 -21.97
N ASP B 516 26.59 -27.50 -21.79
CA ASP B 516 27.98 -27.11 -22.01
C ASP B 516 28.26 -26.97 -23.50
N THR B 517 29.45 -26.45 -23.81
CA THR B 517 29.84 -26.30 -25.21
C THR B 517 29.83 -27.64 -25.94
N GLN B 518 30.34 -28.68 -25.27
CA GLN B 518 30.48 -29.99 -25.91
C GLN B 518 29.13 -30.65 -26.14
N SER B 519 28.27 -30.65 -25.13
CA SER B 519 26.96 -31.27 -25.31
C SER B 519 26.07 -30.46 -26.24
N GLU B 520 26.28 -29.15 -26.31
CA GLU B 520 25.55 -28.37 -27.31
C GLU B 520 26.02 -28.72 -28.71
N ALA B 521 27.34 -28.85 -28.89
CA ALA B 521 27.87 -29.39 -30.13
C ALA B 521 27.15 -30.69 -30.47
N LYS B 522 27.06 -31.60 -29.50
CA LYS B 522 26.43 -32.89 -29.72
C LYS B 522 24.97 -32.75 -30.17
N ILE B 523 24.19 -31.95 -29.43
CA ILE B 523 22.76 -31.81 -29.73
C ILE B 523 22.56 -31.18 -31.10
N MET B 524 23.20 -30.05 -31.36
CA MET B 524 23.02 -29.39 -32.65
C MET B 524 23.50 -30.27 -33.79
N ASP B 525 24.61 -30.99 -33.61
CA ASP B 525 25.06 -31.90 -34.65
C ASP B 525 24.02 -32.99 -34.91
N GLU B 526 23.39 -33.48 -33.84
CA GLU B 526 22.37 -34.52 -34.04
C GLU B 526 21.15 -33.96 -34.75
N ILE B 527 20.85 -32.68 -34.53
CA ILE B 527 19.61 -32.10 -35.04
C ILE B 527 19.76 -31.67 -36.50
N TYR B 528 20.87 -31.01 -36.83
CA TYR B 528 21.04 -30.45 -38.16
C TYR B 528 21.01 -31.53 -39.24
N LYS B 529 21.45 -32.75 -38.93
CA LYS B 529 21.40 -33.85 -39.88
C LYS B 529 20.05 -34.55 -39.88
N ILE B 530 19.02 -33.90 -39.37
CA ILE B 530 17.67 -34.45 -39.42
C ILE B 530 16.72 -33.31 -39.74
N SER B 531 17.17 -32.07 -39.53
CA SER B 531 16.36 -30.91 -39.84
C SER B 531 16.63 -30.37 -41.24
N LYS B 532 17.25 -31.14 -42.11
CA LYS B 532 17.49 -30.71 -43.48
C LYS B 532 16.31 -31.02 -44.40
N ASP B 533 15.22 -31.57 -43.86
CA ASP B 533 13.97 -31.71 -44.57
C ASP B 533 12.91 -30.72 -44.12
N LYS B 534 13.04 -30.20 -42.91
CA LYS B 534 12.12 -29.22 -42.35
C LYS B 534 12.86 -27.92 -42.09
N THR B 535 12.10 -26.89 -41.76
CA THR B 535 12.67 -25.60 -41.42
C THR B 535 12.79 -25.45 -39.90
N MET B 536 13.64 -24.53 -39.48
CA MET B 536 13.88 -24.31 -38.06
C MET B 536 14.32 -22.87 -37.87
N ILE B 537 14.30 -22.45 -36.61
CA ILE B 537 14.58 -21.08 -36.20
C ILE B 537 15.32 -21.17 -34.87
N ILE B 538 16.59 -20.78 -34.85
CA ILE B 538 17.40 -20.75 -33.65
C ILE B 538 17.40 -19.34 -33.10
N ILE B 539 17.20 -19.20 -31.80
CA ILE B 539 17.45 -17.95 -31.08
C ILE B 539 18.50 -18.27 -30.04
N ALA B 540 19.73 -17.80 -30.26
CA ALA B 540 20.83 -18.12 -29.35
C ALA B 540 21.65 -16.85 -29.15
N HIS B 541 21.81 -16.44 -27.90
CA HIS B 541 22.72 -15.35 -27.59
C HIS B 541 24.16 -15.79 -27.85
N ARG B 542 24.54 -16.94 -27.32
CA ARG B 542 25.86 -17.49 -27.56
C ARG B 542 26.01 -17.91 -29.02
N LEU B 543 27.18 -17.65 -29.59
CA LEU B 543 27.49 -18.03 -30.95
C LEU B 543 27.64 -19.55 -31.04
N SER B 544 28.27 -20.04 -32.10
CA SER B 544 28.56 -21.46 -32.25
C SER B 544 27.29 -22.29 -32.48
N THR B 545 26.23 -22.04 -31.71
CA THR B 545 24.93 -22.62 -32.05
C THR B 545 24.53 -22.24 -33.47
N ILE B 546 24.84 -21.02 -33.88
CA ILE B 546 24.40 -20.46 -35.15
C ILE B 546 25.41 -20.75 -36.24
N THR B 547 26.37 -21.64 -35.98
CA THR B 547 27.41 -21.92 -36.96
C THR B 547 26.82 -22.42 -38.26
N GLN B 548 25.90 -23.38 -38.20
CA GLN B 548 25.37 -24.04 -39.37
C GLN B 548 24.14 -23.34 -39.93
N CYS B 549 23.59 -22.35 -39.23
CA CYS B 549 22.45 -21.62 -39.76
C CYS B 549 22.78 -20.97 -41.10
N ASP B 550 21.75 -20.83 -41.93
CA ASP B 550 21.95 -20.25 -43.24
C ASP B 550 21.85 -18.73 -43.20
N LYS B 551 20.65 -18.19 -43.06
CA LYS B 551 20.48 -16.75 -42.93
C LYS B 551 20.34 -16.41 -41.45
N VAL B 552 21.02 -15.35 -41.02
CA VAL B 552 20.98 -14.91 -39.63
C VAL B 552 20.54 -13.46 -39.59
N TYR B 553 19.38 -13.22 -38.99
CA TYR B 553 18.83 -11.88 -38.91
C TYR B 553 19.05 -11.27 -37.52
N ARG B 554 18.87 -9.94 -37.44
CA ARG B 554 19.18 -9.18 -36.25
C ARG B 554 18.12 -8.12 -35.99
N LEU B 555 17.62 -8.08 -34.77
CA LEU B 555 16.50 -7.25 -34.38
C LEU B 555 16.99 -5.95 -33.74
N GLU B 556 16.28 -4.86 -34.02
CA GLU B 556 16.67 -3.56 -33.50
C GLU B 556 15.41 -2.83 -33.01
N HIS B 557 15.60 -1.54 -32.67
CA HIS B 557 14.46 -0.68 -32.36
C HIS B 557 13.58 -0.50 -33.58
N GLY B 558 14.18 -0.48 -34.77
CA GLY B 558 13.43 -0.58 -36.01
C GLY B 558 13.10 -2.02 -36.33
N LYS B 559 13.02 -2.30 -37.63
CA LYS B 559 12.72 -3.65 -38.10
C LYS B 559 13.98 -4.51 -37.97
N LEU B 560 13.96 -5.68 -38.60
CA LEU B 560 15.12 -6.57 -38.64
C LEU B 560 15.67 -6.57 -40.06
N LYS B 561 17.00 -6.53 -40.18
CA LYS B 561 17.66 -6.64 -41.47
C LYS B 561 18.72 -7.74 -41.42
N GLU B 562 18.84 -8.46 -42.54
CA GLU B 562 19.75 -9.59 -42.66
C GLU B 562 21.17 -9.25 -42.24
N GLU B 563 21.98 -10.26 -41.93
CA GLU B 563 23.38 -10.07 -41.58
C GLU B 563 24.19 -11.26 -42.06
N LYS B 564 25.28 -10.96 -42.78
CA LYS B 564 26.30 -11.97 -43.11
C LYS B 564 27.65 -11.31 -43.29
N MET C 1 -8.25 13.39 16.50
CA MET C 1 -7.06 14.22 16.65
C MET C 1 -5.80 13.36 16.62
N VAL C 2 -5.89 12.15 17.16
CA VAL C 2 -4.84 11.14 16.98
C VAL C 2 -5.22 10.12 15.91
N LYS C 3 -6.52 9.95 15.63
CA LYS C 3 -6.91 9.23 14.43
C LYS C 3 -6.25 9.83 13.21
N LYS C 4 -6.14 11.16 13.18
CA LYS C 4 -5.42 11.84 12.11
C LYS C 4 -3.98 11.34 12.04
N LEU C 5 -3.29 11.35 13.18
CA LEU C 5 -1.91 10.88 13.22
C LEU C 5 -1.79 9.45 12.69
N PHE C 6 -2.58 8.52 13.24
CA PHE C 6 -2.48 7.10 12.89
C PHE C 6 -3.06 6.78 11.51
N PHE C 7 -3.71 7.74 10.85
CA PHE C 7 -4.07 7.65 9.44
C PHE C 7 -2.95 8.16 8.54
N ILE C 8 -2.26 9.22 8.98
CA ILE C 8 -1.01 9.62 8.33
C ILE C 8 -0.01 8.47 8.40
N LEU C 9 0.22 7.95 9.61
CA LEU C 9 1.12 6.82 9.78
C LEU C 9 0.52 5.57 9.15
N SER C 10 1.37 4.81 8.45
CA SER C 10 0.92 3.59 7.82
C SER C 10 0.90 2.43 8.82
N LYS C 11 0.34 1.30 8.38
CA LYS C 11 0.28 0.12 9.24
C LYS C 11 1.65 -0.41 9.64
N GLU C 12 2.75 0.19 9.17
CA GLU C 12 4.10 -0.23 9.54
C GLU C 12 4.70 0.66 10.62
N ASP C 13 4.79 1.97 10.34
CA ASP C 13 5.30 2.90 11.32
C ASP C 13 4.38 3.00 12.54
N LYS C 14 3.12 2.56 12.44
CA LYS C 14 2.31 2.35 13.64
C LYS C 14 2.96 1.31 14.54
N ASN C 15 3.39 0.19 13.95
CA ASN C 15 4.07 -0.85 14.70
C ASN C 15 5.42 -0.37 15.21
N PHE C 16 6.21 0.29 14.34
CA PHE C 16 7.47 0.89 14.77
C PHE C 16 7.25 1.85 15.93
N LEU C 17 6.12 2.55 15.94
CA LEU C 17 5.83 3.54 16.97
C LEU C 17 5.51 2.86 18.30
N PHE C 18 4.59 1.89 18.28
CA PHE C 18 4.31 1.10 19.50
C PHE C 18 5.59 0.48 20.05
N PHE C 19 6.42 -0.07 19.17
CA PHE C 19 7.69 -0.64 19.60
C PHE C 19 8.57 0.40 20.25
N LEU C 20 8.70 1.58 19.63
CA LEU C 20 9.55 2.61 20.20
C LEU C 20 9.03 3.05 21.55
N LEU C 21 7.73 2.97 21.77
CA LEU C 21 7.20 3.29 23.10
C LEU C 21 7.60 2.23 24.12
N VAL C 22 7.55 0.94 23.74
CA VAL C 22 8.02 -0.10 24.65
C VAL C 22 9.52 0.05 24.95
N PHE C 23 10.31 0.38 23.92
CA PHE C 23 11.73 0.58 24.14
C PHE C 23 12.00 1.81 24.99
N SER C 24 11.12 2.82 24.88
CA SER C 24 11.20 3.96 25.79
C SER C 24 10.95 3.52 27.23
N VAL C 25 10.03 2.57 27.41
CA VAL C 25 9.80 1.99 28.73
C VAL C 25 11.08 1.35 29.26
N PHE C 26 11.76 0.57 28.42
CA PHE C 26 12.99 -0.09 28.86
C PHE C 26 14.09 0.92 29.18
N VAL C 27 14.26 1.92 28.31
CA VAL C 27 15.25 2.98 28.55
C VAL C 27 14.95 3.72 29.85
N SER C 28 13.66 3.90 30.14
CA SER C 28 13.27 4.52 31.41
C SER C 28 13.67 3.64 32.58
N PHE C 29 13.36 2.34 32.50
CA PHE C 29 13.77 1.39 33.51
C PHE C 29 15.26 1.51 33.80
N ILE C 30 16.08 1.56 32.74
CA ILE C 30 17.52 1.53 32.91
C ILE C 30 18.07 2.88 33.40
N GLU C 31 17.50 4.00 32.95
CA GLU C 31 17.92 5.31 33.44
C GLU C 31 17.60 5.48 34.92
N THR C 32 16.37 5.14 35.31
CA THR C 32 16.01 5.24 36.72
C THR C 32 16.78 4.21 37.55
N PHE C 33 17.16 3.07 36.96
CA PHE C 33 18.04 2.13 37.67
C PHE C 33 19.40 2.76 37.94
N ALA C 34 19.95 3.45 36.95
CA ALA C 34 21.22 4.15 37.14
C ALA C 34 21.13 5.14 38.30
N ILE C 35 20.12 6.02 38.25
CA ILE C 35 20.04 7.06 39.27
C ILE C 35 19.67 6.49 40.64
N SER C 36 18.89 5.41 40.63
CA SER C 36 18.61 4.65 41.84
C SER C 36 19.87 3.94 42.36
N LEU C 37 20.63 3.40 41.42
CA LEU C 37 21.80 2.57 41.71
C LEU C 37 22.92 3.30 42.43
N VAL C 38 23.13 4.56 42.07
CA VAL C 38 24.32 5.29 42.51
C VAL C 38 24.42 5.46 44.01
N MET C 39 23.30 5.72 44.69
CA MET C 39 23.36 5.97 46.13
C MET C 39 23.90 4.82 46.96
N PRO C 40 23.54 3.55 46.68
CA PRO C 40 24.19 2.45 47.43
C PRO C 40 25.67 2.31 47.15
N PHE C 41 26.18 2.89 46.06
CA PHE C 41 27.61 2.96 45.82
C PHE C 41 28.24 4.18 46.48
N ILE C 42 27.45 5.24 46.69
CA ILE C 42 27.99 6.45 47.30
C ILE C 42 27.92 6.42 48.82
N THR C 43 27.09 5.55 49.40
CA THR C 43 27.03 5.44 50.85
C THR C 43 28.24 4.71 51.42
N LEU C 44 28.96 3.98 50.59
CA LEU C 44 30.20 3.32 51.01
C LEU C 44 31.41 4.19 50.68
N ALA C 45 31.43 5.39 51.28
CA ALA C 45 32.49 6.35 51.01
C ALA C 45 33.30 6.70 52.26
N SER C 46 32.93 7.82 52.88
CA SER C 46 33.62 8.24 54.10
C SER C 46 33.23 7.36 55.28
N ASP C 47 32.02 6.80 55.29
CA ASP C 47 31.54 5.99 56.40
C ASP C 47 31.08 4.63 55.88
N PHE C 48 31.83 3.57 56.24
CA PHE C 48 31.48 2.20 55.91
C PHE C 48 30.50 1.59 56.90
N SER C 49 29.98 2.37 57.85
CA SER C 49 29.14 1.82 58.92
C SER C 49 27.78 1.35 58.43
N TYR C 50 27.43 1.57 57.16
CA TYR C 50 26.15 1.11 56.62
C TYR C 50 26.17 -0.38 56.27
N PHE C 51 27.31 -1.05 56.42
CA PHE C 51 27.38 -2.51 56.28
C PHE C 51 27.09 -3.22 57.59
N ASP C 52 26.71 -2.49 58.64
CA ASP C 52 26.41 -3.07 59.93
C ASP C 52 24.99 -2.82 60.39
N ARG C 53 24.21 -2.03 59.65
CA ARG C 53 22.82 -1.76 60.00
C ARG C 53 21.99 -1.74 58.72
N ASN C 54 20.69 -1.49 58.89
CA ASN C 54 19.69 -1.57 57.82
C ASN C 54 19.58 -3.00 57.31
N LYS C 55 18.40 -3.60 57.47
CA LYS C 55 18.24 -5.05 57.29
C LYS C 55 18.69 -5.50 55.91
N TYR C 56 18.26 -4.79 54.86
CA TYR C 56 18.60 -5.21 53.52
C TYR C 56 20.07 -5.03 53.19
N LEU C 57 20.80 -4.25 53.99
CA LEU C 57 22.19 -3.91 53.70
C LEU C 57 23.18 -4.72 54.51
N ILE C 58 22.73 -5.55 55.45
CA ILE C 58 23.62 -6.30 56.32
C ILE C 58 23.64 -7.80 56.00
N SER C 59 22.67 -8.30 55.24
CA SER C 59 22.63 -9.71 54.88
C SER C 59 23.62 -10.07 53.77
N LEU C 60 24.57 -9.19 53.47
CA LEU C 60 25.58 -9.45 52.45
C LEU C 60 27.02 -9.24 52.92
N LYS C 61 27.25 -8.56 54.03
CA LYS C 61 28.60 -8.38 54.53
C LYS C 61 29.23 -9.74 54.85
N GLU C 62 28.57 -10.52 55.70
CA GLU C 62 29.04 -11.85 56.05
C GLU C 62 28.75 -12.88 54.96
N TYR C 63 28.83 -12.48 53.69
CA TYR C 63 28.77 -13.45 52.59
C TYR C 63 30.02 -14.29 52.53
N LEU C 64 31.16 -13.75 52.98
CA LEU C 64 32.44 -14.43 53.21
C LEU C 64 33.15 -14.86 51.93
N ASN C 65 32.58 -14.65 50.74
CA ASN C 65 33.35 -14.91 49.52
C ASN C 65 34.53 -13.95 49.42
N ILE C 66 34.41 -12.76 50.00
CA ILE C 66 35.43 -11.73 49.96
C ILE C 66 35.36 -10.94 51.26
N PRO C 67 36.49 -10.45 51.80
CA PRO C 67 36.48 -9.88 53.16
C PRO C 67 35.67 -8.59 53.30
N VAL C 68 36.27 -7.45 52.97
CA VAL C 68 35.60 -6.16 53.19
C VAL C 68 36.12 -5.15 52.16
N PHE C 69 37.32 -5.39 51.62
CA PHE C 69 37.90 -4.50 50.64
C PHE C 69 37.58 -4.88 49.20
N GLU C 70 37.14 -6.12 48.96
CA GLU C 70 36.87 -6.58 47.61
C GLU C 70 35.42 -6.43 47.19
N ILE C 71 34.48 -6.34 48.15
CA ILE C 71 33.07 -6.15 47.82
C ILE C 71 32.86 -4.81 47.12
N ILE C 72 33.48 -3.75 47.64
CA ILE C 72 33.29 -2.41 47.10
C ILE C 72 33.88 -2.31 45.69
N VAL C 73 35.02 -2.94 45.45
CA VAL C 73 35.61 -2.86 44.12
C VAL C 73 34.84 -3.73 43.13
N TYR C 74 34.31 -4.88 43.58
CA TYR C 74 33.36 -5.63 42.75
C TYR C 74 32.18 -4.75 42.35
N PHE C 75 31.63 -4.04 43.32
CA PHE C 75 30.49 -3.16 43.04
C PHE C 75 30.87 -2.05 42.07
N GLY C 76 32.07 -1.47 42.24
CA GLY C 76 32.49 -0.42 41.33
C GLY C 76 32.68 -0.90 39.90
N VAL C 77 33.20 -2.12 39.74
CA VAL C 77 33.35 -2.65 38.38
C VAL C 77 31.98 -2.94 37.76
N GLY C 78 31.06 -3.49 38.55
CA GLY C 78 29.70 -3.66 38.06
C GLY C 78 29.07 -2.34 37.63
N LEU C 79 29.32 -1.27 38.39
CA LEU C 79 28.80 0.03 38.03
C LEU C 79 29.43 0.56 36.75
N ILE C 80 30.73 0.35 36.58
CA ILE C 80 31.41 0.77 35.35
C ILE C 80 30.74 0.12 34.15
N VAL C 81 30.56 -1.21 34.22
CA VAL C 81 29.97 -1.92 33.09
C VAL C 81 28.53 -1.46 32.86
N PHE C 82 27.77 -1.28 33.94
CA PHE C 82 26.38 -0.86 33.79
C PHE C 82 26.27 0.55 33.22
N TYR C 83 27.20 1.45 33.55
CA TYR C 83 27.14 2.79 33.01
C TYR C 83 27.51 2.80 31.53
N VAL C 84 28.50 1.99 31.14
CA VAL C 84 28.80 1.86 29.71
C VAL C 84 27.59 1.31 28.97
N PHE C 85 26.93 0.30 29.54
CA PHE C 85 25.71 -0.25 28.95
C PHE C 85 24.62 0.80 28.86
N ARG C 86 24.43 1.60 29.91
CA ARG C 86 23.38 2.62 29.91
C ARG C 86 23.64 3.66 28.84
N ALA C 87 24.88 4.14 28.74
CA ALA C 87 25.23 5.10 27.70
C ALA C 87 24.99 4.51 26.30
N LEU C 88 25.41 3.27 26.07
CA LEU C 88 25.22 2.67 24.75
C LEU C 88 23.74 2.47 24.42
N LEU C 89 22.95 2.02 25.41
CA LEU C 89 21.52 1.82 25.19
C LEU C 89 20.82 3.13 24.89
N ASN C 90 21.18 4.18 25.62
CA ASN C 90 20.61 5.50 25.32
C ASN C 90 21.02 5.98 23.94
N ALA C 91 22.27 5.71 23.55
CA ALA C 91 22.71 6.08 22.20
C ALA C 91 21.85 5.41 21.14
N TYR C 92 21.66 4.09 21.27
CA TYR C 92 20.86 3.36 20.30
C TYR C 92 19.42 3.87 20.26
N TYR C 93 18.80 4.02 21.42
CA TYR C 93 17.41 4.46 21.46
C TYR C 93 17.25 5.85 20.89
N PHE C 94 18.21 6.74 21.14
CA PHE C 94 18.13 8.08 20.58
C PHE C 94 18.31 8.05 19.07
N HIS C 95 19.18 7.18 18.57
CA HIS C 95 19.29 7.04 17.13
C HIS C 95 17.98 6.56 16.53
N LEU C 96 17.30 5.64 17.22
CA LEU C 96 16.02 5.13 16.70
C LEU C 96 14.96 6.21 16.70
N LEU C 97 14.87 7.00 17.78
CA LEU C 97 13.97 8.15 17.77
C LEU C 97 14.29 9.05 16.58
N ALA C 98 15.58 9.30 16.35
CA ALA C 98 15.97 10.18 15.25
C ALA C 98 15.52 9.61 13.91
N ARG C 99 15.82 8.32 13.70
CA ARG C 99 15.47 7.64 12.46
C ARG C 99 13.98 7.76 12.17
N PHE C 100 13.16 7.34 13.13
CA PHE C 100 11.72 7.40 12.93
C PHE C 100 11.22 8.82 12.69
N SER C 101 11.58 9.75 13.60
CA SER C 101 11.10 11.13 13.51
C SER C 101 11.45 11.74 12.16
N LYS C 102 12.74 11.75 11.81
CA LYS C 102 13.21 12.46 10.63
C LYS C 102 13.02 11.68 9.32
N GLY C 103 12.68 10.38 9.37
CA GLY C 103 12.35 9.67 8.15
C GLY C 103 10.88 9.70 7.86
N ARG C 104 10.08 10.03 8.88
CA ARG C 104 8.70 10.38 8.60
C ARG C 104 8.63 11.47 7.53
N LYS C 105 9.64 12.33 7.45
CA LYS C 105 9.70 13.29 6.34
C LYS C 105 9.56 12.58 5.01
N HIS C 106 10.47 11.65 4.74
CA HIS C 106 10.47 10.89 3.49
C HIS C 106 9.14 10.23 3.23
N ALA C 107 8.65 9.48 4.23
CA ALA C 107 7.43 8.69 4.05
C ALA C 107 6.23 9.59 3.76
N ILE C 108 5.96 10.52 4.66
CA ILE C 108 4.78 11.38 4.51
C ILE C 108 4.90 12.19 3.22
N ALA C 109 6.08 12.75 2.95
CA ALA C 109 6.26 13.60 1.79
C ALA C 109 5.82 12.88 0.52
N TYR C 110 6.46 11.76 0.22
CA TYR C 110 6.13 11.10 -1.03
C TYR C 110 4.70 10.59 -1.03
N LYS C 111 4.12 10.26 0.13
CA LYS C 111 2.73 9.86 0.12
C LYS C 111 1.82 11.03 -0.29
N VAL C 112 2.11 12.22 0.20
CA VAL C 112 1.32 13.38 -0.22
C VAL C 112 1.50 13.63 -1.72
N PHE C 113 2.76 13.62 -2.18
CA PHE C 113 3.03 13.90 -3.59
C PHE C 113 2.34 12.90 -4.51
N SER C 114 2.37 11.61 -4.14
CA SER C 114 1.55 10.63 -4.84
C SER C 114 0.09 11.07 -4.85
N LYS C 115 -0.42 11.47 -3.68
CA LYS C 115 -1.84 11.82 -3.60
C LYS C 115 -2.20 12.89 -4.60
N PHE C 116 -1.30 13.84 -4.79
CA PHE C 116 -1.61 14.96 -5.69
C PHE C 116 -1.43 14.59 -7.16
N LEU C 117 -0.39 13.82 -7.49
CA LEU C 117 -0.20 13.40 -8.88
C LEU C 117 -1.26 12.43 -9.36
N ASN C 118 -2.11 11.93 -8.46
CA ASN C 118 -3.11 10.94 -8.81
C ASN C 118 -4.54 11.43 -8.55
N ILE C 119 -4.73 12.72 -8.29
CA ILE C 119 -6.10 13.23 -8.29
C ILE C 119 -6.58 13.42 -9.72
N ASN C 120 -7.89 13.51 -9.88
CA ASN C 120 -8.47 13.87 -11.16
C ASN C 120 -7.82 15.12 -11.71
N TYR C 121 -7.76 15.21 -13.03
CA TYR C 121 -7.23 16.43 -13.65
C TYR C 121 -8.07 17.65 -13.27
N GLU C 122 -9.38 17.49 -13.19
CA GLU C 122 -10.21 18.64 -12.82
C GLU C 122 -10.02 18.97 -11.35
N LYS C 123 -10.02 17.95 -10.49
CA LYS C 123 -9.70 18.17 -9.08
C LYS C 123 -8.39 18.93 -8.94
N PHE C 124 -7.41 18.60 -9.78
CA PHE C 124 -6.15 19.34 -9.77
C PHE C 124 -6.39 20.79 -10.15
N THR C 125 -7.16 21.00 -11.20
CA THR C 125 -7.32 22.35 -11.75
C THR C 125 -7.93 23.32 -10.75
N GLN C 126 -8.52 22.81 -9.67
CA GLN C 126 -8.99 23.66 -8.59
C GLN C 126 -8.04 23.68 -7.40
N LYS C 127 -6.82 23.19 -7.55
CA LYS C 127 -5.82 23.28 -6.50
C LYS C 127 -4.82 24.37 -6.84
N ASN C 128 -4.28 25.01 -5.80
CA ASN C 128 -3.24 26.01 -5.95
C ASN C 128 -1.87 25.35 -5.89
N GLN C 129 -1.02 25.62 -6.88
CA GLN C 129 0.30 24.99 -6.91
C GLN C 129 1.10 25.34 -5.66
N SER C 130 1.03 26.59 -5.22
CA SER C 130 1.81 27.00 -4.07
C SER C 130 1.42 26.19 -2.83
N GLU C 131 0.13 25.91 -2.66
CA GLU C 131 -0.32 25.14 -1.50
C GLU C 131 0.24 23.73 -1.54
N ILE C 132 0.32 23.12 -2.72
CA ILE C 132 0.89 21.79 -2.81
C ILE C 132 2.37 21.85 -2.45
N LEU C 133 3.06 22.92 -2.86
CA LEU C 133 4.46 23.05 -2.49
C LEU C 133 4.60 23.18 -0.97
N LYS C 134 3.77 24.02 -0.36
CA LYS C 134 3.83 24.24 1.08
C LYS C 134 3.58 22.95 1.84
N SER C 135 2.57 22.18 1.42
CA SER C 135 2.41 20.84 1.97
C SER C 135 3.69 20.03 1.82
N ILE C 136 3.94 19.52 0.61
CA ILE C 136 5.04 18.55 0.37
C ILE C 136 6.36 18.97 0.98
N THR C 137 6.56 20.26 1.22
CA THR C 137 7.82 20.60 1.83
C THR C 137 7.62 20.99 3.29
N GLY C 138 7.07 22.19 3.50
CA GLY C 138 7.02 22.76 4.82
C GLY C 138 6.15 22.01 5.80
N GLU C 139 5.01 21.46 5.34
CA GLU C 139 4.09 20.87 6.30
C GLU C 139 4.54 19.48 6.76
N VAL C 140 5.14 18.68 5.89
CA VAL C 140 5.70 17.42 6.36
C VAL C 140 6.95 17.67 7.17
N TYR C 141 7.73 18.71 6.84
CA TYR C 141 8.88 18.98 7.70
C TYR C 141 8.43 19.43 9.08
N ASN C 142 7.27 20.08 9.18
CA ASN C 142 6.75 20.38 10.52
C ASN C 142 6.12 19.15 11.17
N LEU C 143 5.55 18.25 10.36
CA LEU C 143 5.01 17.01 10.92
C LEU C 143 6.11 16.17 11.56
N SER C 144 7.30 16.17 10.95
CA SER C 144 8.45 15.49 11.54
C SER C 144 8.68 15.93 12.98
N THR C 145 8.89 17.24 13.17
CA THR C 145 9.15 17.80 14.50
C THR C 145 7.99 17.54 15.44
N MET C 146 6.76 17.61 14.92
CA MET C 146 5.60 17.32 15.76
C MET C 146 5.60 15.86 16.22
N ILE C 147 6.00 14.95 15.34
CA ILE C 147 6.05 13.54 15.70
C ILE C 147 7.09 13.31 16.78
N SER C 148 8.25 13.96 16.66
CA SER C 148 9.24 13.87 17.73
C SER C 148 8.67 14.38 19.04
N SER C 149 7.88 15.47 18.99
CA SER C 149 7.22 15.97 20.19
C SER C 149 6.28 14.92 20.78
N PHE C 150 5.55 14.22 19.93
CA PHE C 150 4.61 13.19 20.39
C PHE C 150 5.34 12.06 21.10
N LEU C 151 6.45 11.60 20.52
CA LEU C 151 7.27 10.58 21.17
C LEU C 151 7.72 11.04 22.55
N LEU C 152 8.28 12.25 22.63
CA LEU C 152 8.71 12.76 23.93
C LEU C 152 7.56 12.81 24.91
N LEU C 153 6.37 13.23 24.45
CA LEU C 153 5.23 13.35 25.33
C LEU C 153 4.88 12.00 25.96
N MET C 154 4.67 10.98 25.13
CA MET C 154 4.26 9.68 25.67
C MET C 154 5.36 9.06 26.51
N SER C 155 6.59 9.09 26.02
CA SER C 155 7.73 8.56 26.78
C SER C 155 7.77 9.18 28.17
N GLU C 156 7.77 10.51 28.24
CA GLU C 156 7.99 11.17 29.51
C GLU C 156 6.79 11.05 30.44
N ILE C 157 5.56 10.94 29.92
CA ILE C 157 4.43 10.73 30.83
C ILE C 157 4.53 9.34 31.45
N PHE C 158 4.96 8.34 30.68
CA PHE C 158 5.13 7.02 31.29
C PHE C 158 6.31 6.99 32.27
N VAL C 159 7.38 7.72 31.96
CA VAL C 159 8.50 7.83 32.90
C VAL C 159 8.07 8.52 34.18
N VAL C 160 7.20 9.52 34.07
CA VAL C 160 6.69 10.22 35.25
C VAL C 160 5.83 9.30 36.09
N LEU C 161 5.00 8.47 35.46
CA LEU C 161 4.22 7.49 36.23
C LEU C 161 5.13 6.48 36.93
N LEU C 162 6.18 6.02 36.23
CA LEU C 162 7.13 5.10 36.83
C LEU C 162 7.80 5.71 38.06
N LEU C 163 8.35 6.91 37.92
CA LEU C 163 8.99 7.56 39.05
C LEU C 163 7.99 7.91 40.15
N TYR C 164 6.74 8.20 39.77
CA TYR C 164 5.70 8.45 40.75
C TYR C 164 5.49 7.23 41.64
N ALA C 165 5.33 6.05 41.03
CA ALA C 165 5.18 4.83 41.82
C ALA C 165 6.42 4.56 42.67
N LEU C 166 7.60 4.70 42.07
CA LEU C 166 8.84 4.40 42.79
C LEU C 166 9.00 5.29 44.01
N MET C 167 8.75 6.59 43.86
CA MET C 167 8.81 7.49 45.00
C MET C 167 7.65 7.29 45.96
N LEU C 168 6.54 6.72 45.49
CA LEU C 168 5.50 6.28 46.42
C LEU C 168 6.02 5.18 47.32
N LEU C 169 6.90 4.32 46.80
CA LEU C 169 7.46 3.25 47.63
C LEU C 169 8.29 3.82 48.78
N ILE C 170 9.34 4.58 48.46
CA ILE C 170 10.29 5.07 49.46
C ILE C 170 10.00 6.54 49.73
N ASN C 171 9.72 6.86 51.00
CA ASN C 171 9.38 8.22 51.44
C ASN C 171 8.17 8.73 50.67
N TYR C 172 6.97 8.51 51.22
CA TYR C 172 5.73 8.70 50.48
C TYR C 172 5.05 10.03 50.76
N LYS C 173 5.23 10.60 51.96
CA LYS C 173 4.62 11.88 52.30
C LYS C 173 5.00 12.95 51.27
N ILE C 174 6.30 13.22 51.16
CA ILE C 174 6.78 14.20 50.18
C ILE C 174 6.53 13.72 48.75
N THR C 175 6.34 12.42 48.54
CA THR C 175 5.98 11.94 47.21
C THR C 175 4.62 12.49 46.79
N LEU C 176 3.58 12.29 47.61
CA LEU C 176 2.28 12.84 47.25
C LEU C 176 2.28 14.36 47.28
N PHE C 177 3.04 14.96 48.19
CA PHE C 177 3.18 16.41 48.21
C PHE C 177 3.68 16.92 46.85
N LEU C 178 4.84 16.43 46.43
CA LEU C 178 5.38 16.76 45.11
C LEU C 178 4.41 16.39 44.00
N SER C 179 3.65 15.31 44.16
CA SER C 179 2.69 14.89 43.14
C SER C 179 1.66 15.97 42.88
N ILE C 180 0.92 16.34 43.92
CA ILE C 180 -0.10 17.36 43.79
C ILE C 180 0.52 18.68 43.32
N PHE C 181 1.67 19.04 43.90
CA PHE C 181 2.32 20.31 43.57
C PHE C 181 2.71 20.37 42.10
N MET C 182 3.46 19.37 41.63
CA MET C 182 3.91 19.31 40.24
C MET C 182 2.72 19.28 39.28
N VAL C 183 1.76 18.39 39.51
CA VAL C 183 0.66 18.24 38.57
C VAL C 183 -0.16 19.52 38.50
N LEU C 184 -0.37 20.20 39.64
CA LEU C 184 -1.17 21.42 39.58
C LEU C 184 -0.40 22.60 39.01
N ASN C 185 0.92 22.67 39.21
CA ASN C 185 1.68 23.72 38.53
C ASN C 185 1.69 23.49 37.03
N ALA C 186 1.82 22.24 36.59
CA ALA C 186 1.68 21.94 35.17
C ALA C 186 0.30 22.32 34.66
N PHE C 187 -0.72 22.10 35.49
CA PHE C 187 -2.09 22.44 35.10
C PHE C 187 -2.23 23.94 34.87
N ILE C 188 -1.81 24.75 35.83
CA ILE C 188 -1.96 26.20 35.67
C ILE C 188 -1.07 26.70 34.54
N LEU C 189 0.14 26.16 34.42
CA LEU C 189 1.03 26.53 33.33
C LEU C 189 0.37 26.29 31.98
N VAL C 190 -0.19 25.10 31.79
CA VAL C 190 -0.80 24.77 30.51
C VAL C 190 -2.04 25.62 30.27
N LYS C 191 -2.91 25.78 31.28
CA LYS C 191 -4.15 26.49 31.04
C LYS C 191 -3.90 27.96 30.73
N ILE C 192 -2.89 28.57 31.34
CA ILE C 192 -2.58 29.94 30.96
C ILE C 192 -1.84 29.98 29.62
N LEU C 193 -1.03 28.97 29.33
CA LEU C 193 -0.11 29.00 28.20
C LEU C 193 -0.76 28.60 26.88
N SER C 194 -1.31 27.38 26.82
CA SER C 194 -1.64 26.75 25.55
C SER C 194 -2.44 27.62 24.58
N PRO C 195 -3.42 28.44 24.99
CA PRO C 195 -4.12 29.27 24.00
C PRO C 195 -3.21 30.22 23.26
N ILE C 196 -2.16 30.70 23.92
CA ILE C 196 -1.19 31.55 23.23
C ILE C 196 -0.54 30.77 22.09
N ILE C 197 -0.16 29.52 22.35
CA ILE C 197 0.52 28.74 21.31
C ILE C 197 -0.45 28.30 20.23
N LYS C 198 -1.73 28.10 20.55
CA LYS C 198 -2.66 27.74 19.48
C LYS C 198 -2.93 28.94 18.56
N LYS C 199 -3.12 30.12 19.14
CA LYS C 199 -3.17 31.33 18.31
C LYS C 199 -1.90 31.47 17.48
N ALA C 200 -0.74 31.18 18.07
CA ALA C 200 0.51 31.26 17.32
C ALA C 200 0.52 30.25 16.18
N GLY C 201 0.03 29.03 16.42
CA GLY C 201 0.05 28.01 15.39
C GLY C 201 -0.82 28.38 14.21
N LEU C 202 -2.03 28.86 14.48
CA LEU C 202 -2.88 29.35 13.40
C LEU C 202 -2.22 30.50 12.64
N ARG C 203 -1.61 31.44 13.36
CA ARG C 203 -0.97 32.57 12.68
C ARG C 203 0.17 32.07 11.79
N ARG C 204 0.97 31.14 12.29
CA ARG C 204 2.10 30.63 11.54
C ARG C 204 1.65 29.97 10.26
N GLU C 205 0.67 29.07 10.36
CA GLU C 205 0.14 28.41 9.17
C GLU C 205 -0.36 29.43 8.15
N GLU C 206 -1.19 30.39 8.59
CA GLU C 206 -1.77 31.34 7.64
C GLU C 206 -0.69 32.16 6.96
N ALA C 207 0.25 32.69 7.75
CA ALA C 207 1.32 33.49 7.18
C ALA C 207 2.14 32.69 6.19
N MET C 208 2.36 31.41 6.50
CA MET C 208 3.14 30.56 5.60
C MET C 208 2.42 30.38 4.28
N LYS C 209 1.16 29.96 4.34
CA LYS C 209 0.38 29.78 3.12
C LYS C 209 0.41 31.04 2.27
N ASN C 210 0.34 32.22 2.91
CA ASN C 210 0.22 33.46 2.18
C ASN C 210 1.53 33.87 1.53
N PHE C 211 2.65 33.81 2.26
CA PHE C 211 3.85 34.27 1.61
C PHE C 211 4.41 33.22 0.65
N PHE C 212 4.08 31.94 0.84
CA PHE C 212 4.28 30.97 -0.24
C PHE C 212 3.55 31.38 -1.51
N GLU C 213 2.26 31.73 -1.39
CA GLU C 213 1.49 32.05 -2.59
C GLU C 213 2.03 33.29 -3.29
N ILE C 214 2.42 34.30 -2.53
CA ILE C 214 2.90 35.50 -3.22
C ILE C 214 4.27 35.24 -3.84
N LEU C 215 5.12 34.46 -3.17
CA LEU C 215 6.38 34.05 -3.78
C LEU C 215 6.14 33.42 -5.14
N ASN C 216 5.35 32.36 -5.16
CA ASN C 216 5.17 31.60 -6.40
C ASN C 216 4.59 32.48 -7.52
N THR C 217 3.52 33.21 -7.21
CA THR C 217 2.83 33.99 -8.26
C THR C 217 3.71 35.11 -8.79
N ASN C 218 4.34 35.89 -7.91
CA ASN C 218 5.12 37.00 -8.42
C ASN C 218 6.36 36.52 -9.15
N LEU C 219 6.95 35.40 -8.74
CA LEU C 219 8.05 34.87 -9.54
C LEU C 219 7.57 34.51 -10.93
N ASN C 220 6.37 33.92 -11.04
CA ASN C 220 5.88 33.62 -12.38
C ASN C 220 5.45 34.86 -13.16
N ASN C 221 5.39 36.03 -12.53
CA ASN C 221 5.09 37.26 -13.26
C ASN C 221 6.25 38.25 -13.28
N PHE C 222 7.45 37.83 -12.87
CA PHE C 222 8.63 38.69 -12.81
C PHE C 222 8.76 39.75 -13.90
N LYS C 223 8.62 39.36 -15.18
CA LYS C 223 8.86 40.29 -16.28
C LYS C 223 7.87 41.45 -16.27
N PHE C 224 6.58 41.12 -16.16
CA PHE C 224 5.57 42.17 -16.04
C PHE C 224 5.75 43.00 -14.78
N ILE C 225 6.26 42.38 -13.71
CA ILE C 225 6.51 43.14 -12.49
C ILE C 225 7.57 44.20 -12.74
N LYS C 226 8.69 43.80 -13.35
CA LYS C 226 9.73 44.76 -13.69
C LYS C 226 9.22 45.84 -14.64
N LEU C 227 8.32 45.48 -15.56
CA LEU C 227 7.83 46.48 -16.51
C LEU C 227 6.89 47.47 -15.85
N LYS C 228 6.09 46.99 -14.90
CA LYS C 228 5.19 47.87 -14.17
C LYS C 228 5.90 48.69 -13.11
N THR C 229 7.23 48.57 -13.02
CA THR C 229 8.06 49.12 -11.94
C THR C 229 7.62 48.59 -10.58
N LYS C 230 6.32 48.36 -10.39
CA LYS C 230 5.78 47.95 -9.10
C LYS C 230 6.41 46.63 -8.69
N GLU C 231 7.61 46.69 -8.13
CA GLU C 231 8.28 45.52 -7.60
C GLU C 231 8.47 45.56 -6.09
N ASP C 232 8.61 46.75 -5.51
CA ASP C 232 8.68 46.83 -4.06
C ASP C 232 7.34 46.47 -3.41
N GLY C 233 6.23 46.78 -4.08
CA GLY C 233 4.94 46.34 -3.56
C GLY C 233 4.89 44.84 -3.32
N VAL C 234 5.40 44.06 -4.27
CA VAL C 234 5.66 42.64 -4.04
C VAL C 234 6.44 42.45 -2.74
N LEU C 235 7.53 43.21 -2.59
CA LEU C 235 8.36 43.12 -1.39
C LEU C 235 7.59 43.51 -0.14
N SER C 236 6.68 44.47 -0.26
CA SER C 236 5.88 44.89 0.88
C SER C 236 4.96 43.76 1.35
N LEU C 237 4.25 43.14 0.42
CA LEU C 237 3.39 42.02 0.81
C LEU C 237 4.20 40.91 1.43
N PHE C 238 5.37 40.61 0.86
CA PHE C 238 6.18 39.55 1.44
C PHE C 238 6.67 39.92 2.82
N LYS C 239 7.00 41.20 3.03
CA LYS C 239 7.47 41.62 4.33
C LYS C 239 6.38 41.50 5.37
N ALA C 240 5.15 41.89 5.02
CA ALA C 240 4.03 41.74 5.96
C ALA C 240 3.86 40.29 6.37
N GLN C 241 3.77 39.38 5.39
CA GLN C 241 3.53 37.99 5.75
C GLN C 241 4.72 37.38 6.48
N SER C 242 5.94 37.74 6.08
CA SER C 242 7.13 37.19 6.71
C SER C 242 7.27 37.71 8.14
N GLU C 243 6.94 38.98 8.36
CA GLU C 243 6.89 39.55 9.69
C GLU C 243 5.93 38.77 10.57
N ALA C 244 4.72 38.50 10.08
CA ALA C 244 3.75 37.79 10.91
C ALA C 244 4.22 36.37 11.21
N PHE C 245 4.80 35.70 10.22
CA PHE C 245 5.37 34.37 10.40
C PHE C 245 6.41 34.37 11.52
N SER C 246 7.38 35.26 11.41
CA SER C 246 8.44 35.34 12.41
C SER C 246 7.89 35.75 13.78
N LYS C 247 6.81 36.54 13.79
CA LYS C 247 6.19 36.95 15.05
C LYS C 247 5.59 35.75 15.78
N ALA C 248 4.85 34.91 15.04
CA ALA C 248 4.31 33.68 15.64
C ALA C 248 5.43 32.78 16.15
N ASN C 249 6.52 32.66 15.38
CA ASN C 249 7.61 31.82 15.84
C ASN C 249 8.28 32.37 17.10
N ILE C 250 8.44 33.69 17.17
CA ILE C 250 8.99 34.32 18.37
C ILE C 250 8.12 33.99 19.58
N THR C 251 6.80 34.14 19.44
CA THR C 251 5.96 33.85 20.60
C THR C 251 6.09 32.39 21.01
N ASN C 252 6.12 31.47 20.04
CA ASN C 252 6.24 30.07 20.39
C ASN C 252 7.55 29.79 21.12
N GLU C 253 8.65 30.42 20.71
CA GLU C 253 9.93 30.19 21.36
C GLU C 253 9.91 30.67 22.80
N SER C 254 9.47 31.92 23.00
CA SER C 254 9.36 32.46 24.34
C SER C 254 8.54 31.56 25.24
N VAL C 255 7.43 31.04 24.72
CA VAL C 255 6.53 30.27 25.56
C VAL C 255 7.07 28.87 25.83
N ALA C 256 7.74 28.26 24.86
CA ALA C 256 8.38 26.99 25.13
C ALA C 256 9.53 27.14 26.11
N ALA C 257 10.04 28.37 26.28
CA ALA C 257 11.05 28.60 27.30
C ALA C 257 10.48 28.93 28.69
N VAL C 258 9.27 29.45 28.77
CA VAL C 258 8.71 29.83 30.08
C VAL C 258 8.50 28.68 31.07
N PRO C 259 8.18 27.44 30.68
CA PRO C 259 7.90 26.44 31.73
C PRO C 259 9.15 26.00 32.49
N ARG C 260 10.29 25.86 31.82
CA ARG C 260 11.52 25.52 32.53
C ARG C 260 11.86 26.61 33.54
N ILE C 261 11.82 27.87 33.11
CA ILE C 261 12.07 29.00 34.02
C ILE C 261 11.12 28.94 35.20
N TYR C 262 9.83 28.75 34.93
CA TYR C 262 8.83 28.81 35.98
C TYR C 262 9.05 27.69 37.00
N LEU C 263 9.28 26.46 36.51
CA LEU C 263 9.38 25.34 37.42
C LEU C 263 10.70 25.34 38.18
N GLU C 264 11.81 25.74 37.56
CA GLU C 264 13.05 25.84 38.33
C GLU C 264 12.91 26.88 39.43
N GLY C 265 12.30 28.03 39.12
CA GLY C 265 12.09 29.03 40.16
C GLY C 265 11.21 28.52 41.29
N ILE C 266 10.09 27.87 40.93
CA ILE C 266 9.15 27.47 41.98
C ILE C 266 9.71 26.33 42.83
N GLY C 267 10.52 25.44 42.26
CA GLY C 267 11.15 24.41 43.06
C GLY C 267 12.23 24.96 43.98
N PHE C 268 13.09 25.82 43.43
CA PHE C 268 14.05 26.53 44.28
C PHE C 268 13.36 27.25 45.43
N CYS C 269 12.14 27.74 45.20
CA CYS C 269 11.41 28.43 46.26
C CYS C 269 10.77 27.47 47.26
N VAL C 270 10.29 26.31 46.81
CA VAL C 270 9.67 25.39 47.76
C VAL C 270 10.72 24.80 48.69
N LEU C 271 11.97 24.64 48.22
CA LEU C 271 13.04 24.22 49.13
C LEU C 271 13.20 25.21 50.29
N VAL C 272 13.32 26.50 49.97
CA VAL C 272 13.50 27.48 51.03
C VAL C 272 12.25 27.60 51.88
N PHE C 273 11.07 27.37 51.30
CA PHE C 273 9.86 27.46 52.11
C PHE C 273 9.77 26.32 53.12
N ILE C 274 10.09 25.10 52.70
CA ILE C 274 10.05 23.99 53.66
C ILE C 274 11.09 24.21 54.75
N VAL C 275 12.27 24.72 54.39
CA VAL C 275 13.28 24.96 55.41
C VAL C 275 12.85 26.05 56.38
N VAL C 276 12.28 27.15 55.86
CA VAL C 276 11.84 28.24 56.71
C VAL C 276 10.74 27.77 57.66
N PHE C 277 9.75 27.05 57.13
CA PHE C 277 8.65 26.60 57.98
C PHE C 277 9.07 25.49 58.93
N LEU C 278 10.20 24.82 58.69
CA LEU C 278 10.61 23.74 59.56
C LEU C 278 11.67 24.13 60.60
N VAL C 279 12.36 25.25 60.41
CA VAL C 279 13.36 25.67 61.41
C VAL C 279 12.69 25.93 62.76
N LEU C 280 11.57 26.67 62.74
CA LEU C 280 10.91 27.06 63.99
C LEU C 280 9.89 26.05 64.48
N LYS C 281 9.19 25.38 63.56
CA LYS C 281 8.20 24.36 63.91
C LYS C 281 8.49 23.12 63.07
N ASN C 282 9.06 22.09 63.70
CA ASN C 282 9.53 20.90 63.00
C ASN C 282 8.63 19.71 63.30
N GLU C 283 8.15 19.05 62.24
CA GLU C 283 7.35 17.85 62.42
C GLU C 283 8.23 16.66 62.81
N SER C 284 9.36 16.49 62.13
CA SER C 284 10.36 15.48 62.49
C SER C 284 11.69 16.17 62.75
N ASP C 285 12.40 15.69 63.77
CA ASP C 285 13.67 16.28 64.19
C ASP C 285 14.80 15.28 63.98
N ILE C 286 15.92 15.78 63.45
CA ILE C 286 17.17 15.05 63.20
C ILE C 286 16.99 13.82 62.30
N SER C 287 15.84 13.16 62.38
CA SER C 287 15.62 11.93 61.62
C SER C 287 14.93 12.18 60.27
N GLY C 288 14.43 13.39 60.04
CA GLY C 288 13.79 13.69 58.78
C GLY C 288 14.76 14.27 57.76
N ILE C 289 15.67 15.12 58.23
CA ILE C 289 16.55 15.84 57.31
C ILE C 289 17.35 14.87 56.44
N LEU C 290 18.04 13.92 57.07
CA LEU C 290 18.87 12.98 56.33
C LEU C 290 18.06 12.20 55.31
N SER C 291 16.97 11.58 55.76
CA SER C 291 16.23 10.67 54.89
C SER C 291 15.44 11.43 53.82
N THR C 292 15.00 12.65 54.10
CA THR C 292 14.16 13.35 53.13
C THR C 292 14.92 14.27 52.20
N ILE C 293 16.05 14.87 52.61
CA ILE C 293 16.71 15.81 51.70
C ILE C 293 17.25 15.06 50.47
N SER C 294 17.91 13.92 50.70
CA SER C 294 18.45 13.15 49.59
C SER C 294 17.36 12.78 48.60
N ILE C 295 16.32 12.08 49.07
CA ILE C 295 15.29 11.55 48.19
C ILE C 295 14.45 12.68 47.59
N PHE C 296 13.94 13.58 48.44
CA PHE C 296 13.18 14.74 47.98
C PHE C 296 13.92 15.50 46.89
N VAL C 297 15.11 16.00 47.21
CA VAL C 297 15.83 16.90 46.30
C VAL C 297 16.31 16.15 45.06
N LEU C 298 16.66 14.87 45.18
CA LEU C 298 17.10 14.11 44.02
C LEU C 298 15.92 13.75 43.09
N ALA C 299 14.80 13.29 43.65
CA ALA C 299 13.63 12.96 42.85
C ALA C 299 13.01 14.22 42.23
N LEU C 300 13.09 15.35 42.94
CA LEU C 300 12.64 16.61 42.37
C LEU C 300 13.57 17.06 41.23
N TYR C 301 14.89 16.97 41.46
CA TYR C 301 15.87 17.25 40.42
C TYR C 301 15.65 16.40 39.19
N ARG C 302 15.13 15.18 39.35
CA ARG C 302 14.88 14.32 38.20
C ARG C 302 13.47 14.46 37.63
N LEU C 303 12.51 14.96 38.42
CA LEU C 303 11.13 15.07 37.94
C LEU C 303 10.89 16.38 37.20
N MET C 304 11.57 17.46 37.60
CA MET C 304 11.32 18.74 36.96
C MET C 304 11.74 18.80 35.49
N PRO C 305 12.93 18.28 35.10
CA PRO C 305 13.25 18.29 33.67
C PRO C 305 12.28 17.49 32.81
N SER C 306 11.90 16.30 33.26
CA SER C 306 10.93 15.52 32.50
C SER C 306 9.57 16.20 32.44
N ALA C 307 9.19 16.91 33.50
CA ALA C 307 7.92 17.63 33.48
C ALA C 307 7.97 18.80 32.51
N ASN C 308 9.10 19.52 32.47
CA ASN C 308 9.26 20.57 31.47
C ASN C 308 9.17 19.99 30.07
N ARG C 309 9.82 18.85 29.84
CA ARG C 309 9.74 18.21 28.53
C ARG C 309 8.30 17.86 28.18
N ILE C 310 7.54 17.33 29.14
CA ILE C 310 6.14 16.98 28.89
C ILE C 310 5.34 18.22 28.49
N ILE C 311 5.42 19.28 29.31
CA ILE C 311 4.66 20.48 29.04
C ILE C 311 5.04 21.07 27.69
N THR C 312 6.34 21.27 27.47
CA THR C 312 6.80 21.92 26.25
C THR C 312 6.50 21.08 25.00
N SER C 313 6.48 19.75 25.11
CA SER C 313 6.17 18.93 23.94
C SER C 313 4.68 18.93 23.64
N TYR C 314 3.84 18.85 24.67
CA TYR C 314 2.41 19.04 24.46
C TYR C 314 2.10 20.39 23.82
N HIS C 315 2.92 21.40 24.11
CA HIS C 315 2.67 22.68 23.50
C HIS C 315 3.22 22.78 22.07
N ASP C 316 4.33 22.10 21.76
CA ASP C 316 4.76 22.02 20.36
C ASP C 316 3.68 21.33 19.53
N LEU C 317 3.06 20.32 20.11
CA LEU C 317 1.83 19.75 19.56
C LEU C 317 0.82 20.85 19.30
N LEU C 318 0.27 21.49 20.34
CA LEU C 318 -0.72 22.55 20.12
C LEU C 318 -0.30 23.53 19.02
N TYR C 319 1.01 23.78 18.90
CA TYR C 319 1.53 24.70 17.88
C TYR C 319 1.28 24.19 16.48
N TYR C 320 1.71 22.96 16.18
CA TYR C 320 1.59 22.45 14.82
C TYR C 320 0.35 21.58 14.63
N HIS C 321 0.22 20.57 15.51
CA HIS C 321 -0.88 19.61 15.66
C HIS C 321 -2.09 19.99 14.84
N SER C 322 -2.87 20.94 15.34
CA SER C 322 -4.00 21.50 14.61
C SER C 322 -3.60 21.79 13.17
N SER C 323 -3.20 23.02 12.89
CA SER C 323 -2.90 23.51 11.55
C SER C 323 -2.45 22.40 10.59
N LEU C 324 -1.37 21.71 10.95
CA LEU C 324 -0.66 20.86 10.00
C LEU C 324 -1.19 19.44 9.92
N ASN C 325 -1.58 18.83 11.04
CA ASN C 325 -2.26 17.55 10.93
C ASN C 325 -3.56 17.69 10.18
N ILE C 326 -4.30 18.76 10.44
CA ILE C 326 -5.48 19.06 9.64
C ILE C 326 -5.10 19.09 8.18
N ILE C 327 -4.06 19.87 7.84
CA ILE C 327 -3.66 20.04 6.45
C ILE C 327 -3.36 18.69 5.82
N TYR C 328 -2.68 17.82 6.55
CA TYR C 328 -2.22 16.59 5.93
C TYR C 328 -3.31 15.53 5.84
N GLN C 329 -4.20 15.45 6.83
CA GLN C 329 -5.27 14.50 6.64
C GLN C 329 -6.20 14.97 5.53
N ASN C 330 -6.50 16.28 5.49
CA ASN C 330 -7.28 16.80 4.37
C ASN C 330 -6.62 16.43 3.05
N LEU C 331 -5.28 16.39 3.00
CA LEU C 331 -4.64 15.93 1.77
C LEU C 331 -4.65 14.42 1.60
N ARG C 332 -4.87 13.65 2.67
CA ARG C 332 -4.85 12.20 2.48
C ARG C 332 -6.17 11.67 1.94
N GLN C 333 -7.28 12.34 2.23
CA GLN C 333 -8.60 11.88 1.79
C GLN C 333 -9.00 12.70 0.58
N GLU C 334 -8.42 12.34 -0.58
CA GLU C 334 -8.71 13.04 -1.83
C GLU C 334 -9.12 12.04 -2.91
N GLU C 335 -9.89 12.54 -3.89
CA GLU C 335 -10.39 11.70 -4.98
C GLU C 335 -9.22 11.26 -5.86
N GLU C 336 -8.84 10.00 -5.76
CA GLU C 336 -7.88 9.45 -6.71
C GLU C 336 -8.59 8.81 -7.88
N ASN C 337 -7.80 8.41 -8.89
CA ASN C 337 -8.31 7.62 -10.01
C ASN C 337 -8.21 6.13 -9.66
N ALA C 338 -7.99 5.26 -10.67
CA ALA C 338 -7.72 3.83 -10.45
C ALA C 338 -7.54 3.04 -11.74
N ALA C 339 -7.27 1.73 -11.61
CA ALA C 339 -7.54 0.69 -12.61
C ALA C 339 -6.62 0.72 -13.83
N GLU C 340 -6.61 -0.39 -14.58
CA GLU C 340 -5.57 -0.59 -15.59
C GLU C 340 -6.06 -1.53 -16.69
N GLY C 341 -7.30 -1.34 -17.15
CA GLY C 341 -7.79 -2.12 -18.26
C GLY C 341 -7.08 -1.78 -19.56
N LYS C 342 -7.11 -2.72 -20.49
CA LYS C 342 -6.51 -2.54 -21.80
C LYS C 342 -7.58 -2.17 -22.83
N LEU C 343 -7.19 -1.39 -23.83
CA LEU C 343 -8.14 -0.85 -24.80
C LEU C 343 -7.55 -0.88 -26.20
N SER C 344 -8.31 -1.45 -27.14
CA SER C 344 -7.92 -1.46 -28.55
C SER C 344 -8.76 -0.43 -29.31
N PHE C 345 -8.10 0.34 -30.16
CA PHE C 345 -8.71 1.39 -30.97
C PHE C 345 -8.39 1.10 -32.42
N ASN C 346 -9.21 0.25 -33.05
CA ASN C 346 -8.97 -0.18 -34.41
C ASN C 346 -10.08 0.18 -35.39
N GLN C 347 -11.26 0.57 -34.92
CA GLN C 347 -12.31 0.94 -35.87
C GLN C 347 -12.73 2.40 -35.71
N GLU C 348 -13.49 2.73 -34.66
CA GLU C 348 -13.98 4.10 -34.54
C GLU C 348 -14.07 4.50 -33.07
N LEU C 349 -14.15 5.82 -32.86
CA LEU C 349 -14.19 6.46 -31.54
C LEU C 349 -15.47 7.28 -31.48
N LYS C 350 -16.50 6.75 -30.84
CA LYS C 350 -17.78 7.45 -30.75
C LYS C 350 -17.82 8.26 -29.47
N ILE C 351 -18.59 9.35 -29.50
CA ILE C 351 -18.68 10.25 -28.35
C ILE C 351 -20.01 10.04 -27.64
N CYS C 352 -21.11 10.37 -28.32
CA CYS C 352 -22.46 9.99 -27.90
C CYS C 352 -22.95 10.71 -26.64
N ASN C 353 -24.01 11.50 -26.80
CA ASN C 353 -24.86 12.00 -25.71
C ASN C 353 -24.03 12.50 -24.52
N LEU C 354 -23.05 13.34 -24.81
CA LEU C 354 -21.98 13.63 -23.85
C LEU C 354 -22.46 14.38 -22.61
N SER C 355 -22.76 15.67 -22.75
CA SER C 355 -23.13 16.55 -21.64
C SER C 355 -22.00 16.69 -20.61
N PHE C 356 -21.52 17.91 -20.41
CA PHE C 356 -20.45 18.14 -19.46
C PHE C 356 -20.50 19.55 -18.92
N GLY C 357 -20.06 19.69 -17.68
CA GLY C 357 -19.85 20.99 -17.08
C GLY C 357 -18.87 20.82 -15.93
N TYR C 358 -18.25 21.93 -15.55
CA TYR C 358 -17.29 21.85 -14.46
C TYR C 358 -18.00 21.74 -13.12
N GLU C 359 -17.41 20.94 -12.21
CA GLU C 359 -18.03 20.39 -11.01
C GLU C 359 -19.22 21.16 -10.45
N GLY C 360 -19.20 22.48 -10.52
CA GLY C 360 -20.33 23.22 -10.03
C GLY C 360 -20.97 24.14 -11.05
N LYS C 361 -20.41 24.18 -12.26
CA LYS C 361 -20.82 25.15 -13.25
C LYS C 361 -21.95 24.62 -14.13
N LYS C 362 -22.43 25.50 -15.01
CA LYS C 362 -23.45 25.16 -15.99
C LYS C 362 -22.86 24.29 -17.10
N TYR C 363 -23.74 23.59 -17.80
CA TYR C 363 -23.28 22.73 -18.87
C TYR C 363 -22.68 23.56 -20.00
N LEU C 364 -21.69 22.97 -20.68
CA LEU C 364 -21.14 23.53 -21.91
C LEU C 364 -21.63 22.80 -23.16
N PHE C 365 -22.03 21.54 -23.02
CA PHE C 365 -22.45 20.74 -24.16
C PHE C 365 -23.90 20.30 -24.05
N LYS C 366 -24.26 19.58 -22.98
CA LYS C 366 -25.59 18.98 -22.84
C LYS C 366 -25.90 18.12 -24.05
N ASN C 367 -25.54 16.83 -23.96
CA ASN C 367 -25.70 15.82 -25.00
C ASN C 367 -25.39 16.31 -26.41
N LEU C 368 -24.10 16.44 -26.73
CA LEU C 368 -23.66 16.49 -28.11
C LEU C 368 -23.49 15.06 -28.63
N ASN C 369 -23.24 14.93 -29.92
CA ASN C 369 -22.89 13.63 -30.45
C ASN C 369 -21.97 13.79 -31.65
N LEU C 370 -21.04 12.84 -31.78
CA LEU C 370 -19.95 12.92 -32.75
C LEU C 370 -19.22 11.59 -32.82
N ASN C 371 -18.95 11.08 -34.02
CA ASN C 371 -18.19 9.86 -34.16
C ASN C 371 -16.98 10.13 -35.03
N ILE C 372 -15.84 9.54 -34.66
CA ILE C 372 -14.55 9.82 -35.28
C ILE C 372 -13.94 8.47 -35.63
N LYS C 373 -14.12 8.03 -36.86
CA LYS C 373 -13.57 6.74 -37.28
C LYS C 373 -12.03 6.82 -37.29
N LYS C 374 -11.38 5.65 -37.23
CA LYS C 374 -9.94 5.64 -37.09
C LYS C 374 -9.28 6.26 -38.32
N GLY C 375 -8.38 7.21 -38.08
CA GLY C 375 -7.71 7.91 -39.16
C GLY C 375 -8.48 9.08 -39.73
N GLU C 376 -9.59 9.47 -39.10
CA GLU C 376 -10.47 10.47 -39.71
C GLU C 376 -9.79 11.83 -39.82
N LYS C 377 -9.13 12.27 -38.76
CA LYS C 377 -8.53 13.60 -38.71
C LYS C 377 -9.62 14.67 -38.82
N ILE C 378 -10.25 14.99 -37.70
CA ILE C 378 -11.29 16.00 -37.65
C ILE C 378 -10.73 17.27 -36.99
N ALA C 379 -11.49 18.36 -37.09
CA ALA C 379 -11.09 19.64 -36.50
C ALA C 379 -12.28 20.38 -35.94
N PHE C 380 -12.14 20.84 -34.70
CA PHE C 380 -13.15 21.69 -34.06
C PHE C 380 -12.76 23.15 -34.18
N ILE C 381 -13.74 23.98 -34.54
CA ILE C 381 -13.57 25.43 -34.60
C ILE C 381 -14.76 26.09 -33.91
N GLY C 382 -14.50 27.16 -33.17
CA GLY C 382 -15.57 27.80 -32.44
C GLY C 382 -15.22 29.24 -32.11
N GLU C 383 -16.01 29.82 -31.21
CA GLU C 383 -15.79 31.18 -30.73
C GLU C 383 -15.11 31.09 -29.37
N SER C 384 -13.97 31.76 -29.23
CA SER C 384 -13.11 31.66 -28.06
C SER C 384 -13.90 31.71 -26.76
N GLY C 385 -13.86 30.61 -26.00
CA GLY C 385 -14.65 30.50 -24.80
C GLY C 385 -15.93 29.70 -24.93
N CYS C 386 -16.20 29.11 -26.10
CA CYS C 386 -17.36 28.26 -26.25
C CYS C 386 -17.10 26.84 -25.77
N GLY C 387 -15.84 26.44 -25.69
CA GLY C 387 -15.51 25.17 -25.09
C GLY C 387 -15.04 24.14 -26.09
N LYS C 388 -13.90 24.41 -26.74
CA LYS C 388 -13.31 23.43 -27.64
C LYS C 388 -12.27 22.58 -26.93
N SER C 389 -11.32 23.23 -26.27
CA SER C 389 -10.32 22.49 -25.50
C SER C 389 -10.99 21.60 -24.46
N THR C 390 -12.19 21.98 -24.00
CA THR C 390 -12.91 21.16 -23.05
C THR C 390 -13.44 19.88 -23.70
N LEU C 391 -14.01 20.00 -24.90
CA LEU C 391 -14.43 18.80 -25.61
C LEU C 391 -13.24 17.89 -25.86
N VAL C 392 -12.11 18.45 -26.29
CA VAL C 392 -10.92 17.63 -26.53
C VAL C 392 -10.44 16.97 -25.23
N ASP C 393 -10.42 17.75 -24.14
CA ASP C 393 -10.06 17.20 -22.83
C ASP C 393 -11.04 16.15 -22.35
N LEU C 394 -12.21 16.05 -22.98
CA LEU C 394 -13.12 14.94 -22.73
C LEU C 394 -12.84 13.74 -23.64
N ILE C 395 -12.48 14.00 -24.90
CA ILE C 395 -12.28 12.94 -25.88
C ILE C 395 -11.04 12.13 -25.56
N ILE C 396 -10.00 12.75 -25.02
CA ILE C 396 -8.88 12.01 -24.45
C ILE C 396 -9.17 11.72 -22.98
N GLY C 397 -8.23 11.11 -22.29
CA GLY C 397 -8.55 10.41 -21.05
C GLY C 397 -9.12 11.30 -19.97
N LEU C 398 -8.57 12.49 -19.79
CA LEU C 398 -8.90 13.34 -18.66
C LEU C 398 -10.36 13.79 -18.75
N LEU C 399 -10.88 14.34 -17.65
CA LEU C 399 -12.25 14.86 -17.60
C LEU C 399 -13.34 13.81 -17.85
N LYS C 400 -14.16 13.53 -16.81
CA LYS C 400 -15.20 12.50 -16.84
C LYS C 400 -16.52 13.12 -17.29
N PRO C 401 -17.18 12.56 -18.30
CA PRO C 401 -18.44 13.14 -18.78
C PRO C 401 -19.54 13.04 -17.75
N LYS C 402 -20.32 14.12 -17.66
CA LYS C 402 -21.42 14.19 -16.69
C LYS C 402 -22.52 13.20 -17.03
N GLU C 403 -22.75 12.91 -18.31
CA GLU C 403 -23.85 12.04 -18.71
C GLU C 403 -23.45 10.97 -19.71
N GLY C 404 -22.73 11.34 -20.76
CA GLY C 404 -22.47 10.44 -21.87
C GLY C 404 -21.54 9.30 -21.56
N GLN C 405 -20.81 8.80 -22.57
CA GLN C 405 -19.91 7.69 -22.29
C GLN C 405 -18.55 7.81 -22.96
N ILE C 406 -18.52 8.10 -24.27
CA ILE C 406 -17.32 8.03 -25.09
C ILE C 406 -16.85 6.58 -25.23
N LEU C 407 -16.84 6.05 -26.44
CA LEU C 407 -16.63 4.63 -26.66
C LEU C 407 -15.44 4.41 -27.59
N ILE C 408 -14.55 3.51 -27.18
CA ILE C 408 -13.38 3.16 -27.96
C ILE C 408 -13.68 1.80 -28.60
N ASP C 409 -14.00 1.82 -29.89
CA ASP C 409 -14.37 0.62 -30.64
C ASP C 409 -15.52 -0.11 -29.96
N LYS C 410 -16.49 0.67 -29.49
CA LYS C 410 -17.72 0.16 -28.87
C LYS C 410 -17.45 -0.54 -27.55
N GLN C 411 -16.48 -0.02 -26.79
CA GLN C 411 -16.32 -0.33 -25.38
C GLN C 411 -16.13 0.98 -24.64
N GLU C 412 -16.84 1.11 -23.51
CA GLU C 412 -16.93 2.39 -22.83
C GLU C 412 -15.59 2.79 -22.23
N LEU C 413 -15.22 4.04 -22.48
CA LEU C 413 -14.05 4.67 -21.88
C LEU C 413 -14.45 5.15 -20.48
N ASN C 414 -14.12 4.35 -19.49
CA ASN C 414 -14.36 4.69 -18.09
C ASN C 414 -13.07 4.51 -17.33
N ALA C 415 -13.13 4.76 -16.05
CA ALA C 415 -11.95 4.66 -15.23
C ALA C 415 -11.43 3.24 -15.13
N SER C 416 -11.97 2.25 -15.81
CA SER C 416 -11.43 0.90 -15.71
C SER C 416 -10.25 0.68 -16.63
N ASN C 417 -10.10 1.51 -17.66
CA ASN C 417 -9.12 1.30 -18.71
C ASN C 417 -8.41 2.58 -19.12
N ALA C 418 -8.86 3.74 -18.66
CA ALA C 418 -8.40 5.02 -19.19
C ALA C 418 -6.89 5.21 -19.08
N LYS C 419 -6.23 4.49 -18.18
CA LYS C 419 -4.77 4.50 -18.19
C LYS C 419 -4.24 4.18 -19.58
N ASN C 420 -4.52 2.96 -20.06
CA ASN C 420 -4.05 2.54 -21.37
C ASN C 420 -4.62 3.40 -22.49
N TYR C 421 -5.75 4.06 -22.26
CA TYR C 421 -6.25 5.02 -23.24
C TYR C 421 -5.32 6.22 -23.33
N ARG C 422 -5.18 6.95 -22.22
CA ARG C 422 -4.28 8.10 -22.13
C ARG C 422 -2.94 7.76 -22.77
N GLN C 423 -2.48 6.52 -22.52
CA GLN C 423 -1.21 6.07 -23.08
C GLN C 423 -1.13 6.34 -24.58
N LYS C 424 -2.27 6.36 -25.25
CA LYS C 424 -2.33 6.50 -26.70
C LYS C 424 -2.29 7.94 -27.18
N ILE C 425 -2.61 8.90 -26.34
CA ILE C 425 -2.74 10.27 -26.83
C ILE C 425 -1.38 10.93 -26.98
N GLY C 426 -1.18 11.61 -28.12
CA GLY C 426 -0.17 12.64 -28.25
C GLY C 426 -0.85 13.99 -28.30
N TYR C 427 -0.53 14.89 -27.35
CA TYR C 427 -1.39 16.03 -27.05
C TYR C 427 -0.99 17.37 -27.69
N ILE C 428 0.14 17.97 -27.30
CA ILE C 428 0.52 19.34 -27.65
C ILE C 428 -0.48 20.34 -27.05
N PRO C 429 -0.12 21.05 -26.00
CA PRO C 429 -1.04 22.02 -25.40
C PRO C 429 -1.01 23.34 -26.16
N GLN C 430 -1.92 24.23 -25.77
CA GLN C 430 -1.92 25.58 -26.34
C GLN C 430 -0.62 26.30 -26.00
N ASN C 431 -0.36 26.46 -24.71
CA ASN C 431 0.88 26.99 -24.18
C ASN C 431 1.64 25.88 -23.45
N ILE C 432 2.95 25.98 -23.47
CA ILE C 432 3.86 24.88 -23.19
C ILE C 432 4.68 25.21 -21.96
N TYR C 433 4.96 24.19 -21.15
CA TYR C 433 5.96 24.27 -20.10
C TYR C 433 7.08 23.30 -20.42
N LEU C 434 8.28 23.81 -20.59
CA LEU C 434 9.46 22.99 -20.83
C LEU C 434 10.32 23.05 -19.58
N PHE C 435 10.64 21.90 -19.00
CA PHE C 435 11.42 21.91 -17.78
C PHE C 435 12.89 22.10 -18.09
N ASN C 436 13.57 22.84 -17.23
CA ASN C 436 14.87 23.41 -17.52
C ASN C 436 15.94 22.32 -17.51
N ASP C 437 15.95 21.53 -18.58
CA ASP C 437 17.07 20.64 -18.83
C ASP C 437 17.37 20.58 -20.32
N SER C 438 17.84 19.42 -20.80
CA SER C 438 18.23 19.31 -22.19
C SER C 438 17.04 19.47 -23.12
N ILE C 439 17.29 20.09 -24.27
CA ILE C 439 16.31 20.10 -25.34
C ILE C 439 16.06 18.69 -25.86
N ALA C 440 16.99 17.75 -25.62
CA ALA C 440 16.72 16.35 -25.88
C ALA C 440 15.72 15.79 -24.87
N LYS C 441 15.85 16.17 -23.62
CA LYS C 441 14.76 15.92 -22.70
C LYS C 441 13.57 16.75 -23.16
N ASN C 442 12.52 16.84 -22.34
CA ASN C 442 11.23 17.34 -22.82
C ASN C 442 10.77 16.46 -23.98
N ILE C 443 11.51 16.47 -25.09
CA ILE C 443 11.10 15.70 -26.27
C ILE C 443 10.88 14.24 -25.90
N THR C 444 11.80 13.66 -25.12
CA THR C 444 11.57 12.28 -24.71
C THR C 444 10.65 12.18 -23.51
N PHE C 445 10.63 13.22 -22.68
CA PHE C 445 9.98 13.21 -21.38
C PHE C 445 10.45 12.02 -20.55
N GLY C 446 11.77 12.00 -20.33
CA GLY C 446 12.39 11.05 -19.43
C GLY C 446 12.66 9.71 -20.07
N ASP C 447 11.73 9.25 -20.91
CA ASP C 447 11.71 7.88 -21.40
C ASP C 447 12.87 7.52 -22.32
N ALA C 448 14.07 7.42 -21.75
CA ALA C 448 15.26 7.00 -22.48
C ALA C 448 15.49 7.87 -23.71
N VAL C 449 16.38 7.44 -24.60
CA VAL C 449 16.57 8.11 -25.88
C VAL C 449 16.79 7.06 -26.95
N ASP C 450 15.90 7.01 -27.93
CA ASP C 450 16.15 6.34 -29.20
C ASP C 450 16.77 7.38 -30.11
N GLU C 451 18.08 7.26 -30.33
CA GLU C 451 18.84 8.31 -31.02
C GLU C 451 18.18 8.70 -32.33
N GLU C 452 18.06 7.74 -33.24
CA GLU C 452 17.51 8.07 -34.55
C GLU C 452 16.04 8.42 -34.47
N LYS C 453 15.29 7.82 -33.55
CA LYS C 453 13.88 8.19 -33.38
C LYS C 453 13.75 9.62 -32.88
N LEU C 454 14.61 10.00 -31.92
CA LEU C 454 14.70 11.40 -31.51
C LEU C 454 15.03 12.29 -32.69
N ASN C 455 15.95 11.88 -33.56
CA ASN C 455 16.32 12.72 -34.69
C ASN C 455 15.18 12.85 -35.69
N LYS C 456 14.47 11.75 -35.94
CA LYS C 456 13.32 11.81 -36.84
C LYS C 456 12.28 12.76 -36.31
N VAL C 457 12.06 12.75 -34.99
CA VAL C 457 11.06 13.63 -34.41
C VAL C 457 11.52 15.08 -34.46
N ILE C 458 12.81 15.33 -34.21
CA ILE C 458 13.37 16.67 -34.35
C ILE C 458 13.13 17.20 -35.76
N LYS C 459 13.33 16.34 -36.77
CA LYS C 459 13.21 16.76 -38.15
C LYS C 459 11.75 16.88 -38.59
N GLN C 460 10.85 16.14 -37.95
CA GLN C 460 9.43 16.32 -38.22
C GLN C 460 8.92 17.62 -37.62
N ALA C 461 9.48 18.03 -36.48
CA ALA C 461 9.24 19.36 -35.94
C ALA C 461 10.06 20.43 -36.64
N ASN C 462 10.79 20.06 -37.69
CA ASN C 462 11.65 20.95 -38.47
C ASN C 462 12.77 21.58 -37.62
N LEU C 463 12.87 21.21 -36.34
CA LEU C 463 13.85 21.78 -35.41
C LEU C 463 15.30 21.59 -35.85
N GLU C 464 15.59 20.72 -36.84
CA GLU C 464 16.97 20.32 -37.13
C GLU C 464 17.89 21.53 -37.31
N HIS C 465 17.50 22.47 -38.17
CA HIS C 465 18.25 23.71 -38.35
C HIS C 465 18.67 24.29 -37.02
N PHE C 466 17.68 24.55 -36.16
CA PHE C 466 17.92 25.18 -34.86
C PHE C 466 18.99 24.44 -34.05
N ILE C 467 19.07 23.11 -34.16
CA ILE C 467 20.04 22.38 -33.36
C ILE C 467 21.30 22.04 -34.12
N LYS C 468 21.37 22.36 -35.41
CA LYS C 468 22.65 22.21 -36.09
C LYS C 468 23.58 23.37 -35.78
N ASN C 469 23.02 24.58 -35.63
CA ASN C 469 23.79 25.75 -35.27
C ASN C 469 23.72 26.07 -33.78
N LEU C 470 23.29 25.11 -32.96
CA LEU C 470 23.33 25.24 -31.51
C LEU C 470 24.65 24.67 -30.98
N PRO C 471 25.22 25.28 -29.93
CA PRO C 471 26.52 24.82 -29.43
C PRO C 471 26.50 23.36 -29.02
N GLN C 472 25.67 23.00 -28.04
CA GLN C 472 25.50 21.61 -27.68
C GLN C 472 24.31 20.96 -28.37
N GLY C 473 23.76 21.61 -29.38
CA GLY C 473 22.72 21.03 -30.20
C GLY C 473 21.61 20.42 -29.39
N VAL C 474 21.38 19.12 -29.55
CA VAL C 474 20.29 18.46 -28.86
C VAL C 474 20.49 18.44 -27.35
N GLN C 475 21.65 18.87 -26.88
CA GLN C 475 21.90 18.83 -25.45
C GLN C 475 21.64 20.15 -24.75
N THR C 476 21.76 21.27 -25.47
CA THR C 476 21.64 22.60 -24.88
C THR C 476 20.42 22.66 -23.99
N LYS C 477 20.60 23.18 -22.78
CA LYS C 477 19.48 23.29 -21.86
C LYS C 477 18.47 24.28 -22.38
N VAL C 478 17.22 24.11 -21.94
CA VAL C 478 16.09 24.76 -22.58
C VAL C 478 15.71 26.04 -21.84
N GLY C 479 15.93 26.07 -20.55
CA GLY C 479 15.55 27.18 -19.70
C GLY C 479 14.34 26.84 -18.85
N ASP C 480 14.20 27.56 -17.74
CA ASP C 480 13.08 27.32 -16.84
C ASP C 480 11.77 27.68 -17.54
N GLY C 481 10.92 26.69 -17.78
CA GLY C 481 9.72 26.93 -18.54
C GLY C 481 9.94 27.22 -20.01
N GLY C 482 11.09 26.82 -20.56
CA GLY C 482 11.43 27.15 -21.93
C GLY C 482 11.80 28.59 -22.12
N SER C 483 12.08 29.31 -21.02
CA SER C 483 12.30 30.75 -21.09
C SER C 483 13.45 31.10 -22.03
N ASN C 484 14.54 30.33 -21.99
CA ASN C 484 15.68 30.62 -22.84
C ASN C 484 15.44 30.27 -24.30
N LEU C 485 14.28 29.72 -24.66
CA LEU C 485 13.90 29.56 -26.05
C LEU C 485 12.91 30.64 -26.44
N SER C 486 12.35 30.51 -27.64
CA SER C 486 11.27 31.39 -28.11
C SER C 486 9.96 30.61 -28.13
N GLY C 487 8.88 31.36 -28.32
CA GLY C 487 7.56 30.74 -28.34
C GLY C 487 7.43 29.70 -29.43
N GLY C 488 7.88 30.03 -30.64
CA GLY C 488 7.80 29.09 -31.74
C GLY C 488 8.69 27.88 -31.54
N GLN C 489 9.89 28.09 -30.99
CA GLN C 489 10.73 26.95 -30.62
C GLN C 489 10.07 26.10 -29.55
N LYS C 490 9.47 26.75 -28.53
CA LYS C 490 8.75 26.01 -27.49
C LYS C 490 7.67 25.13 -28.11
N GLN C 491 6.84 25.73 -28.96
CA GLN C 491 5.77 24.98 -29.61
C GLN C 491 6.31 23.83 -30.44
N ARG C 492 7.40 24.05 -31.17
CA ARG C 492 7.95 22.98 -32.01
C ARG C 492 8.46 21.85 -31.15
N ILE C 493 9.07 22.17 -30.01
CA ILE C 493 9.52 21.13 -29.09
C ILE C 493 8.32 20.37 -28.54
N ALA C 494 7.20 21.03 -28.31
CA ALA C 494 6.01 20.32 -27.83
C ALA C 494 5.45 19.39 -28.90
N ILE C 495 5.42 19.85 -30.16
CA ILE C 495 5.05 18.96 -31.26
C ILE C 495 6.01 17.78 -31.32
N ALA C 496 7.28 18.02 -31.03
CA ALA C 496 8.25 16.93 -31.00
C ALA C 496 7.98 15.98 -29.83
N ARG C 497 7.61 16.52 -28.67
CA ARG C 497 7.11 15.72 -27.56
C ARG C 497 6.03 14.74 -28.03
N ALA C 498 4.92 15.30 -28.53
CA ALA C 498 3.79 14.46 -28.94
C ALA C 498 4.17 13.49 -30.04
N LEU C 499 5.09 13.86 -30.94
CA LEU C 499 5.47 12.92 -31.97
C LEU C 499 6.34 11.80 -31.41
N TYR C 500 7.17 12.13 -30.42
CA TYR C 500 8.05 11.13 -29.83
C TYR C 500 7.27 10.07 -29.07
N LEU C 501 6.07 10.40 -28.62
CA LEU C 501 5.25 9.51 -27.81
C LEU C 501 4.68 8.34 -28.57
N GLU C 502 4.87 8.27 -29.89
CA GLU C 502 4.22 7.31 -30.78
C GLU C 502 2.75 7.67 -30.94
N PRO C 503 2.09 7.24 -32.01
CA PRO C 503 0.85 7.90 -32.41
C PRO C 503 -0.39 7.42 -31.68
N GLU C 504 -1.42 7.13 -32.47
CA GLU C 504 -2.77 6.75 -32.06
C GLU C 504 -3.50 7.93 -31.44
N ILE C 505 -4.16 8.73 -32.27
CA ILE C 505 -4.82 9.98 -31.88
C ILE C 505 -3.78 11.05 -31.56
N LEU C 506 -3.51 11.91 -32.52
CA LEU C 506 -2.69 13.10 -32.32
C LEU C 506 -3.64 14.29 -32.16
N VAL C 507 -3.76 14.78 -30.94
CA VAL C 507 -4.52 16.01 -30.71
C VAL C 507 -3.56 17.19 -30.88
N LEU C 508 -4.11 18.37 -31.16
CA LEU C 508 -3.21 19.48 -31.45
C LEU C 508 -3.50 20.73 -30.62
N ASP C 509 -4.68 21.32 -30.77
CA ASP C 509 -5.13 22.43 -29.91
C ASP C 509 -4.15 23.62 -29.97
N GLN C 510 -4.17 24.28 -31.13
CA GLN C 510 -3.33 25.45 -31.37
C GLN C 510 -1.85 25.10 -31.21
N ALA C 511 -1.42 24.14 -32.01
CA ALA C 511 -0.04 23.67 -31.95
C ALA C 511 0.91 24.57 -32.75
N THR C 512 0.37 25.39 -33.64
CA THR C 512 1.19 26.21 -34.52
C THR C 512 0.80 27.69 -34.42
N SER C 513 0.20 28.09 -33.31
CA SER C 513 -0.19 29.49 -33.15
C SER C 513 1.04 30.40 -33.07
N ALA C 514 2.12 29.90 -32.48
CA ALA C 514 3.35 30.67 -32.30
C ALA C 514 4.33 30.49 -33.46
N LEU C 515 3.85 30.16 -34.64
CA LEU C 515 4.69 30.01 -35.82
C LEU C 515 4.12 30.86 -36.94
N ASP C 516 4.97 31.23 -37.89
CA ASP C 516 4.52 32.01 -39.03
C ASP C 516 3.68 31.13 -39.96
N THR C 517 3.27 31.71 -41.09
CA THR C 517 2.49 30.94 -42.05
C THR C 517 3.32 29.84 -42.69
N GLN C 518 4.56 30.17 -43.09
CA GLN C 518 5.39 29.23 -43.85
C GLN C 518 5.87 28.05 -43.00
N SER C 519 6.41 28.34 -41.82
CA SER C 519 6.86 27.27 -40.94
C SER C 519 5.70 26.36 -40.52
N GLU C 520 4.51 26.95 -40.31
CA GLU C 520 3.33 26.15 -40.02
C GLU C 520 2.97 25.26 -41.20
N ALA C 521 3.07 25.78 -42.43
CA ALA C 521 2.91 24.94 -43.60
C ALA C 521 3.85 23.75 -43.55
N LYS C 522 5.12 24.01 -43.22
CA LYS C 522 6.11 22.94 -43.12
C LYS C 522 5.67 21.87 -42.11
N ILE C 523 5.31 22.32 -40.90
CA ILE C 523 4.95 21.40 -39.83
C ILE C 523 3.74 20.56 -40.22
N MET C 524 2.68 21.22 -40.70
CA MET C 524 1.45 20.51 -41.01
C MET C 524 1.63 19.55 -42.19
N ASP C 525 2.36 19.97 -43.23
CA ASP C 525 2.54 19.08 -44.36
C ASP C 525 3.44 17.90 -44.01
N GLU C 526 4.33 18.05 -43.02
CA GLU C 526 5.10 16.88 -42.59
C GLU C 526 4.30 16.00 -41.64
N ILE C 527 3.34 16.59 -40.93
CA ILE C 527 2.55 15.84 -39.97
C ILE C 527 1.44 15.06 -40.67
N TYR C 528 0.86 15.63 -41.72
CA TYR C 528 -0.25 14.97 -42.39
C TYR C 528 0.22 13.71 -43.11
N LYS C 529 1.41 13.78 -43.72
CA LYS C 529 1.97 12.59 -44.35
C LYS C 529 2.64 11.68 -43.34
N ILE C 530 2.09 11.62 -42.14
CA ILE C 530 2.45 10.57 -41.20
C ILE C 530 1.20 10.18 -40.42
N SER C 531 0.23 11.09 -40.37
CA SER C 531 -0.98 10.89 -39.57
C SER C 531 -2.14 10.38 -40.39
N LYS C 532 -1.87 9.66 -41.49
CA LYS C 532 -2.92 9.07 -42.29
C LYS C 532 -3.19 7.61 -41.91
N ASP C 533 -2.61 7.15 -40.82
CA ASP C 533 -2.91 5.86 -40.22
C ASP C 533 -3.42 5.97 -38.79
N LYS C 534 -3.00 7.01 -38.06
CA LYS C 534 -3.58 7.35 -36.79
C LYS C 534 -4.56 8.50 -36.96
N THR C 535 -5.54 8.57 -36.07
CA THR C 535 -6.45 9.69 -36.15
C THR C 535 -5.83 10.91 -35.49
N MET C 536 -6.49 12.05 -35.66
CA MET C 536 -5.95 13.30 -35.15
C MET C 536 -7.05 14.34 -35.00
N ILE C 537 -6.84 15.27 -34.09
CA ILE C 537 -7.81 16.31 -33.79
C ILE C 537 -7.07 17.63 -33.76
N ILE C 538 -7.40 18.51 -34.71
CA ILE C 538 -6.81 19.84 -34.78
C ILE C 538 -7.79 20.83 -34.18
N ILE C 539 -7.28 21.72 -33.34
CA ILE C 539 -7.99 22.91 -32.89
C ILE C 539 -7.13 24.10 -33.29
N ALA C 540 -7.64 24.93 -34.19
CA ALA C 540 -6.92 26.14 -34.56
C ALA C 540 -7.91 27.23 -34.92
N HIS C 541 -7.61 28.47 -34.50
CA HIS C 541 -8.42 29.62 -34.88
C HIS C 541 -8.11 30.06 -36.31
N ARG C 542 -6.84 30.09 -36.66
CA ARG C 542 -6.44 30.46 -38.01
C ARG C 542 -6.68 29.28 -38.94
N LEU C 543 -7.12 29.59 -40.16
CA LEU C 543 -7.32 28.59 -41.22
C LEU C 543 -5.98 28.03 -41.68
N SER C 544 -5.95 27.48 -42.90
CA SER C 544 -4.75 26.91 -43.50
C SER C 544 -4.28 25.65 -42.77
N THR C 545 -4.27 25.69 -41.43
CA THR C 545 -4.00 24.49 -40.65
C THR C 545 -5.04 23.40 -40.92
N ILE C 546 -6.26 23.82 -41.26
CA ILE C 546 -7.39 22.91 -41.43
C ILE C 546 -7.60 22.53 -42.89
N THR C 547 -6.64 22.87 -43.77
CA THR C 547 -6.81 22.65 -45.21
C THR C 547 -6.99 21.17 -45.52
N GLN C 548 -6.14 20.31 -44.94
CA GLN C 548 -6.15 18.89 -45.23
C GLN C 548 -7.05 18.10 -44.29
N CYS C 549 -7.59 18.73 -43.25
CA CYS C 549 -8.69 18.12 -42.50
C CYS C 549 -9.87 17.84 -43.42
N ASP C 550 -10.61 16.78 -43.13
CA ASP C 550 -11.76 16.40 -43.96
C ASP C 550 -13.08 16.86 -43.35
N LYS C 551 -13.36 16.48 -42.10
CA LYS C 551 -14.59 16.87 -41.44
C LYS C 551 -14.29 17.94 -40.40
N VAL C 552 -15.08 19.02 -40.43
CA VAL C 552 -14.83 20.21 -39.62
C VAL C 552 -16.12 20.57 -38.89
N TYR C 553 -16.10 20.49 -37.57
CA TYR C 553 -17.27 20.78 -36.74
C TYR C 553 -17.08 22.11 -36.04
N ARG C 554 -18.17 22.87 -35.88
CA ARG C 554 -18.13 24.18 -35.26
C ARG C 554 -19.01 24.20 -34.02
N LEU C 555 -18.46 24.75 -32.93
CA LEU C 555 -19.09 24.72 -31.61
C LEU C 555 -19.75 26.07 -31.31
N GLU C 556 -21.05 26.05 -31.03
CA GLU C 556 -21.77 27.28 -30.73
C GLU C 556 -22.39 27.22 -29.33
N HIS C 557 -23.35 28.11 -29.05
CA HIS C 557 -24.15 27.94 -27.84
C HIS C 557 -24.83 26.58 -27.85
N GLY C 558 -25.31 26.17 -29.02
CA GLY C 558 -25.73 24.81 -29.23
C GLY C 558 -24.55 23.88 -29.46
N LYS C 559 -24.89 22.60 -29.58
CA LYS C 559 -23.90 21.57 -29.83
C LYS C 559 -23.20 21.81 -31.17
N LEU C 560 -22.06 21.14 -31.34
CA LEU C 560 -21.38 21.22 -32.61
C LEU C 560 -22.19 20.54 -33.69
N LYS C 561 -22.13 21.09 -34.90
CA LYS C 561 -22.60 20.37 -36.08
C LYS C 561 -21.55 20.49 -37.17
N GLU C 562 -21.59 19.53 -38.09
CA GLU C 562 -20.66 19.45 -39.20
C GLU C 562 -20.70 20.74 -40.04
N GLU C 563 -19.69 20.91 -40.88
CA GLU C 563 -19.59 22.13 -41.68
C GLU C 563 -18.67 21.92 -42.88
N LYS C 564 -19.22 22.04 -44.09
CA LYS C 564 -18.44 22.00 -45.32
C LYS C 564 -19.03 22.92 -46.38
N MET D 1 34.12 32.57 5.56
CA MET D 1 33.90 31.88 6.82
C MET D 1 32.85 32.61 7.65
N VAL D 2 33.28 33.19 8.78
CA VAL D 2 32.36 33.94 9.64
C VAL D 2 32.11 35.34 9.09
N LYS D 3 33.02 35.87 8.27
CA LYS D 3 32.75 37.11 7.56
C LYS D 3 31.57 36.98 6.62
N LYS D 4 31.43 35.80 5.99
CA LYS D 4 30.21 35.49 5.25
C LYS D 4 28.99 35.69 6.14
N LEU D 5 29.06 35.20 7.37
CA LEU D 5 27.94 35.31 8.30
C LEU D 5 27.68 36.77 8.67
N PHE D 6 28.74 37.58 8.81
CA PHE D 6 28.60 38.97 9.21
C PHE D 6 28.17 39.88 8.07
N PHE D 7 28.27 39.42 6.82
CA PHE D 7 27.67 40.18 5.72
C PHE D 7 26.14 40.11 5.77
N ILE D 8 25.60 38.91 6.01
CA ILE D 8 24.14 38.74 6.01
C ILE D 8 23.48 39.66 7.02
N LEU D 9 24.07 39.77 8.20
CA LEU D 9 23.51 40.59 9.27
C LEU D 9 23.68 42.07 8.94
N SER D 10 22.56 42.78 8.76
CA SER D 10 22.61 44.20 8.48
C SER D 10 23.30 44.95 9.63
N LYS D 11 23.61 46.22 9.39
CA LYS D 11 24.37 46.99 10.38
C LYS D 11 23.62 47.20 11.70
N GLU D 12 22.36 46.74 11.82
CA GLU D 12 21.60 46.90 13.06
C GLU D 12 21.73 45.68 13.97
N ASP D 13 21.43 44.49 13.45
CA ASP D 13 21.39 43.29 14.28
C ASP D 13 22.78 42.76 14.63
N LYS D 14 23.85 43.29 14.03
CA LYS D 14 25.19 42.98 14.52
C LYS D 14 25.39 43.58 15.91
N ASN D 15 24.96 44.83 16.10
CA ASN D 15 24.92 45.44 17.42
C ASN D 15 24.05 44.63 18.37
N PHE D 16 22.89 44.20 17.90
CA PHE D 16 22.03 43.32 18.69
C PHE D 16 22.77 42.05 19.10
N LEU D 17 23.61 41.52 18.21
CA LEU D 17 24.31 40.28 18.48
C LEU D 17 25.38 40.48 19.55
N PHE D 18 26.15 41.56 19.46
CA PHE D 18 27.12 41.86 20.52
C PHE D 18 26.40 42.11 21.84
N PHE D 19 25.25 42.78 21.79
CA PHE D 19 24.44 43.02 22.97
C PHE D 19 24.04 41.71 23.64
N LEU D 20 23.50 40.78 22.85
CA LEU D 20 23.07 39.50 23.39
C LEU D 20 24.26 38.68 23.90
N LEU D 21 25.42 38.82 23.26
CA LEU D 21 26.63 38.19 23.78
C LEU D 21 26.93 38.66 25.20
N VAL D 22 26.91 39.98 25.41
CA VAL D 22 27.17 40.51 26.75
C VAL D 22 26.10 40.08 27.74
N PHE D 23 24.83 40.12 27.32
CA PHE D 23 23.75 39.70 28.19
C PHE D 23 23.89 38.23 28.58
N SER D 24 24.32 37.40 27.64
CA SER D 24 24.56 35.99 27.95
C SER D 24 25.67 35.82 28.97
N VAL D 25 26.75 36.59 28.81
CA VAL D 25 27.81 36.56 29.82
C VAL D 25 27.25 36.89 31.20
N PHE D 26 26.40 37.93 31.28
CA PHE D 26 25.85 38.33 32.57
C PHE D 26 24.92 37.26 33.15
N VAL D 27 24.10 36.64 32.30
CA VAL D 27 23.20 35.61 32.79
C VAL D 27 23.98 34.40 33.24
N SER D 28 25.08 34.08 32.57
CA SER D 28 25.93 32.99 33.04
C SER D 28 26.56 33.32 34.38
N PHE D 29 26.99 34.57 34.56
CA PHE D 29 27.47 35.04 35.86
C PHE D 29 26.43 34.77 36.95
N ILE D 30 25.19 35.21 36.72
CA ILE D 30 24.15 35.05 37.73
C ILE D 30 23.83 33.59 37.96
N GLU D 31 23.86 32.75 36.93
CA GLU D 31 23.52 31.33 37.08
C GLU D 31 24.58 30.61 37.92
N THR D 32 25.86 30.81 37.61
CA THR D 32 26.90 30.18 38.40
C THR D 32 26.92 30.73 39.82
N PHE D 33 26.71 32.04 39.97
CA PHE D 33 26.62 32.62 41.30
C PHE D 33 25.47 32.01 42.08
N ALA D 34 24.34 31.78 41.42
CA ALA D 34 23.19 31.12 42.01
C ALA D 34 23.61 29.78 42.59
N ILE D 35 23.91 28.81 41.71
CA ILE D 35 24.11 27.44 42.19
C ILE D 35 25.25 27.38 43.19
N SER D 36 26.33 28.15 42.94
CA SER D 36 27.40 28.24 43.91
C SER D 36 26.84 28.66 45.26
N LEU D 37 26.32 29.90 45.39
CA LEU D 37 25.79 30.37 46.67
C LEU D 37 24.76 29.45 47.28
N VAL D 38 24.11 28.59 46.48
CA VAL D 38 23.30 27.53 47.07
C VAL D 38 24.18 26.60 47.87
N MET D 39 25.36 26.28 47.33
CA MET D 39 26.23 25.32 48.04
C MET D 39 26.58 25.76 49.48
N PRO D 40 27.12 26.97 49.74
CA PRO D 40 27.40 27.33 51.14
C PRO D 40 26.16 27.64 51.97
N PHE D 41 25.00 27.86 51.35
CA PHE D 41 23.78 28.03 52.14
C PHE D 41 23.10 26.71 52.45
N ILE D 42 23.25 25.71 51.58
CA ILE D 42 22.77 24.38 51.94
C ILE D 42 23.76 23.66 52.84
N THR D 43 25.01 24.10 52.89
CA THR D 43 25.98 23.47 53.78
C THR D 43 25.84 23.92 55.23
N LEU D 44 25.02 24.94 55.51
CA LEU D 44 24.77 25.42 56.87
C LEU D 44 23.32 25.10 57.22
N ALA D 45 23.12 24.12 58.10
CA ALA D 45 21.77 23.74 58.50
C ALA D 45 21.77 22.97 59.82
N SER D 46 22.01 21.65 59.76
CA SER D 46 21.98 20.83 60.97
C SER D 46 23.14 21.14 61.89
N ASP D 47 24.33 21.39 61.33
CA ASP D 47 25.50 21.78 62.08
C ASP D 47 25.76 23.26 61.88
N PHE D 48 25.90 23.99 62.99
CA PHE D 48 26.20 25.42 62.96
C PHE D 48 27.67 25.69 63.28
N SER D 49 28.53 24.68 63.15
CA SER D 49 29.93 24.82 63.53
C SER D 49 30.77 25.60 62.53
N TYR D 50 30.22 25.95 61.36
CA TYR D 50 31.00 26.70 60.39
C TYR D 50 30.96 28.20 60.64
N PHE D 51 29.96 28.69 61.37
CA PHE D 51 30.01 30.07 61.86
C PHE D 51 31.08 30.26 62.93
N ASP D 52 31.82 29.20 63.27
CA ASP D 52 32.81 29.23 64.32
C ASP D 52 34.23 29.02 63.82
N ARG D 53 34.41 28.58 62.58
CA ARG D 53 35.74 28.43 62.00
C ARG D 53 35.69 28.91 60.55
N ASN D 54 36.82 28.76 59.86
CA ASN D 54 37.06 29.35 58.54
C ASN D 54 37.06 30.87 58.64
N LYS D 55 38.16 31.50 58.23
CA LYS D 55 38.35 32.93 58.49
C LYS D 55 37.23 33.77 57.89
N TYR D 56 36.80 33.43 56.67
CA TYR D 56 35.79 34.26 56.01
C TYR D 56 34.40 34.07 56.59
N LEU D 57 34.09 32.87 57.11
CA LEU D 57 32.76 32.57 57.61
C LEU D 57 32.58 32.90 59.09
N ILE D 58 33.62 33.39 59.77
CA ILE D 58 33.53 33.69 61.19
C ILE D 58 33.52 35.19 61.48
N SER D 59 34.01 36.04 60.56
CA SER D 59 34.01 37.48 60.80
C SER D 59 32.61 38.11 60.71
N LEU D 60 31.53 37.31 60.63
CA LEU D 60 30.17 37.83 60.55
C LEU D 60 29.27 37.38 61.69
N LYS D 61 29.59 36.26 62.36
CA LYS D 61 28.74 35.77 63.43
C LYS D 61 28.66 36.77 64.59
N GLU D 62 29.75 37.50 64.85
CA GLU D 62 29.83 38.45 65.96
C GLU D 62 29.58 39.89 65.52
N TYR D 63 28.79 40.10 64.46
CA TYR D 63 28.36 41.46 64.14
C TYR D 63 27.44 42.03 65.23
N LEU D 64 26.78 41.17 65.99
CA LEU D 64 25.92 41.52 67.12
C LEU D 64 24.66 42.28 66.69
N ASN D 65 24.32 42.24 65.40
CA ASN D 65 23.08 42.86 64.96
C ASN D 65 21.87 42.03 65.39
N ILE D 66 21.94 40.72 65.18
CA ILE D 66 20.80 39.82 65.40
C ILE D 66 21.26 38.59 66.13
N PRO D 67 20.35 37.94 66.86
CA PRO D 67 20.68 36.65 67.48
C PRO D 67 21.09 35.59 66.46
N VAL D 68 21.45 34.40 66.95
CA VAL D 68 22.13 33.42 66.11
C VAL D 68 21.21 32.83 65.04
N PHE D 69 19.91 32.75 65.32
CA PHE D 69 18.98 32.09 64.42
C PHE D 69 18.43 33.01 63.32
N GLU D 70 18.71 34.31 63.39
CA GLU D 70 18.17 35.27 62.44
C GLU D 70 19.08 35.49 61.24
N ILE D 71 20.39 35.24 61.40
CA ILE D 71 21.31 35.31 60.26
C ILE D 71 20.85 34.35 59.17
N ILE D 72 20.41 33.16 59.57
CA ILE D 72 20.02 32.14 58.59
C ILE D 72 18.70 32.52 57.90
N VAL D 73 17.81 33.23 58.59
CA VAL D 73 16.55 33.65 57.97
C VAL D 73 16.80 34.82 57.01
N TYR D 74 17.68 35.75 57.41
CA TYR D 74 18.13 36.79 56.49
C TYR D 74 18.73 36.18 55.22
N PHE D 75 19.58 35.17 55.38
CA PHE D 75 20.13 34.47 54.23
C PHE D 75 19.05 33.79 53.40
N GLY D 76 18.06 33.18 54.06
CA GLY D 76 17.01 32.50 53.33
C GLY D 76 16.15 33.43 52.50
N VAL D 77 15.79 34.60 53.07
CA VAL D 77 14.99 35.55 52.31
C VAL D 77 15.82 36.13 51.16
N GLY D 78 17.10 36.42 51.40
CA GLY D 78 17.96 36.83 50.32
C GLY D 78 17.98 35.80 49.20
N LEU D 79 18.05 34.51 49.57
CA LEU D 79 18.10 33.44 48.58
C LEU D 79 16.80 33.37 47.77
N ILE D 80 15.65 33.44 48.45
CA ILE D 80 14.38 33.31 47.73
C ILE D 80 14.16 34.51 46.81
N VAL D 81 14.47 35.72 47.27
CA VAL D 81 14.26 36.90 46.44
C VAL D 81 15.22 36.88 45.25
N PHE D 82 16.50 36.59 45.50
CA PHE D 82 17.46 36.47 44.40
C PHE D 82 17.05 35.39 43.41
N TYR D 83 16.41 34.33 43.90
CA TYR D 83 16.00 33.24 43.03
C TYR D 83 14.87 33.65 42.11
N VAL D 84 13.87 34.33 42.66
CA VAL D 84 12.82 34.95 41.84
C VAL D 84 13.46 35.86 40.80
N PHE D 85 14.42 36.69 41.24
CA PHE D 85 15.08 37.60 40.32
C PHE D 85 15.80 36.86 39.20
N ARG D 86 16.47 35.76 39.53
CA ARG D 86 17.22 35.00 38.53
C ARG D 86 16.28 34.37 37.51
N ALA D 87 15.18 33.78 37.98
CA ALA D 87 14.19 33.25 37.05
C ALA D 87 13.65 34.34 36.14
N LEU D 88 13.42 35.54 36.67
CA LEU D 88 12.88 36.61 35.83
C LEU D 88 13.92 37.13 34.83
N LEU D 89 15.16 37.28 35.27
CA LEU D 89 16.23 37.68 34.35
C LEU D 89 16.38 36.65 33.23
N ASN D 90 16.28 35.37 33.57
CA ASN D 90 16.27 34.32 32.56
C ASN D 90 15.11 34.51 31.59
N ALA D 91 13.92 34.79 32.12
CA ALA D 91 12.76 35.00 31.25
C ALA D 91 13.02 36.10 30.25
N TYR D 92 13.52 37.24 30.71
CA TYR D 92 13.78 38.37 29.81
C TYR D 92 14.84 38.01 28.77
N TYR D 93 15.94 37.40 29.21
CA TYR D 93 17.01 37.06 28.27
C TYR D 93 16.53 36.04 27.24
N PHE D 94 15.72 35.07 27.66
CA PHE D 94 15.24 34.05 26.74
C PHE D 94 14.26 34.64 25.74
N HIS D 95 13.38 35.53 26.18
CA HIS D 95 12.52 36.21 25.24
C HIS D 95 13.34 36.97 24.20
N LEU D 96 14.44 37.59 24.63
CA LEU D 96 15.28 38.31 23.66
C LEU D 96 15.95 37.34 22.70
N LEU D 97 16.35 36.17 23.18
CA LEU D 97 16.85 35.14 22.28
C LEU D 97 15.81 34.79 21.22
N ALA D 98 14.57 34.56 21.66
CA ALA D 98 13.48 34.27 20.74
C ALA D 98 13.35 35.37 19.69
N ARG D 99 13.17 36.60 20.17
CA ARG D 99 13.11 37.78 19.30
C ARG D 99 14.18 37.74 18.23
N PHE D 100 15.44 37.62 18.65
CA PHE D 100 16.54 37.70 17.69
C PHE D 100 16.50 36.55 16.71
N SER D 101 16.50 35.31 17.23
CA SER D 101 16.60 34.12 16.40
C SER D 101 15.52 34.07 15.34
N LYS D 102 14.27 34.30 15.75
CA LYS D 102 13.16 34.17 14.80
C LYS D 102 12.98 35.42 13.93
N GLY D 103 13.21 36.63 14.45
CA GLY D 103 13.16 37.80 13.58
C GLY D 103 14.21 37.77 12.49
N ARG D 104 15.31 37.04 12.70
CA ARG D 104 16.28 36.93 11.62
C ARG D 104 15.66 36.34 10.37
N LYS D 105 14.65 35.45 10.52
CA LYS D 105 13.94 34.94 9.35
C LYS D 105 13.31 36.09 8.57
N HIS D 106 12.48 36.89 9.23
CA HIS D 106 11.86 38.03 8.55
C HIS D 106 12.93 38.87 7.84
N ALA D 107 13.98 39.24 8.57
CA ALA D 107 14.99 40.14 8.02
C ALA D 107 15.66 39.53 6.78
N ILE D 108 16.31 38.39 6.96
CA ILE D 108 17.10 37.81 5.88
C ILE D 108 16.20 37.42 4.71
N ALA D 109 15.02 36.88 4.98
CA ALA D 109 14.15 36.45 3.90
C ALA D 109 13.73 37.62 3.04
N TYR D 110 13.26 38.70 3.66
CA TYR D 110 12.86 39.81 2.81
C TYR D 110 14.05 40.39 2.06
N LYS D 111 15.25 40.35 2.65
CA LYS D 111 16.43 40.80 1.92
C LYS D 111 16.67 39.95 0.68
N VAL D 112 16.55 38.63 0.80
CA VAL D 112 16.78 37.77 -0.35
C VAL D 112 15.72 38.01 -1.42
N PHE D 113 14.46 38.19 -1.00
CA PHE D 113 13.41 38.43 -1.98
C PHE D 113 13.66 39.72 -2.73
N SER D 114 14.11 40.76 -2.04
CA SER D 114 14.46 41.98 -2.74
C SER D 114 15.57 41.74 -3.75
N LYS D 115 16.65 41.06 -3.33
CA LYS D 115 17.77 40.86 -4.26
C LYS D 115 17.35 40.05 -5.47
N PHE D 116 16.35 39.18 -5.32
CA PHE D 116 15.91 38.41 -6.48
C PHE D 116 14.92 39.17 -7.34
N LEU D 117 14.22 40.14 -6.77
CA LEU D 117 13.27 40.91 -7.57
C LEU D 117 13.96 42.02 -8.35
N ASN D 118 15.07 42.53 -7.85
CA ASN D 118 15.70 43.69 -8.47
C ASN D 118 16.76 43.35 -9.51
N ILE D 119 17.17 42.09 -9.62
CA ILE D 119 18.17 41.74 -10.62
C ILE D 119 17.65 42.07 -12.02
N ASN D 120 18.58 42.15 -12.97
CA ASN D 120 18.24 42.32 -14.38
C ASN D 120 17.36 41.17 -14.86
N TYR D 121 16.44 41.48 -15.78
CA TYR D 121 15.54 40.45 -16.29
C TYR D 121 16.30 39.27 -16.87
N GLU D 122 17.48 39.51 -17.45
CA GLU D 122 18.27 38.39 -17.95
C GLU D 122 18.93 37.63 -16.80
N LYS D 123 19.52 38.36 -15.86
CA LYS D 123 20.04 37.71 -14.65
C LYS D 123 19.00 36.80 -14.03
N PHE D 124 17.75 37.27 -13.96
CA PHE D 124 16.68 36.42 -13.44
C PHE D 124 16.42 35.23 -14.35
N THR D 125 16.37 35.48 -15.66
CA THR D 125 15.97 34.43 -16.58
C THR D 125 17.03 33.33 -16.67
N GLN D 126 18.21 33.55 -16.11
CA GLN D 126 19.13 32.42 -15.91
C GLN D 126 18.70 31.56 -14.72
N LYS D 127 18.20 32.18 -13.64
CA LYS D 127 17.97 31.44 -12.39
C LYS D 127 16.81 30.45 -12.51
N ASN D 128 16.74 29.56 -11.53
CA ASN D 128 15.70 28.54 -11.44
C ASN D 128 14.70 28.92 -10.36
N GLN D 129 13.41 28.92 -10.72
CA GLN D 129 12.37 29.37 -9.80
C GLN D 129 12.38 28.56 -8.50
N SER D 130 12.51 27.24 -8.63
CA SER D 130 12.61 26.39 -7.46
C SER D 130 13.81 26.77 -6.59
N GLU D 131 14.89 27.24 -7.20
CA GLU D 131 16.06 27.62 -6.42
C GLU D 131 15.80 28.87 -5.59
N ILE D 132 15.18 29.89 -6.19
CA ILE D 132 14.77 31.07 -5.42
C ILE D 132 13.85 30.67 -4.28
N LEU D 133 12.91 29.76 -4.55
CA LEU D 133 11.98 29.34 -3.51
C LEU D 133 12.71 28.60 -2.39
N LYS D 134 13.55 27.63 -2.76
CA LYS D 134 14.36 26.90 -1.79
C LYS D 134 15.14 27.85 -0.90
N SER D 135 15.85 28.80 -1.50
CA SER D 135 16.52 29.85 -0.74
C SER D 135 15.56 30.55 0.20
N ILE D 136 14.76 31.47 -0.33
CA ILE D 136 13.89 32.38 0.44
C ILE D 136 13.07 31.65 1.49
N THR D 137 12.91 30.33 1.37
CA THR D 137 12.18 29.67 2.44
C THR D 137 13.05 28.77 3.31
N GLY D 138 13.54 27.67 2.72
CA GLY D 138 14.27 26.70 3.52
C GLY D 138 15.63 27.19 3.96
N GLU D 139 16.32 27.92 3.10
CA GLU D 139 17.66 28.31 3.49
C GLU D 139 17.64 29.45 4.49
N VAL D 140 16.66 30.35 4.42
CA VAL D 140 16.55 31.34 5.49
C VAL D 140 16.18 30.67 6.80
N TYR D 141 15.33 29.64 6.76
CA TYR D 141 14.96 29.03 8.04
C TYR D 141 16.15 28.35 8.69
N ASN D 142 16.88 27.54 7.92
CA ASN D 142 18.03 26.91 8.55
C ASN D 142 19.16 27.89 8.81
N LEU D 143 19.21 29.02 8.11
CA LEU D 143 20.19 30.05 8.50
C LEU D 143 19.80 30.70 9.80
N SER D 144 18.51 30.86 10.08
CA SER D 144 18.12 31.39 11.38
C SER D 144 18.42 30.39 12.48
N THR D 145 18.15 29.10 12.24
CA THR D 145 18.57 28.08 13.19
C THR D 145 20.08 28.11 13.39
N MET D 146 20.81 28.33 12.30
CA MET D 146 22.26 28.39 12.34
C MET D 146 22.75 29.57 13.17
N ILE D 147 22.13 30.73 12.98
CA ILE D 147 22.46 31.93 13.75
C ILE D 147 22.25 31.66 15.23
N SER D 148 21.12 31.03 15.57
CA SER D 148 20.88 30.59 16.93
C SER D 148 22.04 29.76 17.46
N SER D 149 22.46 28.76 16.66
CA SER D 149 23.54 27.89 17.10
C SER D 149 24.86 28.64 17.28
N PHE D 150 25.18 29.56 16.37
CA PHE D 150 26.43 30.31 16.49
C PHE D 150 26.43 31.21 17.71
N LEU D 151 25.33 31.92 17.94
CA LEU D 151 25.25 32.76 19.12
C LEU D 151 25.35 31.93 20.39
N LEU D 152 24.65 30.79 20.44
CA LEU D 152 24.76 29.90 21.58
C LEU D 152 26.20 29.41 21.76
N LEU D 153 26.89 29.15 20.65
CA LEU D 153 28.30 28.76 20.69
C LEU D 153 29.13 29.79 21.44
N MET D 154 29.10 31.04 20.97
CA MET D 154 30.02 32.01 21.56
C MET D 154 29.60 32.37 22.99
N SER D 155 28.29 32.41 23.23
CA SER D 155 27.78 32.51 24.59
C SER D 155 28.41 31.45 25.49
N GLU D 156 28.30 30.19 25.09
CA GLU D 156 28.72 29.08 25.95
C GLU D 156 30.24 28.96 26.03
N ILE D 157 30.99 29.42 25.02
CA ILE D 157 32.45 29.38 25.17
C ILE D 157 32.91 30.44 26.16
N PHE D 158 32.29 31.63 26.12
CA PHE D 158 32.58 32.61 27.17
C PHE D 158 32.20 32.04 28.54
N VAL D 159 31.06 31.35 28.61
CA VAL D 159 30.62 30.69 29.84
C VAL D 159 31.72 29.76 30.36
N VAL D 160 32.11 28.79 29.53
CA VAL D 160 33.10 27.81 29.94
C VAL D 160 34.39 28.51 30.35
N LEU D 161 34.81 29.52 29.60
CA LEU D 161 36.06 30.21 29.90
C LEU D 161 36.05 30.85 31.29
N LEU D 162 35.09 31.75 31.52
CA LEU D 162 35.10 32.51 32.77
C LEU D 162 34.73 31.63 33.96
N LEU D 163 33.70 30.80 33.81
CA LEU D 163 33.35 29.85 34.87
C LEU D 163 34.49 28.88 35.15
N TYR D 164 35.28 28.53 34.13
CA TYR D 164 36.40 27.62 34.32
C TYR D 164 37.46 28.25 35.18
N ALA D 165 37.82 29.49 34.87
CA ALA D 165 38.75 30.21 35.73
C ALA D 165 38.22 30.32 37.16
N LEU D 166 36.92 30.63 37.31
CA LEU D 166 36.33 30.78 38.63
C LEU D 166 36.43 29.48 39.43
N MET D 167 35.85 28.40 38.91
CA MET D 167 35.93 27.10 39.55
C MET D 167 37.35 26.57 39.64
N LEU D 168 38.29 27.18 38.92
CA LEU D 168 39.71 26.85 39.05
C LEU D 168 40.35 27.56 40.24
N LEU D 169 39.79 28.70 40.67
CA LEU D 169 40.31 29.37 41.86
C LEU D 169 40.40 28.41 43.04
N ILE D 170 39.27 27.90 43.51
CA ILE D 170 39.24 26.98 44.65
C ILE D 170 39.41 25.56 44.14
N ASN D 171 40.31 24.81 44.77
CA ASN D 171 40.72 23.49 44.31
C ASN D 171 41.24 23.57 42.87
N TYR D 172 42.54 23.76 42.72
CA TYR D 172 43.17 24.25 41.50
C TYR D 172 43.62 23.11 40.57
N LYS D 173 44.45 22.20 41.08
CA LYS D 173 44.99 21.13 40.26
C LYS D 173 43.90 20.24 39.69
N ILE D 174 42.82 20.03 40.45
CA ILE D 174 41.74 19.19 39.95
C ILE D 174 40.99 19.87 38.82
N THR D 175 40.86 21.21 38.86
CA THR D 175 40.24 21.90 37.74
C THR D 175 41.15 21.91 36.52
N LEU D 176 42.47 21.94 36.72
CA LEU D 176 43.36 21.75 35.58
C LEU D 176 43.23 20.36 34.99
N PHE D 177 43.09 19.33 35.85
CA PHE D 177 42.87 17.97 35.37
C PHE D 177 41.58 17.88 34.56
N LEU D 178 40.51 18.50 35.07
CA LEU D 178 39.25 18.53 34.33
C LEU D 178 39.41 19.27 33.01
N SER D 179 40.19 20.36 33.00
CA SER D 179 40.43 21.08 31.75
C SER D 179 41.10 20.19 30.72
N ILE D 180 42.18 19.51 31.12
CA ILE D 180 42.89 18.62 30.20
C ILE D 180 41.94 17.55 29.67
N PHE D 181 41.28 16.84 30.58
CA PHE D 181 40.44 15.70 30.20
C PHE D 181 39.26 16.14 29.34
N MET D 182 38.67 17.29 29.66
CA MET D 182 37.52 17.78 28.92
C MET D 182 37.91 18.26 27.52
N VAL D 183 39.04 18.99 27.41
CA VAL D 183 39.48 19.43 26.09
C VAL D 183 39.85 18.23 25.23
N LEU D 184 40.44 17.20 25.84
CA LEU D 184 40.75 15.99 25.09
C LEU D 184 39.47 15.34 24.54
N ASN D 185 38.45 15.24 25.40
CA ASN D 185 37.17 14.69 24.95
C ASN D 185 36.54 15.55 23.85
N ALA D 186 36.68 16.88 23.97
CA ALA D 186 36.13 17.76 22.95
C ALA D 186 36.80 17.52 21.61
N PHE D 187 38.13 17.47 21.59
CA PHE D 187 38.84 17.21 20.35
C PHE D 187 38.46 15.87 19.76
N ILE D 188 38.38 14.83 20.59
CA ILE D 188 38.10 13.50 20.02
C ILE D 188 36.70 13.46 19.44
N LEU D 189 35.70 13.99 20.16
CA LEU D 189 34.36 14.08 19.59
C LEU D 189 34.37 14.83 18.27
N VAL D 190 34.96 16.03 18.27
CA VAL D 190 34.87 16.89 17.10
C VAL D 190 35.54 16.24 15.90
N LYS D 191 36.73 15.65 16.08
CA LYS D 191 37.42 15.09 14.94
C LYS D 191 36.82 13.76 14.48
N ILE D 192 36.23 12.98 15.39
CA ILE D 192 35.60 11.75 14.92
C ILE D 192 34.26 12.03 14.25
N LEU D 193 33.63 13.16 14.54
CA LEU D 193 32.30 13.43 14.00
C LEU D 193 32.30 14.35 12.80
N SER D 194 33.02 15.47 12.85
CA SER D 194 32.83 16.55 11.90
C SER D 194 32.76 16.14 10.43
N PRO D 195 33.61 15.24 9.90
CA PRO D 195 33.43 14.85 8.49
C PRO D 195 32.07 14.22 8.22
N ILE D 196 31.59 13.40 9.17
CA ILE D 196 30.27 12.80 9.05
C ILE D 196 29.21 13.87 8.85
N ILE D 197 29.22 14.89 9.72
CA ILE D 197 28.16 15.89 9.69
C ILE D 197 28.28 16.79 8.47
N LYS D 198 29.52 17.09 8.05
CA LYS D 198 29.68 17.95 6.88
C LYS D 198 29.18 17.25 5.62
N LYS D 199 29.53 15.97 5.43
CA LYS D 199 28.99 15.24 4.29
C LYS D 199 27.48 15.13 4.38
N ALA D 200 26.95 14.93 5.59
CA ALA D 200 25.50 14.90 5.76
C ALA D 200 24.86 16.23 5.34
N GLY D 201 25.49 17.34 5.69
CA GLY D 201 24.93 18.64 5.36
C GLY D 201 24.95 18.92 3.87
N LEU D 202 26.04 18.54 3.20
CA LEU D 202 26.07 18.69 1.75
C LEU D 202 25.03 17.81 1.07
N ARG D 203 24.90 16.55 1.53
CA ARG D 203 23.87 15.67 1.00
C ARG D 203 22.48 16.27 1.20
N ARG D 204 22.22 16.84 2.37
CA ARG D 204 20.91 17.41 2.66
C ARG D 204 20.59 18.55 1.71
N GLU D 205 21.52 19.49 1.57
CA GLU D 205 21.27 20.64 0.70
C GLU D 205 21.04 20.20 -0.74
N GLU D 206 21.87 19.27 -1.22
CA GLU D 206 21.71 18.76 -2.58
C GLU D 206 20.32 18.18 -2.78
N ALA D 207 19.94 17.22 -1.93
CA ALA D 207 18.63 16.59 -2.04
C ALA D 207 17.50 17.61 -1.96
N MET D 208 17.67 18.66 -1.15
CA MET D 208 16.60 19.63 -0.97
C MET D 208 16.39 20.46 -2.23
N LYS D 209 17.46 21.02 -2.79
CA LYS D 209 17.31 21.72 -4.06
C LYS D 209 16.72 20.79 -5.10
N ASN D 210 17.15 19.53 -5.10
CA ASN D 210 16.68 18.59 -6.09
C ASN D 210 15.18 18.39 -6.00
N PHE D 211 14.68 18.03 -4.81
CA PHE D 211 13.27 17.70 -4.77
C PHE D 211 12.40 18.94 -4.85
N PHE D 212 12.95 20.13 -4.57
CA PHE D 212 12.25 21.35 -4.93
C PHE D 212 12.05 21.48 -6.44
N GLU D 213 13.13 21.33 -7.20
CA GLU D 213 13.00 21.45 -8.66
C GLU D 213 12.03 20.42 -9.21
N ILE D 214 12.09 19.18 -8.69
CA ILE D 214 11.21 18.16 -9.26
C ILE D 214 9.76 18.48 -8.94
N LEU D 215 9.48 18.92 -7.70
CA LEU D 215 8.13 19.32 -7.37
C LEU D 215 7.63 20.39 -8.33
N ASN D 216 8.41 21.47 -8.47
CA ASN D 216 7.93 22.61 -9.24
C ASN D 216 7.68 22.24 -10.69
N THR D 217 8.66 21.61 -11.35
CA THR D 217 8.50 21.34 -12.76
C THR D 217 7.40 20.31 -13.02
N ASN D 218 7.27 19.28 -12.17
CA ASN D 218 6.27 18.28 -12.48
C ASN D 218 4.86 18.72 -12.13
N LEU D 219 4.71 19.62 -11.17
CA LEU D 219 3.40 20.23 -11.04
C LEU D 219 3.10 21.11 -12.24
N ASN D 220 4.08 21.88 -12.70
CA ASN D 220 3.82 22.74 -13.86
C ASN D 220 3.58 21.94 -15.13
N ASN D 221 3.82 20.62 -15.13
CA ASN D 221 3.44 19.80 -16.27
C ASN D 221 2.49 18.65 -15.92
N PHE D 222 1.84 18.72 -14.76
CA PHE D 222 0.84 17.75 -14.33
C PHE D 222 -0.03 17.18 -15.44
N LYS D 223 -0.54 18.06 -16.32
CA LYS D 223 -1.45 17.61 -17.37
C LYS D 223 -0.80 16.57 -18.26
N PHE D 224 0.37 16.91 -18.80
CA PHE D 224 1.11 15.98 -19.63
C PHE D 224 1.49 14.73 -18.84
N ILE D 225 1.80 14.89 -17.56
CA ILE D 225 2.16 13.74 -16.73
C ILE D 225 1.02 12.74 -16.69
N LYS D 226 -0.20 13.23 -16.38
CA LYS D 226 -1.37 12.37 -16.37
C LYS D 226 -1.59 11.73 -17.73
N LEU D 227 -1.44 12.51 -18.80
CA LEU D 227 -1.66 11.93 -20.12
C LEU D 227 -0.67 10.83 -20.43
N LYS D 228 0.54 10.91 -19.88
CA LYS D 228 1.57 9.94 -20.15
C LYS D 228 1.60 8.78 -19.17
N THR D 229 0.61 8.68 -18.27
CA THR D 229 0.44 7.50 -17.41
C THR D 229 1.57 7.38 -16.38
N LYS D 230 2.58 8.23 -16.43
CA LYS D 230 3.80 8.04 -15.64
C LYS D 230 3.86 8.92 -14.40
N GLU D 231 2.77 9.01 -13.63
CA GLU D 231 2.87 9.65 -12.33
C GLU D 231 3.80 8.86 -11.42
N ASP D 232 3.83 7.53 -11.59
CA ASP D 232 4.70 6.71 -10.75
C ASP D 232 6.17 7.04 -10.98
N GLY D 233 6.54 7.39 -12.21
CA GLY D 233 7.92 7.74 -12.49
C GLY D 233 8.34 9.02 -11.82
N VAL D 234 7.49 10.05 -11.90
CA VAL D 234 7.70 11.26 -11.11
C VAL D 234 7.82 10.93 -9.64
N LEU D 235 6.98 10.01 -9.16
CA LEU D 235 6.93 9.70 -7.74
C LEU D 235 8.23 9.07 -7.28
N SER D 236 8.79 8.16 -8.09
CA SER D 236 10.04 7.52 -7.71
C SER D 236 11.22 8.50 -7.80
N LEU D 237 11.25 9.32 -8.86
CA LEU D 237 12.28 10.34 -8.94
C LEU D 237 12.23 11.28 -7.74
N PHE D 238 11.03 11.49 -7.18
CA PHE D 238 10.90 12.27 -5.95
C PHE D 238 11.44 11.47 -4.76
N LYS D 239 11.00 10.22 -4.63
CA LYS D 239 11.39 9.38 -3.50
C LYS D 239 12.90 9.28 -3.33
N ALA D 240 13.64 9.33 -4.43
CA ALA D 240 15.10 9.39 -4.36
C ALA D 240 15.58 10.50 -3.42
N GLN D 241 15.35 11.76 -3.81
CA GLN D 241 15.81 12.89 -3.00
C GLN D 241 15.10 12.95 -1.65
N SER D 242 13.85 12.52 -1.60
CA SER D 242 13.15 12.43 -0.33
C SER D 242 13.94 11.60 0.66
N GLU D 243 14.36 10.40 0.23
CA GLU D 243 15.13 9.52 1.11
C GLU D 243 16.47 10.13 1.48
N ALA D 244 17.15 10.77 0.51
CA ALA D 244 18.43 11.40 0.81
C ALA D 244 18.30 12.45 1.91
N PHE D 245 17.32 13.36 1.74
CA PHE D 245 17.06 14.42 2.70
C PHE D 245 16.77 13.85 4.08
N SER D 246 15.88 12.87 4.15
CA SER D 246 15.55 12.29 5.44
C SER D 246 16.76 11.58 6.06
N LYS D 247 17.59 10.95 5.24
CA LYS D 247 18.77 10.26 5.75
C LYS D 247 19.73 11.25 6.40
N ALA D 248 19.99 12.36 5.70
CA ALA D 248 20.86 13.38 6.27
C ALA D 248 20.29 13.93 7.58
N ASN D 249 18.99 14.16 7.63
CA ASN D 249 18.38 14.65 8.87
C ASN D 249 18.56 13.65 10.00
N ILE D 250 18.34 12.35 9.75
CA ILE D 250 18.44 11.37 10.83
C ILE D 250 19.88 11.28 11.33
N THR D 251 20.85 11.26 10.42
CA THR D 251 22.23 11.18 10.88
C THR D 251 22.59 12.42 11.69
N ASN D 252 22.14 13.60 11.25
CA ASN D 252 22.43 14.80 12.02
C ASN D 252 21.84 14.70 13.42
N GLU D 253 20.62 14.18 13.54
CA GLU D 253 20.00 14.16 14.86
C GLU D 253 20.68 13.15 15.77
N SER D 254 21.07 11.99 15.24
CA SER D 254 21.78 11.03 16.08
C SER D 254 23.16 11.53 16.48
N VAL D 255 23.81 12.33 15.62
CA VAL D 255 25.07 12.95 15.99
C VAL D 255 24.86 13.97 17.12
N ALA D 256 23.79 14.76 17.02
CA ALA D 256 23.45 15.67 18.12
C ALA D 256 23.11 14.92 19.40
N ALA D 257 22.67 13.67 19.29
CA ALA D 257 22.39 12.85 20.46
C ALA D 257 23.66 12.26 21.08
N VAL D 258 24.68 11.98 20.27
CA VAL D 258 25.87 11.30 20.79
C VAL D 258 26.67 12.08 21.83
N PRO D 259 26.84 13.45 21.75
CA PRO D 259 27.76 14.10 22.69
C PRO D 259 27.26 14.07 24.12
N ARG D 260 26.00 14.41 24.36
CA ARG D 260 25.49 14.44 25.74
C ARG D 260 25.58 13.05 26.37
N ILE D 261 25.24 12.02 25.62
CA ILE D 261 25.27 10.65 26.14
C ILE D 261 26.70 10.25 26.45
N TYR D 262 27.62 10.46 25.51
CA TYR D 262 29.02 10.11 25.76
C TYR D 262 29.57 10.87 26.96
N LEU D 263 29.22 12.14 27.10
CA LEU D 263 29.74 12.93 28.21
C LEU D 263 29.23 12.41 29.54
N GLU D 264 27.92 12.15 29.64
CA GLU D 264 27.35 11.60 30.86
C GLU D 264 28.02 10.29 31.23
N GLY D 265 28.14 9.38 30.26
CA GLY D 265 28.76 8.09 30.52
C GLY D 265 30.18 8.20 31.00
N ILE D 266 30.98 9.03 30.31
CA ILE D 266 32.40 9.14 30.67
C ILE D 266 32.56 9.84 32.01
N GLY D 267 31.66 10.77 32.35
CA GLY D 267 31.71 11.37 33.67
C GLY D 267 31.48 10.36 34.77
N PHE D 268 30.42 9.56 34.64
CA PHE D 268 30.19 8.52 35.65
C PHE D 268 31.34 7.52 35.71
N CYS D 269 31.88 7.15 34.54
CA CYS D 269 32.95 6.16 34.49
C CYS D 269 34.21 6.67 35.20
N VAL D 270 34.62 7.90 34.90
CA VAL D 270 35.80 8.45 35.57
C VAL D 270 35.52 8.60 37.05
N LEU D 271 34.28 8.90 37.44
CA LEU D 271 33.95 8.96 38.86
C LEU D 271 34.26 7.65 39.55
N VAL D 272 33.71 6.55 39.03
CA VAL D 272 33.90 5.25 39.69
C VAL D 272 35.37 4.82 39.63
N PHE D 273 36.02 5.06 38.49
CA PHE D 273 37.42 4.69 38.34
C PHE D 273 38.30 5.41 39.37
N ILE D 274 38.10 6.72 39.53
CA ILE D 274 38.95 7.47 40.45
C ILE D 274 38.62 7.09 41.90
N VAL D 275 37.35 6.83 42.23
CA VAL D 275 37.06 6.49 43.61
C VAL D 275 37.70 5.16 43.98
N VAL D 276 37.72 4.18 43.08
CA VAL D 276 38.35 2.91 43.42
C VAL D 276 39.87 3.07 43.50
N PHE D 277 40.48 3.60 42.45
CA PHE D 277 41.94 3.74 42.43
C PHE D 277 42.44 4.71 43.49
N LEU D 278 41.56 5.51 44.10
CA LEU D 278 41.93 6.37 45.20
C LEU D 278 41.51 5.84 46.56
N VAL D 279 40.68 4.80 46.62
CA VAL D 279 40.48 4.12 47.90
C VAL D 279 41.53 3.04 48.12
N LEU D 280 42.27 2.63 47.08
CA LEU D 280 43.46 1.84 47.40
C LEU D 280 44.57 2.72 47.98
N LYS D 281 45.32 3.40 47.10
CA LYS D 281 46.37 4.33 47.50
C LYS D 281 45.80 5.74 47.45
N ASN D 282 45.93 6.47 48.56
CA ASN D 282 45.28 7.77 48.72
C ASN D 282 46.31 8.88 48.86
N GLU D 283 46.16 9.93 48.04
CA GLU D 283 46.98 11.12 48.18
C GLU D 283 46.50 12.05 49.29
N SER D 284 45.25 11.88 49.73
CA SER D 284 44.71 12.66 50.83
C SER D 284 43.49 11.93 51.37
N ASP D 285 43.47 11.68 52.67
CA ASP D 285 42.38 10.95 53.31
C ASP D 285 41.63 11.88 54.26
N ILE D 286 40.31 11.76 54.26
CA ILE D 286 39.35 12.46 55.12
C ILE D 286 39.49 13.98 55.07
N SER D 287 40.71 14.49 54.89
CA SER D 287 40.89 15.94 54.83
C SER D 287 40.48 16.52 53.49
N GLY D 288 40.58 15.73 52.42
CA GLY D 288 40.27 16.25 51.10
C GLY D 288 39.21 15.46 50.36
N ILE D 289 38.70 14.39 50.98
CA ILE D 289 37.73 13.52 50.34
C ILE D 289 36.48 14.30 49.94
N LEU D 290 35.75 14.79 50.94
CA LEU D 290 34.46 15.42 50.68
C LEU D 290 34.62 16.73 49.89
N SER D 291 35.65 17.50 50.20
CA SER D 291 35.90 18.73 49.45
C SER D 291 36.05 18.44 47.96
N THR D 292 36.93 17.49 47.62
CA THR D 292 37.19 17.24 46.20
C THR D 292 35.99 16.58 45.52
N ILE D 293 35.25 15.72 46.22
CA ILE D 293 34.09 15.12 45.55
C ILE D 293 33.01 16.17 45.31
N SER D 294 32.81 17.09 46.26
CA SER D 294 31.80 18.12 46.08
C SER D 294 32.17 19.06 44.93
N ILE D 295 33.43 19.53 44.91
CA ILE D 295 33.85 20.42 43.83
C ILE D 295 33.77 19.70 42.50
N PHE D 296 34.34 18.48 42.42
CA PHE D 296 34.23 17.66 41.23
C PHE D 296 32.80 17.58 40.72
N VAL D 297 31.89 17.02 41.54
CA VAL D 297 30.52 16.79 41.10
C VAL D 297 29.86 18.09 40.66
N LEU D 298 29.82 19.09 41.54
CA LEU D 298 29.11 20.32 41.23
C LEU D 298 29.68 21.02 40.01
N ALA D 299 30.98 21.34 40.04
CA ALA D 299 31.58 22.12 38.96
C ALA D 299 31.54 21.34 37.64
N LEU D 300 32.01 20.09 37.66
CA LEU D 300 31.94 19.25 36.48
C LEU D 300 30.51 19.16 35.95
N TYR D 301 29.53 18.98 36.85
CA TYR D 301 28.15 18.78 36.47
C TYR D 301 27.52 20.04 35.90
N ARG D 302 28.05 21.20 36.24
CA ARG D 302 27.59 22.42 35.59
C ARG D 302 28.36 22.73 34.32
N LEU D 303 29.56 22.20 34.18
CA LEU D 303 30.34 22.38 32.96
C LEU D 303 29.94 21.40 31.86
N MET D 304 29.39 20.25 32.22
CA MET D 304 29.00 19.26 31.22
C MET D 304 27.95 19.76 30.25
N PRO D 305 26.79 20.27 30.69
CA PRO D 305 25.77 20.69 29.71
C PRO D 305 26.25 21.83 28.84
N SER D 306 27.03 22.74 29.42
CA SER D 306 27.63 23.83 28.65
C SER D 306 28.50 23.29 27.53
N ALA D 307 29.39 22.34 27.86
CA ALA D 307 30.28 21.76 26.85
C ALA D 307 29.50 20.99 25.78
N ASN D 308 28.45 20.27 26.19
CA ASN D 308 27.60 19.61 25.20
C ASN D 308 26.93 20.62 24.29
N ARG D 309 26.59 21.80 24.82
CA ARG D 309 26.00 22.83 23.98
C ARG D 309 27.03 23.41 23.02
N ILE D 310 28.28 23.55 23.45
CA ILE D 310 29.35 23.95 22.54
C ILE D 310 29.45 22.96 21.38
N ILE D 311 29.47 21.67 21.71
CA ILE D 311 29.62 20.62 20.70
C ILE D 311 28.44 20.63 19.74
N THR D 312 27.23 20.63 20.28
CA THR D 312 26.03 20.64 19.46
C THR D 312 25.99 21.87 18.57
N SER D 313 26.39 23.02 19.10
CA SER D 313 26.38 24.23 18.28
C SER D 313 27.40 24.14 17.16
N TYR D 314 28.55 23.51 17.40
CA TYR D 314 29.54 23.45 16.33
C TYR D 314 29.10 22.49 15.24
N HIS D 315 28.51 21.37 15.62
CA HIS D 315 28.02 20.46 14.59
C HIS D 315 26.84 21.06 13.83
N ASP D 316 26.05 21.93 14.49
CA ASP D 316 25.00 22.63 13.76
C ASP D 316 25.58 23.66 12.80
N LEU D 317 26.63 24.37 13.23
CA LEU D 317 27.33 25.27 12.32
C LEU D 317 27.83 24.51 11.10
N LEU D 318 28.53 23.39 11.32
CA LEU D 318 29.05 22.64 10.18
C LEU D 318 27.93 22.11 9.28
N TYR D 319 26.84 21.61 9.87
CA TYR D 319 25.73 21.05 9.11
C TYR D 319 25.04 22.10 8.24
N TYR D 320 24.35 23.05 8.88
CA TYR D 320 23.60 24.03 8.10
C TYR D 320 24.55 25.04 7.45
N HIS D 321 25.35 25.72 8.28
CA HIS D 321 26.02 26.95 7.90
C HIS D 321 26.66 26.87 6.53
N SER D 322 27.55 25.91 6.32
CA SER D 322 28.34 25.87 5.09
C SER D 322 27.42 26.02 3.88
N SER D 323 26.62 24.98 3.61
CA SER D 323 25.76 24.99 2.44
C SER D 323 24.86 26.22 2.40
N LEU D 324 24.14 26.48 3.50
CA LEU D 324 23.03 27.42 3.40
C LEU D 324 23.50 28.88 3.46
N ASN D 325 24.43 29.18 4.36
CA ASN D 325 25.06 30.49 4.37
C ASN D 325 25.74 30.78 3.04
N ILE D 326 26.40 29.79 2.44
CA ILE D 326 26.99 30.01 1.12
C ILE D 326 25.91 30.40 0.12
N ILE D 327 24.81 29.61 0.09
CA ILE D 327 23.68 29.95 -0.78
C ILE D 327 23.28 31.40 -0.58
N TYR D 328 23.13 31.80 0.68
CA TYR D 328 22.52 33.10 0.95
C TYR D 328 23.45 34.25 0.59
N GLN D 329 24.73 34.15 0.94
CA GLN D 329 25.63 35.22 0.51
C GLN D 329 25.68 35.29 -1.00
N ASN D 330 25.90 34.14 -1.66
CA ASN D 330 25.97 34.13 -3.11
C ASN D 330 24.74 34.81 -3.73
N LEU D 331 23.58 34.69 -3.11
CA LEU D 331 22.43 35.43 -3.61
C LEU D 331 22.51 36.91 -3.27
N ARG D 332 23.21 37.27 -2.20
CA ARG D 332 23.28 38.69 -1.84
C ARG D 332 24.08 39.48 -2.89
N GLN D 333 25.37 39.21 -3.01
CA GLN D 333 26.18 39.86 -4.04
C GLN D 333 25.64 39.54 -5.42
N GLU D 334 24.80 40.43 -5.98
CA GLU D 334 24.19 40.17 -7.27
C GLU D 334 23.90 41.48 -8.00
N GLU D 335 24.04 41.44 -9.34
CA GLU D 335 23.81 42.62 -10.18
C GLU D 335 22.34 43.03 -10.16
N GLU D 336 22.08 44.32 -9.95
CA GLU D 336 20.71 44.83 -9.87
C GLU D 336 20.59 46.11 -10.68
N ASN D 337 19.38 46.68 -10.66
CA ASN D 337 19.10 47.97 -11.27
C ASN D 337 19.25 49.06 -10.22
N ALA D 338 18.76 50.27 -10.51
CA ALA D 338 18.81 51.38 -9.58
C ALA D 338 18.10 52.59 -10.16
N ALA D 339 18.30 53.75 -9.52
CA ALA D 339 18.11 55.08 -10.10
C ALA D 339 16.67 55.48 -10.38
N GLU D 340 16.41 56.80 -10.43
CA GLU D 340 15.07 57.35 -10.43
C GLU D 340 14.87 58.43 -11.50
N GLY D 341 15.73 58.47 -12.51
CA GLY D 341 15.62 59.54 -13.50
C GLY D 341 14.30 59.47 -14.24
N LYS D 342 13.77 60.64 -14.57
CA LYS D 342 12.59 60.74 -15.40
C LYS D 342 12.98 60.82 -16.87
N LEU D 343 11.97 60.83 -17.73
CA LEU D 343 12.21 60.80 -19.17
C LEU D 343 10.93 61.19 -19.88
N SER D 344 11.06 61.93 -20.98
CA SER D 344 9.93 62.40 -21.75
C SER D 344 10.01 61.85 -23.17
N PHE D 345 8.83 61.61 -23.77
CA PHE D 345 8.69 61.01 -25.10
C PHE D 345 7.55 61.72 -25.83
N ASN D 346 7.87 62.87 -26.44
CA ASN D 346 6.89 63.67 -27.16
C ASN D 346 7.08 63.66 -28.67
N GLN D 347 8.17 63.06 -29.17
CA GLN D 347 8.41 63.05 -30.61
C GLN D 347 8.89 61.67 -31.07
N GLU D 348 10.15 61.34 -30.81
CA GLU D 348 10.72 60.14 -31.38
C GLU D 348 11.34 59.25 -30.32
N LEU D 349 11.76 58.07 -30.77
CA LEU D 349 12.34 57.00 -29.96
C LEU D 349 13.28 56.24 -30.90
N LYS D 350 14.55 56.64 -30.89
CA LYS D 350 15.52 56.14 -31.85
C LYS D 350 16.28 54.95 -31.27
N ILE D 351 16.35 53.86 -32.05
CA ILE D 351 16.95 52.62 -31.58
C ILE D 351 18.47 52.70 -31.62
N CYS D 352 19.04 53.07 -32.77
CA CYS D 352 20.45 53.43 -32.97
C CYS D 352 21.47 52.35 -32.63
N ASN D 353 22.06 51.77 -33.68
CA ASN D 353 23.26 50.92 -33.58
C ASN D 353 23.15 49.90 -32.43
N LEU D 354 22.08 49.11 -32.46
CA LEU D 354 21.75 48.29 -31.31
C LEU D 354 22.83 47.25 -31.02
N SER D 355 22.87 46.18 -31.80
CA SER D 355 23.75 45.03 -31.56
C SER D 355 23.44 44.39 -30.22
N PHE D 356 22.96 43.16 -30.22
CA PHE D 356 22.70 42.50 -28.95
C PHE D 356 22.87 41.01 -29.06
N GLY D 357 23.42 40.42 -28.00
CA GLY D 357 23.33 38.99 -27.79
C GLY D 357 23.11 38.72 -26.32
N TYR D 358 22.62 37.52 -26.03
CA TYR D 358 22.50 37.12 -24.65
C TYR D 358 23.89 36.76 -24.10
N GLU D 359 23.98 36.60 -22.78
CA GLU D 359 25.26 36.72 -22.08
C GLU D 359 26.33 35.81 -22.66
N GLY D 360 25.96 34.63 -23.18
CA GLY D 360 27.00 33.73 -23.64
C GLY D 360 26.91 33.31 -25.09
N LYS D 361 25.96 33.85 -25.83
CA LYS D 361 25.67 33.36 -27.16
C LYS D 361 26.31 34.24 -28.22
N LYS D 362 25.93 34.01 -29.47
CA LYS D 362 26.22 34.93 -30.56
C LYS D 362 25.19 36.04 -30.58
N TYR D 363 25.56 37.16 -31.18
CA TYR D 363 24.60 38.25 -31.33
C TYR D 363 23.49 37.84 -32.29
N LEU D 364 22.30 38.38 -32.03
CA LEU D 364 21.19 38.24 -32.96
C LEU D 364 21.09 39.40 -33.92
N PHE D 365 21.61 40.57 -33.54
CA PHE D 365 21.39 41.81 -34.27
C PHE D 365 22.67 42.31 -34.90
N LYS D 366 23.66 42.69 -34.09
CA LYS D 366 24.88 43.33 -34.58
C LYS D 366 24.53 44.56 -35.40
N ASN D 367 24.44 45.70 -34.71
CA ASN D 367 24.21 47.03 -35.29
C ASN D 367 23.04 47.04 -36.29
N LEU D 368 21.84 46.93 -35.74
CA LEU D 368 20.65 47.18 -36.54
C LEU D 368 20.27 48.65 -36.40
N ASN D 369 19.11 49.04 -36.93
CA ASN D 369 18.78 50.46 -37.00
C ASN D 369 17.27 50.65 -37.13
N LEU D 370 16.77 51.68 -36.45
CA LEU D 370 15.33 51.91 -36.35
C LEU D 370 15.05 53.20 -35.60
N ASN D 371 13.90 53.82 -35.88
CA ASN D 371 13.48 55.03 -35.20
C ASN D 371 11.95 55.10 -35.24
N ILE D 372 11.33 55.17 -34.08
CA ILE D 372 9.87 55.15 -33.97
C ILE D 372 9.43 56.50 -33.41
N LYS D 373 8.79 57.31 -34.24
CA LYS D 373 8.25 58.57 -33.75
C LYS D 373 6.98 58.31 -32.95
N LYS D 374 6.59 59.32 -32.16
CA LYS D 374 5.44 59.22 -31.28
C LYS D 374 4.16 59.00 -32.07
N GLY D 375 3.67 57.76 -32.06
CA GLY D 375 2.40 57.44 -32.66
C GLY D 375 2.47 56.61 -33.92
N GLU D 376 3.67 56.20 -34.35
CA GLU D 376 3.82 55.61 -35.66
C GLU D 376 3.12 54.25 -35.79
N LYS D 377 2.96 53.52 -34.68
CA LYS D 377 2.32 52.21 -34.71
C LYS D 377 3.03 51.27 -35.68
N ILE D 378 4.18 50.74 -35.26
CA ILE D 378 4.98 49.87 -36.11
C ILE D 378 4.65 48.41 -35.80
N ALA D 379 5.18 47.50 -36.62
CA ALA D 379 4.88 46.09 -36.48
C ALA D 379 6.03 45.27 -37.05
N PHE D 380 6.53 44.32 -36.27
CA PHE D 380 7.56 43.39 -36.73
C PHE D 380 6.94 42.13 -37.30
N ILE D 381 7.67 41.49 -38.20
CA ILE D 381 7.28 40.19 -38.71
C ILE D 381 8.54 39.47 -39.16
N GLY D 382 8.58 38.16 -38.97
CA GLY D 382 9.72 37.39 -39.41
C GLY D 382 9.43 35.92 -39.36
N GLU D 383 10.49 35.12 -39.29
CA GLU D 383 10.34 33.69 -39.10
C GLU D 383 10.69 33.33 -37.66
N SER D 384 10.00 32.34 -37.12
CA SER D 384 10.11 32.03 -35.70
C SER D 384 11.54 31.67 -35.32
N GLY D 385 12.09 32.38 -34.35
CA GLY D 385 13.43 32.15 -33.86
C GLY D 385 14.46 33.19 -34.26
N CYS D 386 14.04 34.28 -34.92
CA CYS D 386 14.99 35.27 -35.43
C CYS D 386 15.41 36.26 -34.35
N GLY D 387 14.46 36.77 -33.56
CA GLY D 387 14.78 37.65 -32.46
C GLY D 387 13.85 38.84 -32.30
N LYS D 388 12.55 38.61 -32.35
CA LYS D 388 11.61 39.73 -32.28
C LYS D 388 11.20 40.06 -30.85
N SER D 389 10.85 39.04 -30.07
CA SER D 389 10.64 39.26 -28.64
C SER D 389 11.89 39.81 -27.99
N THR D 390 13.07 39.33 -28.41
CA THR D 390 14.30 39.90 -27.88
C THR D 390 14.44 41.37 -28.27
N LEU D 391 14.09 41.71 -29.51
CA LEU D 391 14.20 43.10 -29.96
C LEU D 391 13.28 44.01 -29.14
N VAL D 392 12.05 43.57 -28.89
CA VAL D 392 11.14 44.37 -28.08
C VAL D 392 11.62 44.41 -26.63
N ASP D 393 12.03 43.27 -26.10
CA ASP D 393 12.53 43.21 -24.74
C ASP D 393 13.77 44.07 -24.56
N LEU D 394 14.38 44.50 -25.66
CA LEU D 394 15.43 45.52 -25.64
C LEU D 394 14.88 46.93 -25.75
N ILE D 395 13.83 47.13 -26.56
CA ILE D 395 13.27 48.47 -26.77
C ILE D 395 12.64 49.02 -25.50
N ILE D 396 11.92 48.17 -24.76
CA ILE D 396 11.32 48.60 -23.50
C ILE D 396 12.40 48.61 -22.43
N GLY D 397 12.01 48.52 -21.17
CA GLY D 397 12.98 48.72 -20.10
C GLY D 397 14.01 47.60 -19.99
N LEU D 398 13.56 46.35 -20.03
CA LEU D 398 14.42 45.21 -19.71
C LEU D 398 15.54 45.06 -20.73
N LEU D 399 16.44 44.11 -20.46
CA LEU D 399 17.56 43.75 -21.36
C LEU D 399 18.50 44.91 -21.70
N LYS D 400 19.60 45.00 -20.97
CA LYS D 400 20.65 45.98 -21.29
C LYS D 400 21.19 45.70 -22.68
N PRO D 401 21.48 46.73 -23.46
CA PRO D 401 22.03 46.51 -24.81
C PRO D 401 23.53 46.17 -24.76
N LYS D 402 24.08 45.86 -25.93
CA LYS D 402 25.49 45.47 -26.04
C LYS D 402 26.36 46.51 -26.72
N GLU D 403 25.79 47.43 -27.50
CA GLU D 403 26.57 48.51 -28.09
C GLU D 403 25.82 49.84 -28.04
N GLY D 404 24.84 50.03 -28.93
CA GLY D 404 24.05 51.25 -28.92
C GLY D 404 23.19 51.37 -27.68
N GLN D 405 22.54 52.52 -27.53
CA GLN D 405 21.96 52.90 -26.25
C GLN D 405 20.44 53.02 -26.22
N ILE D 406 19.77 53.32 -27.34
CA ILE D 406 18.33 53.58 -27.40
C ILE D 406 18.01 54.90 -26.74
N LEU D 407 17.34 55.79 -27.47
CA LEU D 407 17.10 57.17 -27.04
C LEU D 407 15.62 57.51 -27.07
N ILE D 408 15.20 58.29 -26.09
CA ILE D 408 13.81 58.73 -25.95
C ILE D 408 13.79 60.22 -26.23
N ASP D 409 13.32 60.60 -27.42
CA ASP D 409 13.40 61.99 -27.89
C ASP D 409 14.82 62.52 -27.74
N LYS D 410 15.77 61.78 -28.30
CA LYS D 410 17.18 62.13 -28.25
C LYS D 410 17.65 62.27 -26.79
N GLN D 411 17.39 61.24 -26.00
CA GLN D 411 17.84 61.16 -24.62
C GLN D 411 18.19 59.72 -24.31
N GLU D 412 19.44 59.50 -23.90
CA GLU D 412 19.92 58.14 -23.66
C GLU D 412 19.05 57.42 -22.64
N LEU D 413 18.73 56.16 -22.94
CA LEU D 413 17.95 55.30 -22.05
C LEU D 413 18.92 54.34 -21.38
N ASN D 414 19.28 54.62 -20.13
CA ASN D 414 20.15 53.75 -19.35
C ASN D 414 19.53 53.54 -17.97
N ALA D 415 20.22 52.76 -17.15
CA ALA D 415 19.72 52.47 -15.81
C ALA D 415 19.92 53.65 -14.87
N SER D 416 19.85 54.87 -15.41
CA SER D 416 19.70 56.05 -14.59
C SER D 416 18.30 56.61 -14.64
N ASN D 417 17.50 56.20 -15.62
CA ASN D 417 16.13 56.67 -15.77
C ASN D 417 15.15 55.57 -16.15
N ALA D 418 15.62 54.35 -16.45
CA ALA D 418 14.75 53.32 -16.97
C ALA D 418 13.60 52.98 -16.02
N LYS D 419 13.76 53.25 -14.72
CA LYS D 419 12.66 53.03 -13.80
C LYS D 419 11.42 53.82 -14.19
N ASN D 420 11.60 54.99 -14.80
CA ASN D 420 10.47 55.77 -15.29
C ASN D 420 10.06 55.39 -16.70
N TYR D 421 10.97 54.82 -17.48
CA TYR D 421 10.62 54.42 -18.84
C TYR D 421 9.80 53.14 -18.85
N ARG D 422 10.16 52.16 -18.02
CA ARG D 422 9.33 50.97 -17.90
C ARG D 422 7.89 51.35 -17.58
N GLN D 423 7.68 52.39 -16.77
CA GLN D 423 6.35 52.80 -16.35
C GLN D 423 5.52 53.34 -17.51
N LYS D 424 5.94 53.11 -18.75
CA LYS D 424 5.23 53.62 -19.90
C LYS D 424 4.69 52.54 -20.80
N ILE D 425 4.87 51.27 -20.47
CA ILE D 425 4.66 50.18 -21.41
C ILE D 425 3.59 49.22 -20.89
N GLY D 426 2.47 49.14 -21.59
CA GLY D 426 1.55 48.03 -21.43
C GLY D 426 2.00 46.90 -22.34
N TYR D 427 2.23 45.70 -21.80
CA TYR D 427 3.06 44.72 -22.49
C TYR D 427 2.27 43.65 -23.25
N ILE D 428 1.42 42.89 -22.55
CA ILE D 428 0.72 41.72 -23.10
C ILE D 428 1.70 40.69 -23.64
N PRO D 429 2.23 39.80 -22.83
CA PRO D 429 3.17 38.80 -23.36
C PRO D 429 2.56 37.87 -24.38
N GLN D 430 3.35 36.95 -24.93
CA GLN D 430 2.80 35.94 -25.82
C GLN D 430 2.19 34.77 -25.05
N ASN D 431 2.84 34.37 -23.96
CA ASN D 431 2.27 33.43 -22.98
C ASN D 431 2.11 34.15 -21.65
N ILE D 432 0.92 34.07 -21.08
CA ILE D 432 0.47 34.95 -20.01
C ILE D 432 0.24 34.13 -18.73
N TYR D 433 0.64 34.70 -17.60
CA TYR D 433 0.35 34.12 -16.29
C TYR D 433 -0.57 35.08 -15.57
N LEU D 434 -1.78 34.63 -15.27
CA LEU D 434 -2.69 35.34 -14.39
C LEU D 434 -2.65 34.63 -13.04
N PHE D 435 -2.43 35.39 -11.97
CA PHE D 435 -2.48 34.79 -10.65
C PHE D 435 -3.92 34.57 -10.24
N ASN D 436 -4.14 33.48 -9.51
CA ASN D 436 -5.48 33.06 -9.09
C ASN D 436 -6.10 34.07 -8.14
N ASP D 437 -7.00 34.89 -8.67
CA ASP D 437 -7.75 35.85 -7.88
C ASP D 437 -8.85 36.41 -8.76
N SER D 438 -9.42 37.55 -8.38
CA SER D 438 -10.51 38.11 -9.15
C SER D 438 -10.02 38.56 -10.52
N ILE D 439 -10.93 38.53 -11.50
CA ILE D 439 -10.64 39.22 -12.74
C ILE D 439 -10.54 40.72 -12.48
N ALA D 440 -11.05 41.22 -11.35
CA ALA D 440 -10.78 42.60 -10.98
C ALA D 440 -9.28 42.85 -10.86
N LYS D 441 -8.61 42.11 -9.96
CA LYS D 441 -7.15 42.07 -9.99
C LYS D 441 -6.70 41.44 -11.30
N ASN D 442 -5.42 41.15 -11.44
CA ASN D 442 -4.85 40.88 -12.76
C ASN D 442 -5.06 42.10 -13.65
N ILE D 443 -6.30 42.42 -14.02
CA ILE D 443 -6.54 43.60 -14.83
C ILE D 443 -5.97 44.86 -14.16
N THR D 444 -6.17 44.98 -12.84
CA THR D 444 -5.64 46.13 -12.12
C THR D 444 -4.18 45.93 -11.75
N PHE D 445 -3.85 44.73 -11.27
CA PHE D 445 -2.52 44.36 -10.78
C PHE D 445 -2.15 45.16 -9.54
N GLY D 446 -2.93 44.95 -8.48
CA GLY D 446 -2.71 45.58 -7.18
C GLY D 446 -3.10 47.04 -7.14
N ASP D 447 -3.08 47.68 -8.31
CA ASP D 447 -3.13 49.14 -8.41
C ASP D 447 -4.55 49.64 -8.26
N ALA D 448 -5.12 49.42 -7.06
CA ALA D 448 -6.43 49.91 -6.71
C ALA D 448 -7.50 49.51 -7.72
N VAL D 449 -8.61 50.24 -7.75
CA VAL D 449 -9.67 49.99 -8.72
C VAL D 449 -10.30 51.32 -9.12
N ASP D 450 -9.98 51.79 -10.33
CA ASP D 450 -10.75 52.88 -10.93
C ASP D 450 -11.90 52.21 -11.67
N GLU D 451 -13.08 52.23 -11.04
CA GLU D 451 -14.21 51.42 -11.49
C GLU D 451 -14.51 51.64 -12.96
N GLU D 452 -14.61 52.91 -13.37
CA GLU D 452 -14.96 53.21 -14.76
C GLU D 452 -13.83 52.85 -15.70
N LYS D 453 -12.58 53.05 -15.27
CA LYS D 453 -11.46 52.58 -16.10
C LYS D 453 -11.49 51.07 -16.25
N LEU D 454 -11.77 50.35 -15.16
CA LEU D 454 -11.82 48.90 -15.26
C LEU D 454 -12.91 48.46 -16.22
N ASN D 455 -14.12 49.03 -16.08
CA ASN D 455 -15.21 48.69 -16.99
C ASN D 455 -14.85 48.99 -18.44
N LYS D 456 -14.26 50.18 -18.69
CA LYS D 456 -13.86 50.52 -20.05
C LYS D 456 -12.87 49.49 -20.58
N VAL D 457 -11.82 49.22 -19.81
CA VAL D 457 -10.81 48.27 -20.22
C VAL D 457 -11.42 46.89 -20.47
N ILE D 458 -12.44 46.50 -19.70
CA ILE D 458 -13.22 45.32 -20.02
C ILE D 458 -13.78 45.45 -21.43
N LYS D 459 -14.49 46.56 -21.70
CA LYS D 459 -15.20 46.68 -22.97
C LYS D 459 -14.24 46.65 -24.16
N GLN D 460 -13.08 47.29 -24.03
CA GLN D 460 -12.16 47.36 -25.15
C GLN D 460 -11.71 45.97 -25.57
N ALA D 461 -11.31 45.14 -24.60
CA ALA D 461 -10.97 43.76 -24.88
C ALA D 461 -12.21 42.91 -24.97
N ASN D 462 -13.31 43.49 -25.47
CA ASN D 462 -14.64 42.87 -25.63
C ASN D 462 -14.93 41.75 -24.64
N LEU D 463 -14.32 41.80 -23.46
CA LEU D 463 -14.57 40.83 -22.39
C LEU D 463 -15.93 41.00 -21.74
N GLU D 464 -16.71 42.03 -22.10
CA GLU D 464 -17.94 42.32 -21.40
C GLU D 464 -18.94 41.18 -21.50
N HIS D 465 -19.04 40.56 -22.67
CA HIS D 465 -19.95 39.42 -22.83
C HIS D 465 -19.55 38.28 -21.89
N PHE D 466 -18.28 38.22 -21.51
CA PHE D 466 -17.79 37.14 -20.66
C PHE D 466 -18.20 37.37 -19.20
N ILE D 467 -17.79 38.51 -18.62
CA ILE D 467 -17.99 38.70 -17.19
C ILE D 467 -19.46 38.83 -16.84
N LYS D 468 -20.29 39.33 -17.75
CA LYS D 468 -21.67 39.62 -17.38
C LYS D 468 -22.43 38.34 -17.05
N ASN D 469 -22.25 37.28 -17.83
CA ASN D 469 -22.95 36.03 -17.54
C ASN D 469 -22.12 35.09 -16.67
N LEU D 470 -21.08 35.61 -16.02
CA LEU D 470 -20.47 34.91 -14.89
C LEU D 470 -21.26 35.21 -13.61
N PRO D 471 -21.37 34.24 -12.71
CA PRO D 471 -22.04 34.52 -11.43
C PRO D 471 -21.39 35.71 -10.74
N GLN D 472 -20.13 35.55 -10.32
CA GLN D 472 -19.46 36.65 -9.63
C GLN D 472 -19.15 37.82 -10.52
N GLY D 473 -19.18 37.63 -11.83
CA GLY D 473 -18.87 38.73 -12.74
C GLY D 473 -17.42 39.14 -12.62
N VAL D 474 -17.18 40.46 -12.57
CA VAL D 474 -15.84 41.01 -12.53
C VAL D 474 -14.99 40.41 -11.43
N GLN D 475 -15.61 39.85 -10.39
CA GLN D 475 -14.94 39.32 -9.21
C GLN D 475 -14.69 37.82 -9.27
N THR D 476 -15.25 37.13 -10.27
CA THR D 476 -14.96 35.73 -10.48
C THR D 476 -13.46 35.46 -10.39
N LYS D 477 -13.08 34.44 -9.63
CA LYS D 477 -11.67 34.12 -9.59
C LYS D 477 -11.25 33.37 -10.84
N VAL D 478 -9.94 33.41 -11.09
CA VAL D 478 -9.38 33.12 -12.41
C VAL D 478 -8.81 31.72 -12.50
N GLY D 479 -8.37 31.15 -11.39
CA GLY D 479 -7.69 29.86 -11.38
C GLY D 479 -6.19 30.02 -11.40
N ASP D 480 -5.51 29.00 -10.92
CA ASP D 480 -4.07 29.06 -10.87
C ASP D 480 -3.50 29.21 -12.28
N GLY D 481 -2.75 30.29 -12.49
CA GLY D 481 -2.19 30.56 -13.80
C GLY D 481 -3.21 30.84 -14.88
N GLY D 482 -4.46 31.11 -14.51
CA GLY D 482 -5.50 31.25 -15.52
C GLY D 482 -5.98 29.94 -16.07
N SER D 483 -6.04 28.91 -15.24
CA SER D 483 -6.42 27.59 -15.74
C SER D 483 -7.92 27.41 -15.78
N ASN D 484 -8.65 28.11 -14.92
CA ASN D 484 -10.10 28.11 -14.93
C ASN D 484 -10.68 29.01 -16.01
N LEU D 485 -9.86 29.49 -16.93
CA LEU D 485 -10.28 30.32 -18.05
C LEU D 485 -10.00 29.60 -19.35
N SER D 486 -10.23 30.29 -20.45
CA SER D 486 -9.89 29.80 -21.77
C SER D 486 -8.66 30.54 -22.26
N GLY D 487 -8.02 29.95 -23.28
CA GLY D 487 -6.92 30.64 -23.94
C GLY D 487 -7.30 32.03 -24.36
N GLY D 488 -8.39 32.15 -25.13
CA GLY D 488 -8.84 33.46 -25.57
C GLY D 488 -9.21 34.38 -24.41
N GLN D 489 -9.82 33.82 -23.37
CA GLN D 489 -10.15 34.60 -22.19
C GLN D 489 -8.88 35.03 -21.46
N LYS D 490 -7.88 34.14 -21.36
CA LYS D 490 -6.63 34.53 -20.74
C LYS D 490 -5.95 35.66 -21.53
N GLN D 491 -5.92 35.53 -22.85
CA GLN D 491 -5.28 36.55 -23.69
C GLN D 491 -6.01 37.89 -23.59
N ARG D 492 -7.34 37.86 -23.61
CA ARG D 492 -8.09 39.10 -23.48
C ARG D 492 -7.85 39.74 -22.13
N ILE D 493 -7.74 38.92 -21.09
CA ILE D 493 -7.42 39.46 -19.78
C ILE D 493 -6.05 40.11 -19.79
N ALA D 494 -5.10 39.54 -20.54
CA ALA D 494 -3.78 40.18 -20.65
C ALA D 494 -3.87 41.51 -21.40
N ILE D 495 -4.68 41.55 -22.46
CA ILE D 495 -4.86 42.78 -23.20
C ILE D 495 -5.44 43.86 -22.29
N ALA D 496 -6.40 43.49 -21.45
CA ALA D 496 -6.98 44.45 -20.52
C ALA D 496 -5.97 44.85 -19.44
N ARG D 497 -5.19 43.88 -18.97
CA ARG D 497 -4.04 44.15 -18.11
C ARG D 497 -3.24 45.33 -18.61
N ALA D 498 -2.94 45.32 -19.91
CA ALA D 498 -2.11 46.39 -20.47
C ALA D 498 -2.91 47.68 -20.65
N LEU D 499 -4.18 47.57 -21.06
CA LEU D 499 -4.97 48.78 -21.29
C LEU D 499 -5.20 49.57 -20.02
N TYR D 500 -5.42 48.88 -18.89
CA TYR D 500 -5.57 49.56 -17.61
C TYR D 500 -4.30 50.33 -17.26
N LEU D 501 -3.15 49.80 -17.68
CA LEU D 501 -1.86 50.38 -17.36
C LEU D 501 -1.72 51.77 -17.94
N GLU D 502 -2.47 52.07 -19.01
CA GLU D 502 -2.55 53.29 -19.82
C GLU D 502 -1.58 53.22 -21.00
N PRO D 503 -1.65 54.17 -21.93
CA PRO D 503 -0.79 54.13 -23.11
C PRO D 503 0.70 54.31 -22.88
N GLU D 504 1.25 55.30 -23.60
CA GLU D 504 2.66 55.67 -23.63
C GLU D 504 3.54 54.59 -24.26
N ILE D 505 3.00 53.92 -25.30
CA ILE D 505 3.50 52.74 -26.02
C ILE D 505 2.74 51.47 -25.65
N LEU D 506 2.25 50.75 -26.65
CA LEU D 506 1.54 49.48 -26.47
C LEU D 506 2.26 48.40 -27.27
N VAL D 507 3.04 47.56 -26.59
CA VAL D 507 3.59 46.39 -27.24
C VAL D 507 2.51 45.31 -27.27
N LEU D 508 2.62 44.38 -28.21
CA LEU D 508 1.59 43.34 -28.31
C LEU D 508 2.18 41.94 -28.28
N ASP D 509 3.06 41.58 -29.21
CA ASP D 509 3.77 40.30 -29.19
C ASP D 509 2.80 39.12 -29.23
N GLN D 510 2.05 39.03 -30.32
CA GLN D 510 1.03 38.00 -30.52
C GLN D 510 -0.02 38.06 -29.41
N ALA D 511 -0.71 39.19 -29.34
CA ALA D 511 -1.74 39.38 -28.33
C ALA D 511 -3.03 38.68 -28.69
N THR D 512 -3.21 38.30 -29.96
CA THR D 512 -4.44 37.68 -30.42
C THR D 512 -4.18 36.30 -31.01
N SER D 513 -3.18 35.58 -30.47
CA SER D 513 -2.87 34.25 -30.99
C SER D 513 -3.96 33.26 -30.63
N ALA D 514 -4.53 33.39 -29.43
CA ALA D 514 -5.58 32.51 -28.93
C ALA D 514 -6.99 33.02 -29.27
N LEU D 515 -7.12 34.22 -29.81
CA LEU D 515 -8.40 34.72 -30.28
C LEU D 515 -8.70 34.20 -31.69
N ASP D 516 -9.96 34.31 -32.08
CA ASP D 516 -10.39 33.94 -33.43
C ASP D 516 -10.28 35.14 -34.37
N THR D 517 -10.40 34.87 -35.66
CA THR D 517 -10.25 35.94 -36.65
C THR D 517 -11.32 37.03 -36.51
N GLN D 518 -12.39 36.78 -35.76
CA GLN D 518 -13.43 37.79 -35.53
C GLN D 518 -13.26 38.54 -34.21
N SER D 519 -13.10 37.80 -33.11
CA SER D 519 -12.82 38.46 -31.84
C SER D 519 -11.53 39.27 -31.94
N GLU D 520 -10.52 38.73 -32.62
CA GLU D 520 -9.27 39.47 -32.81
C GLU D 520 -9.51 40.77 -33.55
N ALA D 521 -10.30 40.74 -34.62
CA ALA D 521 -10.57 41.95 -35.39
C ALA D 521 -11.33 42.98 -34.56
N LYS D 522 -12.30 42.53 -33.75
CA LYS D 522 -13.01 43.47 -32.90
C LYS D 522 -12.05 44.11 -31.91
N ILE D 523 -11.16 43.30 -31.31
CA ILE D 523 -10.16 43.82 -30.37
C ILE D 523 -9.27 44.84 -31.06
N MET D 524 -8.87 44.56 -32.30
CA MET D 524 -7.95 45.46 -32.99
C MET D 524 -8.64 46.74 -33.41
N ASP D 525 -9.91 46.67 -33.83
CA ASP D 525 -10.66 47.87 -34.13
C ASP D 525 -10.85 48.72 -32.89
N GLU D 526 -11.00 48.09 -31.72
CA GLU D 526 -11.16 48.86 -30.50
C GLU D 526 -9.85 49.44 -30.02
N ILE D 527 -8.73 48.76 -30.28
CA ILE D 527 -7.45 49.19 -29.74
C ILE D 527 -6.73 50.18 -30.67
N TYR D 528 -6.94 50.08 -31.98
CA TYR D 528 -6.33 51.05 -32.89
C TYR D 528 -6.95 52.43 -32.71
N LYS D 529 -8.28 52.50 -32.64
CA LYS D 529 -8.94 53.79 -32.50
C LYS D 529 -8.67 54.43 -31.14
N ILE D 530 -7.90 53.77 -30.27
CA ILE D 530 -7.37 54.42 -29.08
C ILE D 530 -5.86 54.52 -29.08
N SER D 531 -5.16 53.74 -29.91
CA SER D 531 -3.70 53.79 -29.96
C SER D 531 -3.18 54.75 -31.03
N LYS D 532 -3.80 55.92 -31.16
CA LYS D 532 -3.32 56.93 -32.08
C LYS D 532 -2.81 58.18 -31.37
N ASP D 533 -2.77 58.18 -30.05
CA ASP D 533 -2.05 59.19 -29.29
C ASP D 533 -0.69 58.69 -28.83
N LYS D 534 -0.55 57.38 -28.68
CA LYS D 534 0.70 56.72 -28.37
C LYS D 534 1.17 55.95 -29.59
N THR D 535 2.46 55.63 -29.60
CA THR D 535 2.93 54.65 -30.56
C THR D 535 2.73 53.26 -29.98
N MET D 536 2.80 52.25 -30.86
CA MET D 536 2.55 50.89 -30.42
C MET D 536 3.32 49.96 -31.32
N ILE D 537 3.61 48.77 -30.81
CA ILE D 537 4.47 47.81 -31.49
C ILE D 537 3.78 46.47 -31.50
N ILE D 538 3.52 45.94 -32.70
CA ILE D 538 2.85 44.65 -32.88
C ILE D 538 3.89 43.62 -33.29
N ILE D 539 3.73 42.38 -32.82
CA ILE D 539 4.54 41.25 -33.27
C ILE D 539 3.55 40.14 -33.60
N ALA D 540 3.09 40.08 -34.84
CA ALA D 540 2.08 39.11 -35.23
C ALA D 540 2.66 38.15 -36.25
N HIS D 541 2.56 36.85 -35.97
CA HIS D 541 2.94 35.86 -36.98
C HIS D 541 1.92 35.85 -38.13
N ARG D 542 0.66 35.61 -37.82
CA ARG D 542 -0.39 35.63 -38.82
C ARG D 542 -0.72 37.06 -39.23
N LEU D 543 -0.87 37.28 -40.53
CA LEU D 543 -1.14 38.61 -41.06
C LEU D 543 -2.54 39.05 -40.67
N SER D 544 -3.00 40.16 -41.27
CA SER D 544 -4.28 40.80 -40.98
C SER D 544 -4.28 41.46 -39.60
N THR D 545 -3.43 41.00 -38.69
CA THR D 545 -3.23 41.74 -37.46
C THR D 545 -2.48 43.05 -37.72
N ILE D 546 -1.67 43.07 -38.77
CA ILE D 546 -0.79 44.19 -39.06
C ILE D 546 -1.38 45.12 -40.13
N THR D 547 -2.70 45.07 -40.32
CA THR D 547 -3.33 45.80 -41.42
C THR D 547 -3.13 47.30 -41.28
N GLN D 548 -3.34 47.84 -40.09
CA GLN D 548 -3.35 49.28 -39.89
C GLN D 548 -1.99 49.84 -39.47
N CYS D 549 -1.01 48.99 -39.23
CA CYS D 549 0.33 49.49 -38.92
C CYS D 549 0.90 50.20 -40.13
N ASP D 550 1.46 51.38 -39.91
CA ASP D 550 1.92 52.19 -41.04
C ASP D 550 3.15 51.57 -41.70
N LYS D 551 4.15 51.22 -40.90
CA LYS D 551 5.38 50.63 -41.39
C LYS D 551 5.52 49.21 -40.81
N VAL D 552 5.78 48.25 -41.68
CA VAL D 552 5.93 46.85 -41.29
C VAL D 552 7.37 46.44 -41.56
N TYR D 553 8.10 46.08 -40.51
CA TYR D 553 9.50 45.70 -40.61
C TYR D 553 9.63 44.18 -40.55
N ARG D 554 10.79 43.69 -40.97
CA ARG D 554 10.97 42.24 -41.08
C ARG D 554 12.38 41.86 -40.68
N LEU D 555 12.51 41.00 -39.67
CA LEU D 555 13.82 40.55 -39.23
C LEU D 555 14.42 39.59 -40.24
N GLU D 556 15.74 39.40 -40.14
CA GLU D 556 16.47 38.42 -40.92
C GLU D 556 17.66 37.95 -40.10
N HIS D 557 18.50 37.10 -40.70
CA HIS D 557 19.71 36.71 -40.00
C HIS D 557 20.59 37.91 -39.68
N GLY D 558 20.44 39.00 -40.43
CA GLY D 558 21.03 40.26 -40.09
C GLY D 558 20.01 41.27 -39.61
N LYS D 559 20.35 42.54 -39.75
CA LYS D 559 19.45 43.61 -39.33
C LYS D 559 18.17 43.58 -40.16
N LEU D 560 17.07 43.97 -39.53
CA LEU D 560 15.79 44.04 -40.21
C LEU D 560 15.80 45.16 -41.25
N LYS D 561 14.94 45.02 -42.25
CA LYS D 561 14.78 46.05 -43.27
C LYS D 561 13.30 46.32 -43.50
N GLU D 562 12.99 47.57 -43.81
CA GLU D 562 11.62 48.01 -44.04
C GLU D 562 10.97 47.19 -45.14
N GLU D 563 9.65 47.31 -45.23
CA GLU D 563 8.89 46.55 -46.22
C GLU D 563 7.50 47.18 -46.37
N LYS D 564 7.18 47.62 -47.58
CA LYS D 564 5.82 48.02 -47.95
C LYS D 564 5.52 47.64 -49.40
PG AGS E . 23.80 -28.29 -14.73
S1G AGS E . 23.06 -26.64 -13.74
O2G AGS E . 23.05 -28.46 -16.15
O3G AGS E . 25.26 -28.12 -14.96
PB AGS E . 24.20 -29.74 -12.37
O1B AGS E . 23.81 -28.53 -11.57
O2B AGS E . 25.67 -30.08 -12.53
O3B AGS E . 23.55 -29.61 -13.83
PA AGS E . 22.37 -30.85 -10.58
O1A AGS E . 21.16 -30.16 -11.14
O2A AGS E . 23.08 -30.26 -9.38
O3A AGS E . 23.45 -31.02 -11.76
O5' AGS E . 21.98 -32.37 -10.23
C5' AGS E . 22.98 -33.37 -10.14
C4' AGS E . 22.33 -34.74 -10.06
O4' AGS E . 21.58 -34.85 -8.85
C3' AGS E . 21.36 -34.96 -11.21
O3' AGS E . 21.75 -36.09 -11.99
C2' AGS E . 19.99 -35.19 -10.60
O2' AGS E . 19.51 -36.49 -10.97
C1' AGS E . 20.20 -35.13 -9.09
N9 AGS E . 19.37 -34.03 -8.53
C8 AGS E . 19.57 -32.71 -8.73
N7 AGS E . 18.63 -31.97 -8.08
C5 AGS E . 17.82 -32.83 -7.44
C6 AGS E . 16.62 -32.71 -6.57
N6 AGS E . 16.10 -31.50 -6.24
N1 AGS E . 16.06 -33.86 -6.12
C2 AGS E . 16.55 -35.07 -6.44
N3 AGS E . 17.64 -35.24 -7.23
C4 AGS E . 18.30 -34.18 -7.74
PG AGS F . 15.51 -12.14 -24.81
S1G AGS F . 15.95 -13.88 -23.77
O2G AGS F . 15.83 -10.86 -23.89
O3G AGS F . 16.32 -12.07 -26.04
PB AGS F . 13.39 -11.14 -26.35
O1B AGS F . 12.59 -11.97 -27.33
O2B AGS F . 14.54 -10.30 -26.84
O3B AGS F . 13.94 -12.13 -25.20
PA AGS F . 10.84 -10.63 -25.32
O1A AGS F . 10.27 -11.03 -26.67
O2A AGS F . 10.78 -11.60 -24.16
O3A AGS F . 12.38 -10.20 -25.54
O5' AGS F . 10.14 -9.25 -24.87
C5' AGS F . 10.78 -8.00 -25.11
C4' AGS F . 9.77 -6.88 -24.99
O4' AGS F . 8.46 -7.38 -25.27
C3' AGS F . 9.74 -6.30 -23.58
O3' AGS F . 10.08 -4.91 -23.62
C2' AGS F . 8.34 -6.49 -23.06
O2' AGS F . 7.75 -5.21 -22.77
C1' AGS F . 7.56 -7.18 -24.18
N9 AGS F . 7.05 -8.48 -23.70
C8 AGS F . 7.73 -9.64 -23.69
N7 AGS F . 6.98 -10.65 -23.19
C5 AGS F . 5.78 -10.13 -22.87
C6 AGS F . 4.51 -10.66 -22.29
N6 AGS F . 4.39 -11.97 -21.95
N1 AGS F . 3.50 -9.79 -22.13
C2 AGS F . 3.61 -8.49 -22.46
N3 AGS F . 4.73 -7.95 -22.98
C4 AGS F . 5.83 -8.71 -23.22
MG MG G . 13.13 -14.29 -25.55
PG AGS H . -10.15 29.27 -26.52
S1G AGS H . -8.10 28.92 -26.56
O2G AGS H . -10.43 30.85 -26.41
O3G AGS H . -10.77 28.74 -27.76
PB AGS H . -11.79 27.27 -25.45
O1B AGS H . -12.73 27.60 -26.59
O2B AGS H . -10.96 26.01 -25.48
O3B AGS H . -10.79 28.53 -25.25
PA AGS H . -12.26 26.28 -22.87
O1A AGS H . -12.58 24.87 -23.31
O2A AGS H . -10.86 26.63 -22.40
O3A AGS H . -12.64 27.28 -24.09
O5' AGS H . -13.29 26.70 -21.72
C5' AGS H . -14.68 26.87 -22.03
C4' AGS H . -15.38 27.57 -20.85
O4' AGS H . -15.28 26.75 -19.69
C3' AGS H . -14.73 28.90 -20.55
O3' AGS H . -15.68 29.96 -20.69
C2' AGS H . -14.25 28.82 -19.12
O2' AGS H . -14.89 29.83 -18.32
C1' AGS H . -14.63 27.44 -18.62
N9 AGS H . -13.40 26.70 -18.22
C8 AGS H . -12.36 26.41 -19.02
N7 AGS H . -11.40 25.72 -18.35
C5 AGS H . -11.84 25.56 -17.10
C6 AGS H . -11.32 24.92 -15.86
N6 AGS H . -10.11 24.29 -15.84
N1 AGS H . -12.08 24.96 -14.75
C2 AGS H . -13.28 25.58 -14.74
N3 AGS H . -13.82 26.18 -15.82
C4 AGS H . -13.16 26.21 -17.01
MG MG I . -8.31 26.42 -26.34
PG AGS J . 8.90 34.30 -31.68
S1G AGS J . 8.19 35.01 -29.87
O2G AGS J . 8.26 32.86 -31.99
O3G AGS J . 8.53 35.25 -32.76
PB AGS J . 11.42 35.42 -31.16
O1B AGS J . 11.90 36.13 -32.40
O2B AGS J . 10.66 36.18 -30.09
O3B AGS J . 10.51 34.17 -31.62
PA AGS J . 13.26 35.24 -29.07
O1A AGS J . 13.53 36.72 -29.21
O2A AGS J . 12.37 34.74 -27.95
O3A AGS J . 12.68 34.70 -30.46
O5' AGS J . 14.67 34.48 -28.96
C5' AGS J . 15.66 34.64 -29.98
C4' AGS J . 16.77 33.61 -29.77
O4' AGS J . 17.56 33.97 -28.64
C3' AGS J . 16.20 32.22 -29.51
O3' AGS J . 16.65 31.30 -30.52
C2' AGS J . 16.72 31.81 -28.15
O2' AGS J . 17.50 30.62 -28.27
C1' AGS J . 17.57 32.95 -27.65
N9 AGS J . 17.00 33.48 -26.38
C8 AGS J . 15.81 34.10 -26.25
N7 AGS J . 15.59 34.45 -24.96
C5 AGS J . 16.66 34.07 -24.24
C6 AGS J . 17.07 34.13 -22.81
N6 AGS J . 16.28 34.71 -21.88
N1 AGS J . 18.27 33.61 -22.49
C2 AGS J . 19.07 33.03 -23.40
N3 AGS J . 18.75 32.93 -24.71
C4 AGS J . 17.59 33.42 -25.18
#